data_1U2P
# 
_entry.id   1U2P 
# 
_audit_conform.dict_name       mmcif_pdbx.dic 
_audit_conform.dict_version    5.380 
_audit_conform.dict_location   http://mmcif.pdb.org/dictionaries/ascii/mmcif_pdbx.dic 
# 
loop_
_database_2.database_id 
_database_2.database_code 
_database_2.pdbx_database_accession 
_database_2.pdbx_DOI 
PDB   1U2P         pdb_00001u2p 10.2210/pdb1u2p/pdb 
RCSB  RCSB023169   ?            ?                   
WWPDB D_1000023169 ?            ?                   
# 
_pdbx_database_related.db_name        PDB 
_pdbx_database_related.db_id          1U2Q 
_pdbx_database_related.details        
;Crystal structure of Mycobacterium tuberculosis low molecular weight protein tyrosine phosphatase (MPtpA) at 2.5 A resolution with glycerol in the active site
;
_pdbx_database_related.content_type   unspecified 
# 
_pdbx_database_status.status_code                     REL 
_pdbx_database_status.entry_id                        1U2P 
_pdbx_database_status.recvd_initial_deposition_date   2004-07-20 
_pdbx_database_status.deposit_site                    RCSB 
_pdbx_database_status.process_site                    PDBJ 
_pdbx_database_status.status_code_sf                  REL 
_pdbx_database_status.status_code_mr                  ? 
_pdbx_database_status.SG_entry                        ? 
_pdbx_database_status.pdb_format_compatible           Y 
_pdbx_database_status.status_code_cs                  ? 
_pdbx_database_status.status_code_nmr_data            ? 
_pdbx_database_status.methods_development_category    ? 
# 
loop_
_audit_author.name 
_audit_author.pdbx_ordinal 
'Madhurantakam, C.'    1 
'Rajakumara, E.'       2 
'Mazumdar, P.A.'       3 
'Saha, B.'             4 
'Mitra, D.'            5 
'Wiker, H.G.'          6 
'Sankaranarayanan, R.' 7 
'Das, A.K.'            8 
# 
_citation.id                        primary 
_citation.title                     
'Crystal Structure of Low-Molecular-Weight Protein Tyrosine Phosphatase from Mycobacterium tuberculosis at 1.9-A Resolution' 
_citation.journal_abbrev            J.Bacteriol. 
_citation.journal_volume            187 
_citation.page_first                2175 
_citation.page_last                 2181 
_citation.year                      2005 
_citation.journal_id_ASTM           JOBAAY 
_citation.country                   US 
_citation.journal_id_ISSN           0021-9193 
_citation.journal_id_CSD            0767 
_citation.book_publisher            ? 
_citation.pdbx_database_id_PubMed   15743966 
_citation.pdbx_database_id_DOI      10.1128/JB.187.6.2175-2181.2005 
# 
loop_
_citation_author.citation_id 
_citation_author.name 
_citation_author.ordinal 
_citation_author.identifier_ORCID 
primary 'Madhurantakam, C.'    1 ? 
primary 'Rajakumara, E.'       2 ? 
primary 'Mazumdar, P.A.'       3 ? 
primary 'Saha, B.'             4 ? 
primary 'Mitra, D.'            5 ? 
primary 'Wiker, H.G.'          6 ? 
primary 'Sankaranarayanan, R.' 7 ? 
primary 'Das, A.K.'            8 ? 
# 
_cell.entry_id           1U2P 
_cell.length_a           40.816 
_cell.length_b           53.610 
_cell.length_c           68.486 
_cell.angle_alpha        90.00 
_cell.angle_beta         90.00 
_cell.angle_gamma        90.00 
_cell.Z_PDB              4 
_cell.pdbx_unique_axis   ? 
# 
_symmetry.entry_id                         1U2P 
_symmetry.space_group_name_H-M             'P 21 21 21' 
_symmetry.pdbx_full_space_group_name_H-M   ? 
_symmetry.cell_setting                     ? 
_symmetry.Int_Tables_number                19 
_symmetry.space_group_name_Hall            ? 
# 
loop_
_entity.id 
_entity.type 
_entity.src_method 
_entity.pdbx_description 
_entity.formula_weight 
_entity.pdbx_number_of_molecules 
_entity.pdbx_ec 
_entity.pdbx_mutation 
_entity.pdbx_fragment 
_entity.details 
1 polymer     man 'low molecular weight protein-tyrosine-phosphatase' 17919.066 1   3.1.3.48 ? ? ? 
2 non-polymer syn 'CHLORIDE ION'                                      35.453    1   ?        ? ? ? 
3 water       nat water                                               18.015    152 ?        ? ? ? 
# 
_entity_name_com.entity_id   1 
_entity_name_com.name        PTPase 
# 
_entity_poly.entity_id                      1 
_entity_poly.type                           'polypeptide(L)' 
_entity_poly.nstd_linkage                   no 
_entity_poly.nstd_monomer                   no 
_entity_poly.pdbx_seq_one_letter_code       
;MSDPLHVTFVCTGNICRSPMAEKMFAQQLRHRGLGDAVRVTSAGTGNWHVGSCADERAAGVLRAHGYPTDHRAAQVGTEH
LAADLLVALDRNHARLLRQLGVEAARVRMLRSFDPRSGTHALDVEDPYYGDHSDFEEVFAVIESALPGLHDWVDERLARN
GPS
;
_entity_poly.pdbx_seq_one_letter_code_can   
;MSDPLHVTFVCTGNICRSPMAEKMFAQQLRHRGLGDAVRVTSAGTGNWHVGSCADERAAGVLRAHGYPTDHRAAQVGTEH
LAADLLVALDRNHARLLRQLGVEAARVRMLRSFDPRSGTHALDVEDPYYGDHSDFEEVFAVIESALPGLHDWVDERLARN
GPS
;
_entity_poly.pdbx_strand_id                 A 
_entity_poly.pdbx_target_identifier         ? 
# 
loop_
_entity_poly_seq.entity_id 
_entity_poly_seq.num 
_entity_poly_seq.mon_id 
_entity_poly_seq.hetero 
1 1   MET n 
1 2   SER n 
1 3   ASP n 
1 4   PRO n 
1 5   LEU n 
1 6   HIS n 
1 7   VAL n 
1 8   THR n 
1 9   PHE n 
1 10  VAL n 
1 11  CYS n 
1 12  THR n 
1 13  GLY n 
1 14  ASN n 
1 15  ILE n 
1 16  CYS n 
1 17  ARG n 
1 18  SER n 
1 19  PRO n 
1 20  MET n 
1 21  ALA n 
1 22  GLU n 
1 23  LYS n 
1 24  MET n 
1 25  PHE n 
1 26  ALA n 
1 27  GLN n 
1 28  GLN n 
1 29  LEU n 
1 30  ARG n 
1 31  HIS n 
1 32  ARG n 
1 33  GLY n 
1 34  LEU n 
1 35  GLY n 
1 36  ASP n 
1 37  ALA n 
1 38  VAL n 
1 39  ARG n 
1 40  VAL n 
1 41  THR n 
1 42  SER n 
1 43  ALA n 
1 44  GLY n 
1 45  THR n 
1 46  GLY n 
1 47  ASN n 
1 48  TRP n 
1 49  HIS n 
1 50  VAL n 
1 51  GLY n 
1 52  SER n 
1 53  CYS n 
1 54  ALA n 
1 55  ASP n 
1 56  GLU n 
1 57  ARG n 
1 58  ALA n 
1 59  ALA n 
1 60  GLY n 
1 61  VAL n 
1 62  LEU n 
1 63  ARG n 
1 64  ALA n 
1 65  HIS n 
1 66  GLY n 
1 67  TYR n 
1 68  PRO n 
1 69  THR n 
1 70  ASP n 
1 71  HIS n 
1 72  ARG n 
1 73  ALA n 
1 74  ALA n 
1 75  GLN n 
1 76  VAL n 
1 77  GLY n 
1 78  THR n 
1 79  GLU n 
1 80  HIS n 
1 81  LEU n 
1 82  ALA n 
1 83  ALA n 
1 84  ASP n 
1 85  LEU n 
1 86  LEU n 
1 87  VAL n 
1 88  ALA n 
1 89  LEU n 
1 90  ASP n 
1 91  ARG n 
1 92  ASN n 
1 93  HIS n 
1 94  ALA n 
1 95  ARG n 
1 96  LEU n 
1 97  LEU n 
1 98  ARG n 
1 99  GLN n 
1 100 LEU n 
1 101 GLY n 
1 102 VAL n 
1 103 GLU n 
1 104 ALA n 
1 105 ALA n 
1 106 ARG n 
1 107 VAL n 
1 108 ARG n 
1 109 MET n 
1 110 LEU n 
1 111 ARG n 
1 112 SER n 
1 113 PHE n 
1 114 ASP n 
1 115 PRO n 
1 116 ARG n 
1 117 SER n 
1 118 GLY n 
1 119 THR n 
1 120 HIS n 
1 121 ALA n 
1 122 LEU n 
1 123 ASP n 
1 124 VAL n 
1 125 GLU n 
1 126 ASP n 
1 127 PRO n 
1 128 TYR n 
1 129 TYR n 
1 130 GLY n 
1 131 ASP n 
1 132 HIS n 
1 133 SER n 
1 134 ASP n 
1 135 PHE n 
1 136 GLU n 
1 137 GLU n 
1 138 VAL n 
1 139 PHE n 
1 140 ALA n 
1 141 VAL n 
1 142 ILE n 
1 143 GLU n 
1 144 SER n 
1 145 ALA n 
1 146 LEU n 
1 147 PRO n 
1 148 GLY n 
1 149 LEU n 
1 150 HIS n 
1 151 ASP n 
1 152 TRP n 
1 153 VAL n 
1 154 ASP n 
1 155 GLU n 
1 156 ARG n 
1 157 LEU n 
1 158 ALA n 
1 159 ARG n 
1 160 ASN n 
1 161 GLY n 
1 162 PRO n 
1 163 SER n 
# 
_entity_src_gen.entity_id                          1 
_entity_src_gen.pdbx_src_id                        1 
_entity_src_gen.pdbx_alt_source_flag               sample 
_entity_src_gen.pdbx_seq_type                      ? 
_entity_src_gen.pdbx_beg_seq_num                   ? 
_entity_src_gen.pdbx_end_seq_num                   ? 
_entity_src_gen.gene_src_common_name               ? 
_entity_src_gen.gene_src_genus                     Mycobacterium 
_entity_src_gen.pdbx_gene_src_gene                 MPTPA 
_entity_src_gen.gene_src_species                   ? 
_entity_src_gen.gene_src_strain                    ? 
_entity_src_gen.gene_src_tissue                    ? 
_entity_src_gen.gene_src_tissue_fraction           ? 
_entity_src_gen.gene_src_details                   ? 
_entity_src_gen.pdbx_gene_src_fragment             ? 
_entity_src_gen.pdbx_gene_src_scientific_name      'Mycobacterium tuberculosis' 
_entity_src_gen.pdbx_gene_src_ncbi_taxonomy_id     1773 
_entity_src_gen.pdbx_gene_src_variant              ? 
_entity_src_gen.pdbx_gene_src_cell_line            ? 
_entity_src_gen.pdbx_gene_src_atcc                 ? 
_entity_src_gen.pdbx_gene_src_organ                ? 
_entity_src_gen.pdbx_gene_src_organelle            ? 
_entity_src_gen.pdbx_gene_src_cell                 ? 
_entity_src_gen.pdbx_gene_src_cellular_location    ? 
_entity_src_gen.host_org_common_name               ? 
_entity_src_gen.pdbx_host_org_scientific_name      'Escherichia coli' 
_entity_src_gen.pdbx_host_org_ncbi_taxonomy_id     562 
_entity_src_gen.host_org_genus                     Escherichia 
_entity_src_gen.pdbx_host_org_gene                 ? 
_entity_src_gen.pdbx_host_org_organ                ? 
_entity_src_gen.host_org_species                   ? 
_entity_src_gen.pdbx_host_org_tissue               ? 
_entity_src_gen.pdbx_host_org_tissue_fraction      ? 
_entity_src_gen.pdbx_host_org_strain               SG13009 
_entity_src_gen.pdbx_host_org_variant              ? 
_entity_src_gen.pdbx_host_org_cell_line            ? 
_entity_src_gen.pdbx_host_org_atcc                 ? 
_entity_src_gen.pdbx_host_org_culture_collection   ? 
_entity_src_gen.pdbx_host_org_cell                 ? 
_entity_src_gen.pdbx_host_org_organelle            ? 
_entity_src_gen.pdbx_host_org_cellular_location    ? 
_entity_src_gen.pdbx_host_org_vector_type          PLASMID 
_entity_src_gen.pdbx_host_org_vector               ? 
_entity_src_gen.host_org_details                   ? 
_entity_src_gen.expression_system_id               ? 
_entity_src_gen.plasmid_name                       pQE30 
_entity_src_gen.plasmid_details                    ? 
_entity_src_gen.pdbx_description                   ? 
# 
_struct_ref.id                         1 
_struct_ref.db_name                    UNP 
_struct_ref.db_code                    PTPA_MYCTU 
_struct_ref.pdbx_db_accession          P65716 
_struct_ref.entity_id                  1 
_struct_ref.pdbx_seq_one_letter_code   
;MSDPLHVTFVCTGNICRSPMAEKMFAQQLRHRGLGDAVRVTSAGTGNWHVGSCADERAAGVLRAHGYPTDHRAAQVGTEH
LAADLLVALDRNHARLLRQLGVEAARVRMLRSFDPRSGTHALDVEDPYYGDHSDFEEVFAVIESALPGLHDWVDERLARN
GPS
;
_struct_ref.pdbx_align_begin           1 
_struct_ref.pdbx_db_isoform            ? 
# 
_struct_ref_seq.align_id                      1 
_struct_ref_seq.ref_id                        1 
_struct_ref_seq.pdbx_PDB_id_code              1U2P 
_struct_ref_seq.pdbx_strand_id                A 
_struct_ref_seq.seq_align_beg                 1 
_struct_ref_seq.pdbx_seq_align_beg_ins_code   ? 
_struct_ref_seq.seq_align_end                 163 
_struct_ref_seq.pdbx_seq_align_end_ins_code   ? 
_struct_ref_seq.pdbx_db_accession             P65716 
_struct_ref_seq.db_align_beg                  1 
_struct_ref_seq.pdbx_db_align_beg_ins_code    ? 
_struct_ref_seq.db_align_end                  163 
_struct_ref_seq.pdbx_db_align_end_ins_code    ? 
_struct_ref_seq.pdbx_auth_seq_align_beg       1 
_struct_ref_seq.pdbx_auth_seq_align_end       163 
# 
loop_
_chem_comp.id 
_chem_comp.type 
_chem_comp.mon_nstd_flag 
_chem_comp.name 
_chem_comp.pdbx_synonyms 
_chem_comp.formula 
_chem_comp.formula_weight 
ALA 'L-peptide linking' y ALANINE         ? 'C3 H7 N O2'     89.093  
ARG 'L-peptide linking' y ARGININE        ? 'C6 H15 N4 O2 1' 175.209 
ASN 'L-peptide linking' y ASPARAGINE      ? 'C4 H8 N2 O3'    132.118 
ASP 'L-peptide linking' y 'ASPARTIC ACID' ? 'C4 H7 N O4'     133.103 
CL  non-polymer         . 'CHLORIDE ION'  ? 'Cl -1'          35.453  
CYS 'L-peptide linking' y CYSTEINE        ? 'C3 H7 N O2 S'   121.158 
GLN 'L-peptide linking' y GLUTAMINE       ? 'C5 H10 N2 O3'   146.144 
GLU 'L-peptide linking' y 'GLUTAMIC ACID' ? 'C5 H9 N O4'     147.129 
GLY 'peptide linking'   y GLYCINE         ? 'C2 H5 N O2'     75.067  
HIS 'L-peptide linking' y HISTIDINE       ? 'C6 H10 N3 O2 1' 156.162 
HOH non-polymer         . WATER           ? 'H2 O'           18.015  
ILE 'L-peptide linking' y ISOLEUCINE      ? 'C6 H13 N O2'    131.173 
LEU 'L-peptide linking' y LEUCINE         ? 'C6 H13 N O2'    131.173 
LYS 'L-peptide linking' y LYSINE          ? 'C6 H15 N2 O2 1' 147.195 
MET 'L-peptide linking' y METHIONINE      ? 'C5 H11 N O2 S'  149.211 
PHE 'L-peptide linking' y PHENYLALANINE   ? 'C9 H11 N O2'    165.189 
PRO 'L-peptide linking' y PROLINE         ? 'C5 H9 N O2'     115.130 
SER 'L-peptide linking' y SERINE          ? 'C3 H7 N O3'     105.093 
THR 'L-peptide linking' y THREONINE       ? 'C4 H9 N O3'     119.119 
TRP 'L-peptide linking' y TRYPTOPHAN      ? 'C11 H12 N2 O2'  204.225 
TYR 'L-peptide linking' y TYROSINE        ? 'C9 H11 N O3'    181.189 
VAL 'L-peptide linking' y VALINE          ? 'C5 H11 N O2'    117.146 
# 
_exptl.entry_id          1U2P 
_exptl.method            'X-RAY DIFFRACTION' 
_exptl.crystals_number   1 
# 
_exptl_crystal.id                    1 
_exptl_crystal.density_meas          ? 
_exptl_crystal.density_Matthews      2.2 
_exptl_crystal.density_percent_sol   43.7 
_exptl_crystal.description           ? 
_exptl_crystal.F_000                 ? 
_exptl_crystal.preparation           ? 
# 
_exptl_crystal_grow.crystal_id      1 
_exptl_crystal_grow.method          'VAPOR DIFFUSION, HANGING DROP' 
_exptl_crystal_grow.temp            277 
_exptl_crystal_grow.temp_details    ? 
_exptl_crystal_grow.pH              8.0 
_exptl_crystal_grow.pdbx_details    'ethylene glycol, pH 8.0, VAPOR DIFFUSION, HANGING DROP, temperature 277K' 
_exptl_crystal_grow.pdbx_pH_range   . 
# 
_diffrn.id                     1 
_diffrn.ambient_temp           100 
_diffrn.ambient_temp_details   ? 
_diffrn.crystal_id             1 
# 
_diffrn_detector.diffrn_id              1 
_diffrn_detector.detector               'IMAGE PLATE' 
_diffrn_detector.type                   MARRESEARCH 
_diffrn_detector.pdbx_collection_date   2004-05-06 
_diffrn_detector.details                'OSMIC MIRRORS' 
# 
_diffrn_radiation.diffrn_id                        1 
_diffrn_radiation.wavelength_id                    1 
_diffrn_radiation.pdbx_monochromatic_or_laue_m_l   M 
_diffrn_radiation.monochromator                    ? 
_diffrn_radiation.pdbx_diffrn_protocol             'SINGLE WAVELENGTH' 
_diffrn_radiation.pdbx_scattering_type             x-ray 
# 
_diffrn_radiation_wavelength.id           1 
_diffrn_radiation_wavelength.wavelength   1.5418 
_diffrn_radiation_wavelength.wt           1.0 
# 
_diffrn_source.diffrn_id                   1 
_diffrn_source.source                      'ROTATING ANODE' 
_diffrn_source.type                        'RIGAKU RUH3R' 
_diffrn_source.pdbx_synchrotron_site       ? 
_diffrn_source.pdbx_synchrotron_beamline   ? 
_diffrn_source.pdbx_wavelength             ? 
_diffrn_source.pdbx_wavelength_list        1.5418 
# 
_reflns.entry_id                     1U2P 
_reflns.observed_criterion_sigma_I   0.00 
_reflns.observed_criterion_sigma_F   ? 
_reflns.d_resolution_low             25.0 
_reflns.d_resolution_high            1.9 
_reflns.number_obs                   12337 
_reflns.number_all                   12389 
_reflns.percent_possible_obs         99.6 
_reflns.pdbx_Rmerge_I_obs            ? 
_reflns.pdbx_Rsym_value              0.047 
_reflns.pdbx_netI_over_sigmaI        40.4 
_reflns.B_iso_Wilson_estimate        11.3 
_reflns.pdbx_redundancy              5.8 
_reflns.R_free_details               ? 
_reflns.limit_h_max                  ? 
_reflns.limit_h_min                  ? 
_reflns.limit_k_max                  ? 
_reflns.limit_k_min                  ? 
_reflns.limit_l_max                  ? 
_reflns.limit_l_min                  ? 
_reflns.observed_criterion_F_max     ? 
_reflns.observed_criterion_F_min     ? 
_reflns.pdbx_chi_squared             ? 
_reflns.pdbx_scaling_rejects         ? 
_reflns.pdbx_diffrn_id               1 
_reflns.pdbx_ordinal                 1 
# 
_reflns_shell.d_res_high             1.9 
_reflns_shell.d_res_low              1.97 
_reflns_shell.percent_possible_all   100 
_reflns_shell.Rmerge_I_obs           ? 
_reflns_shell.pdbx_Rsym_value        0.067 
_reflns_shell.meanI_over_sigI_obs    23.3 
_reflns_shell.pdbx_redundancy        5.7 
_reflns_shell.percent_possible_obs   ? 
_reflns_shell.number_unique_all      1215 
_reflns_shell.number_measured_all    ? 
_reflns_shell.number_measured_obs    ? 
_reflns_shell.number_unique_obs      ? 
_reflns_shell.pdbx_chi_squared       ? 
_reflns_shell.pdbx_diffrn_id         ? 
_reflns_shell.pdbx_ordinal           1 
# 
_refine.entry_id                                 1U2P 
_refine.ls_number_reflns_obs                     12309 
_refine.ls_number_reflns_all                     12353 
_refine.pdbx_ls_sigma_I                          ? 
_refine.pdbx_ls_sigma_F                          0.0 
_refine.pdbx_data_cutoff_high_absF               1161871.74 
_refine.pdbx_data_cutoff_low_absF                0.000000 
_refine.pdbx_data_cutoff_high_rms_absF           ? 
_refine.ls_d_res_low                             24.96 
_refine.ls_d_res_high                            1.90 
_refine.ls_percent_reflns_obs                    99.6 
_refine.ls_R_factor_obs                          0.202 
_refine.ls_R_factor_all                          ? 
_refine.ls_R_factor_R_work                       0.202 
_refine.ls_R_factor_R_free                       0.227 
_refine.ls_R_factor_R_free_error                 0.009 
_refine.ls_R_factor_R_free_error_details         ? 
_refine.ls_percent_reflns_R_free                 5.0 
_refine.ls_number_reflns_R_free                  616 
_refine.ls_number_parameters                     ? 
_refine.ls_number_restraints                     ? 
_refine.occupancy_min                            ? 
_refine.occupancy_max                            ? 
_refine.correlation_coeff_Fo_to_Fc               ? 
_refine.correlation_coeff_Fo_to_Fc_free          ? 
_refine.B_iso_mean                               15.2 
_refine.aniso_B[1][1]                            1.80 
_refine.aniso_B[2][2]                            1.75 
_refine.aniso_B[3][3]                            -3.54 
_refine.aniso_B[1][2]                            0.00 
_refine.aniso_B[1][3]                            0.00 
_refine.aniso_B[2][3]                            0.00 
_refine.solvent_model_details                    'FLAT MODEL' 
_refine.solvent_model_param_ksol                 0.39391 
_refine.solvent_model_param_bsol                 49.7042 
_refine.pdbx_solvent_vdw_probe_radii             ? 
_refine.pdbx_solvent_ion_probe_radii             ? 
_refine.pdbx_solvent_shrinkage_radii             ? 
_refine.pdbx_ls_cross_valid_method               THROUGHOUT 
_refine.details                                  ? 
_refine.pdbx_starting_model                      'PDB ENTRY 5PNT' 
_refine.pdbx_method_to_determine_struct          'MOLECULAR REPLACEMENT' 
_refine.pdbx_isotropic_thermal_model             RESTRAINED 
_refine.pdbx_stereochemistry_target_values       'Engh & Huber' 
_refine.pdbx_stereochem_target_val_spec_case     ? 
_refine.pdbx_R_Free_selection_details            RANDOM 
_refine.pdbx_overall_ESU_R                       ? 
_refine.pdbx_overall_ESU_R_Free                  ? 
_refine.overall_SU_ML                            ? 
_refine.overall_SU_B                             ? 
_refine.ls_redundancy_reflns_obs                 ? 
_refine.B_iso_min                                ? 
_refine.B_iso_max                                ? 
_refine.overall_SU_R_Cruickshank_DPI             ? 
_refine.overall_SU_R_free                        ? 
_refine.ls_wR_factor_R_free                      ? 
_refine.ls_wR_factor_R_work                      ? 
_refine.overall_FOM_free_R_set                   ? 
_refine.overall_FOM_work_R_set                   ? 
_refine.pdbx_refine_id                           'X-RAY DIFFRACTION' 
_refine.pdbx_diffrn_id                           1 
_refine.pdbx_TLS_residual_ADP_flag               ? 
_refine.pdbx_overall_phase_error                 ? 
_refine.pdbx_overall_SU_R_free_Cruickshank_DPI   ? 
_refine.pdbx_overall_SU_R_Blow_DPI               ? 
_refine.pdbx_overall_SU_R_free_Blow_DPI          ? 
# 
_refine_analyze.entry_id                        1U2P 
_refine_analyze.Luzzati_coordinate_error_obs    0.20 
_refine_analyze.Luzzati_sigma_a_obs             0.05 
_refine_analyze.Luzzati_d_res_low_obs           5.00 
_refine_analyze.Luzzati_coordinate_error_free   0.24 
_refine_analyze.Luzzati_sigma_a_free            0.10 
_refine_analyze.Luzzati_d_res_low_free          ? 
_refine_analyze.number_disordered_residues      ? 
_refine_analyze.occupancy_sum_hydrogen          ? 
_refine_analyze.occupancy_sum_non_hydrogen      ? 
_refine_analyze.pdbx_Luzzati_d_res_high_obs     ? 
_refine_analyze.pdbx_refine_id                  'X-RAY DIFFRACTION' 
# 
_refine_hist.pdbx_refine_id                   'X-RAY DIFFRACTION' 
_refine_hist.cycle_id                         LAST 
_refine_hist.pdbx_number_atoms_protein        1210 
_refine_hist.pdbx_number_atoms_nucleic_acid   0 
_refine_hist.pdbx_number_atoms_ligand         1 
_refine_hist.number_atoms_solvent             152 
_refine_hist.number_atoms_total               1363 
_refine_hist.d_res_high                       1.90 
_refine_hist.d_res_low                        24.96 
# 
loop_
_refine_ls_restr.type 
_refine_ls_restr.dev_ideal 
_refine_ls_restr.dev_ideal_target 
_refine_ls_restr.weight 
_refine_ls_restr.number 
_refine_ls_restr.pdbx_refine_id 
_refine_ls_restr.pdbx_restraint_function 
c_bond_d           0.005 ?    ? ? 'X-RAY DIFFRACTION' ? 
c_angle_deg        1.2   ?    ? ? 'X-RAY DIFFRACTION' ? 
c_dihedral_angle_d 22.6  ?    ? ? 'X-RAY DIFFRACTION' ? 
c_improper_angle_d 0.78  ?    ? ? 'X-RAY DIFFRACTION' ? 
c_mcbond_it        1.28  1.50 ? ? 'X-RAY DIFFRACTION' ? 
c_mcangle_it       1.78  2.00 ? ? 'X-RAY DIFFRACTION' ? 
c_scbond_it        2.09  2.00 ? ? 'X-RAY DIFFRACTION' ? 
c_scangle_it       2.93  2.50 ? ? 'X-RAY DIFFRACTION' ? 
# 
_refine_ls_shell.pdbx_total_number_of_bins_used   10 
_refine_ls_shell.d_res_high                       1.90 
_refine_ls_shell.d_res_low                        1.97 
_refine_ls_shell.number_reflns_R_work             1146 
_refine_ls_shell.R_factor_R_work                  0.196 
_refine_ls_shell.percent_reflns_obs               100.0 
_refine_ls_shell.R_factor_R_free                  0.252 
_refine_ls_shell.R_factor_R_free_error            0.033 
_refine_ls_shell.percent_reflns_R_free            4.8 
_refine_ls_shell.number_reflns_R_free             58 
_refine_ls_shell.number_reflns_obs                1204 
_refine_ls_shell.redundancy_reflns_obs            ? 
_refine_ls_shell.number_reflns_all                ? 
_refine_ls_shell.pdbx_refine_id                   'X-RAY DIFFRACTION' 
_refine_ls_shell.R_factor_all                     ? 
# 
loop_
_pdbx_xplor_file.serial_no 
_pdbx_xplor_file.param_file 
_pdbx_xplor_file.topol_file 
_pdbx_xplor_file.pdbx_refine_id 
1 PROTEIN_REP.PARAM PROTEIN.TOP 'X-RAY DIFFRACTION' 
2 WATER_REP.PARAM   WATER.TOP   'X-RAY DIFFRACTION' 
3 ION.PARAM         CNS_ION.TOP 'X-RAY DIFFRACTION' 
# 
_struct.entry_id                  1U2P 
_struct.title                     
'Crystal structure of Mycobacterium tuberculosis Low Molecular Protein Tyrosine Phosphatase (MPtpA) at 1.9A resolution' 
_struct.pdbx_model_details        ? 
_struct.pdbx_CASP_flag            ? 
_struct.pdbx_model_type_details   ? 
# 
_struct_keywords.entry_id        1U2P 
_struct_keywords.pdbx_keywords   HYDROLASE 
_struct_keywords.text            'Hydrolase, tyrosine phosphatase, mycobacterium' 
# 
loop_
_struct_asym.id 
_struct_asym.pdbx_blank_PDB_chainid_flag 
_struct_asym.pdbx_modified 
_struct_asym.entity_id 
_struct_asym.details 
A N N 1 ? 
B N N 2 ? 
C N N 3 ? 
# 
_struct_biol.id                    1 
_struct_biol.details               'Biological unit is a monomer and the asymmetric unit contains a monomer.' 
_struct_biol.pdbx_parent_biol_id   ? 
# 
loop_
_struct_conf.conf_type_id 
_struct_conf.id 
_struct_conf.pdbx_PDB_helix_id 
_struct_conf.beg_label_comp_id 
_struct_conf.beg_label_asym_id 
_struct_conf.beg_label_seq_id 
_struct_conf.pdbx_beg_PDB_ins_code 
_struct_conf.end_label_comp_id 
_struct_conf.end_label_asym_id 
_struct_conf.end_label_seq_id 
_struct_conf.pdbx_end_PDB_ins_code 
_struct_conf.beg_auth_comp_id 
_struct_conf.beg_auth_asym_id 
_struct_conf.beg_auth_seq_id 
_struct_conf.end_auth_comp_id 
_struct_conf.end_auth_asym_id 
_struct_conf.end_auth_seq_id 
_struct_conf.pdbx_PDB_helix_class 
_struct_conf.details 
_struct_conf.pdbx_PDB_helix_length 
HELX_P HELX_P1 1 CYS A 16  ? ARG A 32  ? CYS A 16  ARG A 32  1 ? 17 
HELX_P HELX_P2 2 ASP A 55  ? HIS A 65  ? ASP A 55  HIS A 65  1 ? 11 
HELX_P HELX_P3 3 GLY A 77  ? ALA A 82  ? GLY A 77  ALA A 82  1 ? 6  
HELX_P HELX_P4 4 ASP A 90  ? LEU A 100 ? ASP A 90  LEU A 100 1 ? 11 
HELX_P HELX_P5 5 GLU A 103 ? ALA A 105 ? GLU A 103 ALA A 105 5 ? 3  
HELX_P HELX_P6 6 ARG A 111 ? ASP A 114 ? ARG A 111 ASP A 114 5 ? 4  
HELX_P HELX_P7 7 ASP A 131 ? ARG A 159 ? ASP A 131 ARG A 159 1 ? 29 
# 
_struct_conf_type.id          HELX_P 
_struct_conf_type.criteria    ? 
_struct_conf_type.reference   ? 
# 
_struct_sheet.id               A 
_struct_sheet.type             ? 
_struct_sheet.number_strands   4 
_struct_sheet.details          ? 
# 
loop_
_struct_sheet_order.sheet_id 
_struct_sheet_order.range_id_1 
_struct_sheet_order.range_id_2 
_struct_sheet_order.offset 
_struct_sheet_order.sense 
A 1 2 ? parallel 
A 2 3 ? parallel 
A 3 4 ? parallel 
# 
loop_
_struct_sheet_range.sheet_id 
_struct_sheet_range.id 
_struct_sheet_range.beg_label_comp_id 
_struct_sheet_range.beg_label_asym_id 
_struct_sheet_range.beg_label_seq_id 
_struct_sheet_range.pdbx_beg_PDB_ins_code 
_struct_sheet_range.end_label_comp_id 
_struct_sheet_range.end_label_asym_id 
_struct_sheet_range.end_label_seq_id 
_struct_sheet_range.pdbx_end_PDB_ins_code 
_struct_sheet_range.beg_auth_comp_id 
_struct_sheet_range.beg_auth_asym_id 
_struct_sheet_range.beg_auth_seq_id 
_struct_sheet_range.end_auth_comp_id 
_struct_sheet_range.end_auth_asym_id 
_struct_sheet_range.end_auth_seq_id 
A 1 VAL A 38  ? GLY A 44  ? VAL A 38  GLY A 44  
A 2 LEU A 5   ? CYS A 11  ? LEU A 5   CYS A 11  
A 3 LEU A 85  ? ALA A 88  ? LEU A 85  ALA A 88  
A 4 VAL A 107 ? MET A 109 ? VAL A 107 MET A 109 
# 
loop_
_pdbx_struct_sheet_hbond.sheet_id 
_pdbx_struct_sheet_hbond.range_id_1 
_pdbx_struct_sheet_hbond.range_id_2 
_pdbx_struct_sheet_hbond.range_1_label_atom_id 
_pdbx_struct_sheet_hbond.range_1_label_comp_id 
_pdbx_struct_sheet_hbond.range_1_label_asym_id 
_pdbx_struct_sheet_hbond.range_1_label_seq_id 
_pdbx_struct_sheet_hbond.range_1_PDB_ins_code 
_pdbx_struct_sheet_hbond.range_1_auth_atom_id 
_pdbx_struct_sheet_hbond.range_1_auth_comp_id 
_pdbx_struct_sheet_hbond.range_1_auth_asym_id 
_pdbx_struct_sheet_hbond.range_1_auth_seq_id 
_pdbx_struct_sheet_hbond.range_2_label_atom_id 
_pdbx_struct_sheet_hbond.range_2_label_comp_id 
_pdbx_struct_sheet_hbond.range_2_label_asym_id 
_pdbx_struct_sheet_hbond.range_2_label_seq_id 
_pdbx_struct_sheet_hbond.range_2_PDB_ins_code 
_pdbx_struct_sheet_hbond.range_2_auth_atom_id 
_pdbx_struct_sheet_hbond.range_2_auth_comp_id 
_pdbx_struct_sheet_hbond.range_2_auth_asym_id 
_pdbx_struct_sheet_hbond.range_2_auth_seq_id 
A 1 2 O ARG A 39 ? O ARG A 39 N LEU A 5   ? N LEU A 5   
A 2 3 N THR A 8  ? N THR A 8  O VAL A 87  ? O VAL A 87  
A 3 4 N LEU A 86 ? N LEU A 86 O ARG A 108 ? O ARG A 108 
# 
_struct_site.id                   AC1 
_struct_site.pdbx_evidence_code   Software 
_struct_site.pdbx_auth_asym_id    A 
_struct_site.pdbx_auth_comp_id    CL 
_struct_site.pdbx_auth_seq_id     164 
_struct_site.pdbx_auth_ins_code   ? 
_struct_site.pdbx_num_residues    4 
_struct_site.details              'BINDING SITE FOR RESIDUE CL A 164' 
# 
loop_
_struct_site_gen.id 
_struct_site_gen.site_id 
_struct_site_gen.pdbx_num_res 
_struct_site_gen.label_comp_id 
_struct_site_gen.label_asym_id 
_struct_site_gen.label_seq_id 
_struct_site_gen.pdbx_auth_ins_code 
_struct_site_gen.auth_comp_id 
_struct_site_gen.auth_asym_id 
_struct_site_gen.auth_seq_id 
_struct_site_gen.label_atom_id 
_struct_site_gen.label_alt_id 
_struct_site_gen.symmetry 
_struct_site_gen.details 
1 AC1 4 THR A 12 ? THR A 12  . ? 1_555 ? 
2 AC1 4 GLY A 13 ? GLY A 13  . ? 1_555 ? 
3 AC1 4 ARG A 17 ? ARG A 17  . ? 1_555 ? 
4 AC1 4 HOH C .  ? HOH A 171 . ? 1_555 ? 
# 
_atom_sites.entry_id                    1U2P 
_atom_sites.fract_transf_matrix[1][1]   0.00025664 
_atom_sites.fract_transf_matrix[1][2]   -0.02128678 
_atom_sites.fract_transf_matrix[1][3]   -0.01212671 
_atom_sites.fract_transf_matrix[2][1]   -0.00933396 
_atom_sites.fract_transf_matrix[2][2]   -0.00807881 
_atom_sites.fract_transf_matrix[2][3]   0.01398372 
_atom_sites.fract_transf_matrix[3][1]   -0.01264140 
_atom_sites.fract_transf_matrix[3][2]   0.00350198 
_atom_sites.fract_transf_matrix[3][3]   -0.00641479 
_atom_sites.fract_transf_vector[1]      0.198170 
_atom_sites.fract_transf_vector[2]      0.115520 
_atom_sites.fract_transf_vector[3]      0.322871 
# 
loop_
_atom_type.symbol 
C  
CL 
N  
O  
S  
# 
loop_
_atom_site.group_PDB 
_atom_site.id 
_atom_site.type_symbol 
_atom_site.label_atom_id 
_atom_site.label_alt_id 
_atom_site.label_comp_id 
_atom_site.label_asym_id 
_atom_site.label_entity_id 
_atom_site.label_seq_id 
_atom_site.pdbx_PDB_ins_code 
_atom_site.Cartn_x 
_atom_site.Cartn_y 
_atom_site.Cartn_z 
_atom_site.occupancy 
_atom_site.B_iso_or_equiv 
_atom_site.pdbx_formal_charge 
_atom_site.auth_seq_id 
_atom_site.auth_comp_id 
_atom_site.auth_asym_id 
_atom_site.auth_atom_id 
_atom_site.pdbx_PDB_model_num 
ATOM   1    N  N   . PRO A 1 4   ? 5.268   10.205  -15.035 1.00 18.91 ? 4   PRO A N   1 
ATOM   2    C  CA  . PRO A 1 4   ? 4.124   9.714   -14.230 1.00 18.45 ? 4   PRO A CA  1 
ATOM   3    C  C   . PRO A 1 4   ? 4.491   9.490   -12.766 1.00 16.72 ? 4   PRO A C   1 
ATOM   4    O  O   . PRO A 1 4   ? 5.431   8.760   -12.458 1.00 16.64 ? 4   PRO A O   1 
ATOM   5    C  CB  . PRO A 1 4   ? 3.657   8.415   -14.867 1.00 20.82 ? 4   PRO A CB  1 
ATOM   6    C  CG  . PRO A 1 4   ? 4.934   7.945   -15.567 1.00 20.17 ? 4   PRO A CG  1 
ATOM   7    C  CD  . PRO A 1 4   ? 5.587   9.230   -16.092 1.00 22.00 ? 4   PRO A CD  1 
ATOM   8    N  N   . LEU A 1 5   ? 3.736   10.125  -11.873 1.00 16.15 ? 5   LEU A N   1 
ATOM   9    C  CA  . LEU A 1 5   ? 3.950   10.001  -10.434 1.00 14.51 ? 5   LEU A CA  1 
ATOM   10   C  C   . LEU A 1 5   ? 3.845   8.523   -10.054 1.00 14.38 ? 5   LEU A C   1 
ATOM   11   O  O   . LEU A 1 5   ? 2.983   7.808   -10.563 1.00 15.34 ? 5   LEU A O   1 
ATOM   12   C  CB  . LEU A 1 5   ? 2.893   10.820  -9.688  1.00 13.81 ? 5   LEU A CB  1 
ATOM   13   C  CG  . LEU A 1 5   ? 2.996   10.963  -8.171  1.00 14.69 ? 5   LEU A CG  1 
ATOM   14   C  CD1 . LEU A 1 5   ? 4.265   11.716  -7.801  1.00 15.29 ? 5   LEU A CD1 1 
ATOM   15   C  CD2 . LEU A 1 5   ? 1.768   11.709  -7.660  1.00 15.24 ? 5   LEU A CD2 1 
ATOM   16   N  N   . HIS A 1 6   ? 4.711   8.070   -9.154  1.00 12.88 ? 6   HIS A N   1 
ATOM   17   C  CA  . HIS A 1 6   ? 4.721   6.666   -8.761  1.00 10.88 ? 6   HIS A CA  1 
ATOM   18   C  C   . HIS A 1 6   ? 4.669   6.455   -7.249  1.00 10.16 ? 6   HIS A C   1 
ATOM   19   O  O   . HIS A 1 6   ? 5.548   6.914   -6.515  1.00 7.78  ? 6   HIS A O   1 
ATOM   20   C  CB  . HIS A 1 6   ? 5.975   6.005   -9.356  1.00 13.47 ? 6   HIS A CB  1 
ATOM   21   C  CG  . HIS A 1 6   ? 6.117   4.546   -9.053  1.00 13.29 ? 6   HIS A CG  1 
ATOM   22   N  ND1 . HIS A 1 6   ? 5.058   3.751   -8.666  1.00 14.47 ? 6   HIS A ND1 1 
ATOM   23   C  CD2 . HIS A 1 6   ? 7.194   3.726   -9.123  1.00 10.74 ? 6   HIS A CD2 1 
ATOM   24   C  CE1 . HIS A 1 6   ? 5.477   2.507   -8.511  1.00 10.37 ? 6   HIS A CE1 1 
ATOM   25   N  NE2 . HIS A 1 6   ? 6.769   2.465   -8.783  1.00 13.79 ? 6   HIS A NE2 1 
ATOM   26   N  N   . VAL A 1 7   ? 3.624   5.764   -6.800  1.00 8.44  ? 7   VAL A N   1 
ATOM   27   C  CA  . VAL A 1 7   ? 3.432   5.446   -5.382  1.00 8.58  ? 7   VAL A CA  1 
ATOM   28   C  C   . VAL A 1 7   ? 3.422   3.922   -5.268  1.00 8.35  ? 7   VAL A C   1 
ATOM   29   O  O   . VAL A 1 7   ? 2.721   3.252   -6.021  1.00 8.28  ? 7   VAL A O   1 
ATOM   30   C  CB  . VAL A 1 7   ? 2.072   5.974   -4.851  1.00 9.11  ? 7   VAL A CB  1 
ATOM   31   C  CG1 . VAL A 1 7   ? 1.933   5.658   -3.360  1.00 10.87 ? 7   VAL A CG1 1 
ATOM   32   C  CG2 . VAL A 1 7   ? 1.959   7.469   -5.078  1.00 10.33 ? 7   VAL A CG2 1 
ATOM   33   N  N   . THR A 1 8   ? 4.193   3.376   -4.332  1.00 8.73  ? 8   THR A N   1 
ATOM   34   C  CA  . THR A 1 8   ? 4.241   1.929   -4.145  1.00 7.47  ? 8   THR A CA  1 
ATOM   35   C  C   . THR A 1 8   ? 4.014   1.580   -2.669  1.00 8.22  ? 8   THR A C   1 
ATOM   36   O  O   . THR A 1 8   ? 4.517   2.264   -1.774  1.00 9.29  ? 8   THR A O   1 
ATOM   37   C  CB  . THR A 1 8   ? 5.602   1.358   -4.625  1.00 7.37  ? 8   THR A CB  1 
ATOM   38   O  OG1 . THR A 1 8   ? 5.571   -0.076  -4.597  1.00 7.55  ? 8   THR A OG1 1 
ATOM   39   C  CG2 . THR A 1 8   ? 6.730   1.854   -3.738  1.00 6.94  ? 8   THR A CG2 1 
ATOM   40   N  N   . PHE A 1 9   ? 3.226   0.540   -2.416  1.00 6.88  ? 9   PHE A N   1 
ATOM   41   C  CA  . PHE A 1 9   ? 2.956   0.116   -1.047  1.00 5.51  ? 9   PHE A CA  1 
ATOM   42   C  C   . PHE A 1 9   ? 3.859   -1.065  -0.715  1.00 6.25  ? 9   PHE A C   1 
ATOM   43   O  O   . PHE A 1 9   ? 4.097   -1.930  -1.558  1.00 7.51  ? 9   PHE A O   1 
ATOM   44   C  CB  . PHE A 1 9   ? 1.487   -0.281  -0.870  1.00 5.97  ? 9   PHE A CB  1 
ATOM   45   C  CG  . PHE A 1 9   ? 0.518   0.842   -1.127  1.00 6.20  ? 9   PHE A CG  1 
ATOM   46   C  CD1 . PHE A 1 9   ? 0.049   1.096   -2.415  1.00 6.61  ? 9   PHE A CD1 1 
ATOM   47   C  CD2 . PHE A 1 9   ? 0.085   1.654   -0.084  1.00 7.04  ? 9   PHE A CD2 1 
ATOM   48   C  CE1 . PHE A 1 9   ? -0.836  2.140   -2.658  1.00 6.04  ? 9   PHE A CE1 1 
ATOM   49   C  CE2 . PHE A 1 9   ? -0.803  2.706   -0.316  1.00 4.70  ? 9   PHE A CE2 1 
ATOM   50   C  CZ  . PHE A 1 9   ? -1.264  2.948   -1.603  1.00 6.43  ? 9   PHE A CZ  1 
ATOM   51   N  N   . VAL A 1 10  ? 4.356   -1.104  0.516   1.00 5.76  ? 10  VAL A N   1 
ATOM   52   C  CA  . VAL A 1 10  ? 5.273   -2.163  0.920   1.00 6.44  ? 10  VAL A CA  1 
ATOM   53   C  C   . VAL A 1 10  ? 4.916   -2.867  2.221   1.00 7.60  ? 10  VAL A C   1 
ATOM   54   O  O   . VAL A 1 10  ? 4.636   -2.221  3.226   1.00 8.79  ? 10  VAL A O   1 
ATOM   55   C  CB  . VAL A 1 10  ? 6.714   -1.601  1.089   1.00 6.23  ? 10  VAL A CB  1 
ATOM   56   C  CG1 . VAL A 1 10  ? 7.682   -2.722  1.469   1.00 8.38  ? 10  VAL A CG1 1 
ATOM   57   C  CG2 . VAL A 1 10  ? 7.164   -0.911  -0.190  1.00 7.72  ? 10  VAL A CG2 1 
ATOM   58   N  N   . CYS A 1 11  ? 4.904   -4.197  2.184   1.00 7.61  ? 11  CYS A N   1 
ATOM   59   C  CA  . CYS A 1 11  ? 4.688   -4.995  3.382   1.00 8.65  ? 11  CYS A CA  1 
ATOM   60   C  C   . CYS A 1 11  ? 5.766   -6.075  3.309   1.00 9.36  ? 11  CYS A C   1 
ATOM   61   O  O   . CYS A 1 11  ? 6.746   -5.901  2.579   1.00 8.67  ? 11  CYS A O   1 
ATOM   62   C  CB  . CYS A 1 11  ? 3.261   -5.575  3.478   1.00 7.56  ? 11  CYS A CB  1 
ATOM   63   S  SG  . CYS A 1 11  ? 2.705   -6.834  2.298   1.00 11.00 ? 11  CYS A SG  1 
ATOM   64   N  N   . THR A 1 12  ? 5.618   -7.172  4.042   1.00 9.22  ? 12  THR A N   1 
ATOM   65   C  CA  . THR A 1 12  ? 6.653   -8.202  4.023   1.00 10.94 ? 12  THR A CA  1 
ATOM   66   C  C   . THR A 1 12  ? 6.535   -9.226  2.895   1.00 11.23 ? 12  THR A C   1 
ATOM   67   O  O   . THR A 1 12  ? 7.494   -9.447  2.151   1.00 11.76 ? 12  THR A O   1 
ATOM   68   C  CB  . THR A 1 12  ? 6.708   -8.958  5.373   1.00 10.68 ? 12  THR A CB  1 
ATOM   69   O  OG1 . THR A 1 12  ? 6.902   -8.019  6.441   1.00 10.76 ? 12  THR A OG1 1 
ATOM   70   C  CG2 . THR A 1 12  ? 7.864   -9.956  5.378   1.00 12.22 ? 12  THR A CG2 1 
ATOM   71   N  N   . GLY A 1 13  ? 5.364   -9.843  2.764   1.00 11.11 ? 13  GLY A N   1 
ATOM   72   C  CA  . GLY A 1 13  ? 5.172   -10.849 1.730   1.00 11.58 ? 13  GLY A CA  1 
ATOM   73   C  C   . GLY A 1 13  ? 4.519   -10.383 0.440   1.00 12.05 ? 13  GLY A C   1 
ATOM   74   O  O   . GLY A 1 13  ? 4.519   -11.114 -0.553  1.00 12.35 ? 13  GLY A O   1 
ATOM   75   N  N   . ASN A 1 14  ? 3.964   -9.173  0.449   1.00 11.33 ? 14  ASN A N   1 
ATOM   76   C  CA  . ASN A 1 14  ? 3.294   -8.608  -0.724  1.00 12.10 ? 14  ASN A CA  1 
ATOM   77   C  C   . ASN A 1 14  ? 2.119   -9.483  -1.183  1.00 12.30 ? 14  ASN A C   1 
ATOM   78   O  O   . ASN A 1 14  ? 1.831   -9.567  -2.375  1.00 12.00 ? 14  ASN A O   1 
ATOM   79   C  CB  . ASN A 1 14  ? 4.295   -8.427  -1.880  1.00 11.16 ? 14  ASN A CB  1 
ATOM   80   C  CG  . ASN A 1 14  ? 3.741   -7.577  -3.025  1.00 12.95 ? 14  ASN A CG  1 
ATOM   81   O  OD1 . ASN A 1 14  ? 4.035   -7.827  -4.197  1.00 11.89 ? 14  ASN A OD1 1 
ATOM   82   N  ND2 . ASN A 1 14  ? 2.955   -6.559  -2.688  1.00 9.92  ? 14  ASN A ND2 1 
ATOM   83   N  N   . ILE A 1 15  ? 1.441   -10.138 -0.243  1.00 13.03 ? 15  ILE A N   1 
ATOM   84   C  CA  . ILE A 1 15  ? 0.292   -10.967 -0.600  1.00 14.33 ? 15  ILE A CA  1 
ATOM   85   C  C   . ILE A 1 15  ? -0.982  -10.607 0.152   1.00 12.31 ? 15  ILE A C   1 
ATOM   86   O  O   . ILE A 1 15  ? -2.074  -11.029 -0.234  1.00 12.85 ? 15  ILE A O   1 
ATOM   87   C  CB  . ILE A 1 15  ? 0.567   -12.481 -0.400  1.00 15.45 ? 15  ILE A CB  1 
ATOM   88   C  CG1 . ILE A 1 15  ? 1.015   -12.764 1.032   1.00 16.61 ? 15  ILE A CG1 1 
ATOM   89   C  CG2 . ILE A 1 15  ? 1.606   -12.950 -1.402  1.00 17.32 ? 15  ILE A CG2 1 
ATOM   90   C  CD1 . ILE A 1 15  ? 0.972   -14.234 1.443   1.00 15.17 ? 15  ILE A CD1 1 
ATOM   91   N  N   . CYS A 1 16  ? -0.853  -9.824  1.219   1.00 11.81 ? 16  CYS A N   1 
ATOM   92   C  CA  . CYS A 1 16  ? -2.016  -9.420  1.998   1.00 10.43 ? 16  CYS A CA  1 
ATOM   93   C  C   . CYS A 1 16  ? -2.173  -7.906  2.101   1.00 10.16 ? 16  CYS A C   1 
ATOM   94   O  O   . CYS A 1 16  ? -2.918  -7.301  1.329   1.00 8.62  ? 16  CYS A O   1 
ATOM   95   C  CB  . CYS A 1 16  ? -1.958  -10.022 3.406   1.00 12.11 ? 16  CYS A CB  1 
ATOM   96   S  SG  . CYS A 1 16  ? -2.134  -11.822 3.452   1.00 15.21 ? 16  CYS A SG  1 
ATOM   97   N  N   . ARG A 1 17  ? -1.456  -7.297  3.045   1.00 9.05  ? 17  ARG A N   1 
ATOM   98   C  CA  . ARG A 1 17  ? -1.547  -5.852  3.271   1.00 7.80  ? 17  ARG A CA  1 
ATOM   99   C  C   . ARG A 1 17  ? -1.231  -4.909  2.113   1.00 7.44  ? 17  ARG A C   1 
ATOM   100  O  O   . ARG A 1 17  ? -2.078  -4.096  1.738   1.00 7.05  ? 17  ARG A O   1 
ATOM   101  C  CB  . ARG A 1 17  ? -0.691  -5.455  4.477   1.00 7.41  ? 17  ARG A CB  1 
ATOM   102  C  CG  . ARG A 1 17  ? -1.350  -5.743  5.819   1.00 5.42  ? 17  ARG A CG  1 
ATOM   103  C  CD  . ARG A 1 17  ? -0.389  -5.464  6.964   1.00 5.93  ? 17  ARG A CD  1 
ATOM   104  N  NE  . ARG A 1 17  ? 0.795   -6.313  6.866   1.00 6.58  ? 17  ARG A NE  1 
ATOM   105  C  CZ  . ARG A 1 17  ? 1.864   -6.201  7.645   1.00 6.61  ? 17  ARG A CZ  1 
ATOM   106  N  NH1 . ARG A 1 17  ? 1.903   -5.272  8.591   1.00 6.95  ? 17  ARG A NH1 1 
ATOM   107  N  NH2 . ARG A 1 17  ? 2.896   -7.020  7.474   1.00 8.20  ? 17  ARG A NH2 1 
ATOM   108  N  N   . SER A 1 18  ? -0.030  -4.992  1.548   1.00 8.43  ? 18  SER A N   1 
ATOM   109  C  CA  . SER A 1 18  ? 0.331   -4.080  0.463   1.00 8.92  ? 18  SER A CA  1 
ATOM   110  C  C   . SER A 1 18  ? -0.481  -4.241  -0.822  1.00 8.72  ? 18  SER A C   1 
ATOM   111  O  O   . SER A 1 18  ? -0.870  -3.245  -1.438  1.00 8.86  ? 18  SER A O   1 
ATOM   112  C  CB  . SER A 1 18  ? 1.841   -4.142  0.166   1.00 9.23  ? 18  SER A CB  1 
ATOM   113  O  OG  . SER A 1 18  ? 2.282   -5.428  -0.215  1.00 11.14 ? 18  SER A OG  1 
ATOM   114  N  N   . PRO A 1 19  ? -0.748  -5.483  -1.259  1.00 8.97  ? 19  PRO A N   1 
ATOM   115  C  CA  . PRO A 1 19  ? -1.538  -5.560  -2.492  1.00 8.77  ? 19  PRO A CA  1 
ATOM   116  C  C   . PRO A 1 19  ? -2.949  -5.004  -2.284  1.00 8.07  ? 19  PRO A C   1 
ATOM   117  O  O   . PRO A 1 19  ? -3.530  -4.423  -3.194  1.00 7.21  ? 19  PRO A O   1 
ATOM   118  C  CB  . PRO A 1 19  ? -1.523  -7.057  -2.830  1.00 9.93  ? 19  PRO A CB  1 
ATOM   119  C  CG  . PRO A 1 19  ? -1.314  -7.719  -1.496  1.00 10.67 ? 19  PRO A CG  1 
ATOM   120  C  CD  . PRO A 1 19  ? -0.294  -6.819  -0.837  1.00 9.90  ? 19  PRO A CD  1 
ATOM   121  N  N   . MET A 1 20  ? -3.499  -5.176  -1.085  1.00 7.31  ? 20  MET A N   1 
ATOM   122  C  CA  . MET A 1 20  ? -4.833  -4.653  -0.808  1.00 7.00  ? 20  MET A CA  1 
ATOM   123  C  C   . MET A 1 20  ? -4.832  -3.133  -0.943  1.00 8.12  ? 20  MET A C   1 
ATOM   124  O  O   . MET A 1 20  ? -5.725  -2.552  -1.570  1.00 7.00  ? 20  MET A O   1 
ATOM   125  C  CB  . MET A 1 20  ? -5.290  -5.061  0.596   1.00 7.45  ? 20  MET A CB  1 
ATOM   126  C  CG  . MET A 1 20  ? -5.804  -6.495  0.680   1.00 6.09  ? 20  MET A CG  1 
ATOM   127  S  SD  . MET A 1 20  ? -6.271  -6.985  2.347   1.00 9.51  ? 20  MET A SD  1 
ATOM   128  C  CE  . MET A 1 20  ? -7.789  -6.057  2.557   1.00 10.20 ? 20  MET A CE  1 
ATOM   129  N  N   . ALA A 1 21  ? -3.821  -2.489  -0.365  1.00 6.90  ? 21  ALA A N   1 
ATOM   130  C  CA  . ALA A 1 21  ? -3.719  -1.041  -0.435  1.00 5.45  ? 21  ALA A CA  1 
ATOM   131  C  C   . ALA A 1 21  ? -3.512  -0.611  -1.888  1.00 5.62  ? 21  ALA A C   1 
ATOM   132  O  O   . ALA A 1 21  ? -4.084  0.380   -2.333  1.00 5.27  ? 21  ALA A O   1 
ATOM   133  C  CB  . ALA A 1 21  ? -2.559  -0.548  0.438   1.00 6.55  ? 21  ALA A CB  1 
ATOM   134  N  N   . GLU A 1 22  ? -2.702  -1.368  -2.623  1.00 4.74  ? 22  GLU A N   1 
ATOM   135  C  CA  . GLU A 1 22  ? -2.437  -1.055  -4.025  1.00 6.34  ? 22  GLU A CA  1 
ATOM   136  C  C   . GLU A 1 22  ? -3.718  -1.064  -4.874  1.00 6.88  ? 22  GLU A C   1 
ATOM   137  O  O   . GLU A 1 22  ? -4.052  -0.063  -5.509  1.00 7.77  ? 22  GLU A O   1 
ATOM   138  C  CB  . GLU A 1 22  ? -1.432  -2.056  -4.613  1.00 7.23  ? 22  GLU A CB  1 
ATOM   139  C  CG  . GLU A 1 22  ? -1.110  -1.819  -6.090  1.00 7.17  ? 22  GLU A CG  1 
ATOM   140  C  CD  . GLU A 1 22  ? -0.707  -3.098  -6.810  1.00 10.21 ? 22  GLU A CD  1 
ATOM   141  O  OE1 . GLU A 1 22  ? -0.991  -3.211  -8.021  1.00 10.80 ? 22  GLU A OE1 1 
ATOM   142  O  OE2 . GLU A 1 22  ? -0.107  -3.990  -6.172  1.00 9.61  ? 22  GLU A OE2 1 
ATOM   143  N  N   . LYS A 1 23  ? -4.437  -2.186  -4.885  1.00 6.61  ? 23  LYS A N   1 
ATOM   144  C  CA  . LYS A 1 23  ? -5.653  -2.278  -5.699  1.00 6.17  ? 23  LYS A CA  1 
ATOM   145  C  C   . LYS A 1 23  ? -6.679  -1.219  -5.316  1.00 6.54  ? 23  LYS A C   1 
ATOM   146  O  O   . LYS A 1 23  ? -7.327  -0.617  -6.184  1.00 6.73  ? 23  LYS A O   1 
ATOM   147  C  CB  . LYS A 1 23  ? -6.287  -3.672  -5.579  1.00 7.00  ? 23  LYS A CB  1 
ATOM   148  C  CG  . LYS A 1 23  ? -5.300  -4.833  -5.663  1.00 6.78  ? 23  LYS A CG  1 
ATOM   149  C  CD  . LYS A 1 23  ? -4.333  -4.728  -6.847  1.00 8.18  ? 23  LYS A CD  1 
ATOM   150  C  CE  . LYS A 1 23  ? -3.253  -5.804  -6.725  1.00 10.06 ? 23  LYS A CE  1 
ATOM   151  N  NZ  . LYS A 1 23  ? -2.246  -5.779  -7.823  1.00 10.13 ? 23  LYS A NZ  1 
ATOM   152  N  N   . MET A 1 24  ? -6.828  -0.991  -4.016  1.00 5.79  ? 24  MET A N   1 
ATOM   153  C  CA  . MET A 1 24  ? -7.771  0.002   -3.521  1.00 5.90  ? 24  MET A CA  1 
ATOM   154  C  C   . MET A 1 24  ? -7.435  1.416   -3.982  1.00 6.09  ? 24  MET A C   1 
ATOM   155  O  O   . MET A 1 24  ? -8.287  2.120   -4.518  1.00 6.25  ? 24  MET A O   1 
ATOM   156  C  CB  . MET A 1 24  ? -7.824  -0.044  -1.994  1.00 5.26  ? 24  MET A CB  1 
ATOM   157  C  CG  . MET A 1 24  ? -8.492  -1.300  -1.447  1.00 6.23  ? 24  MET A CG  1 
ATOM   158  S  SD  . MET A 1 24  ? -8.286  -1.498  0.329   1.00 8.55  ? 24  MET A SD  1 
ATOM   159  C  CE  . MET A 1 24  ? -9.305  -0.156  0.953   1.00 7.67  ? 24  MET A CE  1 
ATOM   160  N  N   . PHE A 1 25  ? -6.192  1.836   -3.778  1.00 6.57  ? 25  PHE A N   1 
ATOM   161  C  CA  . PHE A 1 25  ? -5.800  3.184   -4.169  1.00 6.64  ? 25  PHE A CA  1 
ATOM   162  C  C   . PHE A 1 25  ? -5.823  3.365   -5.682  1.00 7.02  ? 25  PHE A C   1 
ATOM   163  O  O   . PHE A 1 25  ? -6.257  4.409   -6.179  1.00 5.84  ? 25  PHE A O   1 
ATOM   164  C  CB  . PHE A 1 25  ? -4.410  3.519   -3.608  1.00 6.62  ? 25  PHE A CB  1 
ATOM   165  C  CG  . PHE A 1 25  ? -4.037  4.970   -3.735  1.00 8.10  ? 25  PHE A CG  1 
ATOM   166  C  CD1 . PHE A 1 25  ? -4.887  5.967   -3.255  1.00 6.00  ? 25  PHE A CD1 1 
ATOM   167  C  CD2 . PHE A 1 25  ? -2.822  5.341   -4.306  1.00 8.06  ? 25  PHE A CD2 1 
ATOM   168  C  CE1 . PHE A 1 25  ? -4.531  7.310   -3.338  1.00 7.28  ? 25  PHE A CE1 1 
ATOM   169  C  CE2 . PHE A 1 25  ? -2.456  6.683   -4.394  1.00 7.23  ? 25  PHE A CE2 1 
ATOM   170  C  CZ  . PHE A 1 25  ? -3.311  7.669   -3.909  1.00 6.62  ? 25  PHE A CZ  1 
ATOM   171  N  N   . ALA A 1 26  ? -5.375  2.349   -6.416  1.00 5.28  ? 26  ALA A N   1 
ATOM   172  C  CA  . ALA A 1 26  ? -5.365  2.435   -7.876  1.00 6.53  ? 26  ALA A CA  1 
ATOM   173  C  C   . ALA A 1 26  ? -6.783  2.612   -8.421  1.00 6.17  ? 26  ALA A C   1 
ATOM   174  O  O   . ALA A 1 26  ? -7.022  3.447   -9.297  1.00 5.56  ? 26  ALA A O   1 
ATOM   175  C  CB  . ALA A 1 26  ? -4.722  1.181   -8.481  1.00 7.39  ? 26  ALA A CB  1 
ATOM   176  N  N   . GLN A 1 27  ? -7.725  1.839   -7.890  1.00 6.96  ? 27  GLN A N   1 
ATOM   177  C  CA  . GLN A 1 27  ? -9.110  1.922   -8.347  1.00 7.20  ? 27  GLN A CA  1 
ATOM   178  C  C   . GLN A 1 27  ? -9.712  3.282   -8.002  1.00 6.43  ? 27  GLN A C   1 
ATOM   179  O  O   . GLN A 1 27  ? -10.442 3.864   -8.803  1.00 6.93  ? 27  GLN A O   1 
ATOM   180  C  CB  . GLN A 1 27  ? -9.944  0.804   -7.718  1.00 5.88  ? 27  GLN A CB  1 
ATOM   181  C  CG  . GLN A 1 27  ? -11.392 0.744   -8.195  1.00 9.81  ? 27  GLN A CG  1 
ATOM   182  C  CD  . GLN A 1 27  ? -11.523 0.618   -9.705  1.00 10.99 ? 27  GLN A CD  1 
ATOM   183  O  OE1 . GLN A 1 27  ? -10.652 0.063   -10.376 1.00 12.25 ? 27  GLN A OE1 1 
ATOM   184  N  NE2 . GLN A 1 27  ? -12.632 1.116   -10.243 1.00 15.24 ? 27  GLN A NE2 1 
ATOM   185  N  N   . GLN A 1 28  ? -9.399  3.788   -6.812  1.00 6.41  ? 28  GLN A N   1 
ATOM   186  C  CA  . GLN A 1 28  ? -9.910  5.087   -6.387  1.00 5.67  ? 28  GLN A CA  1 
ATOM   187  C  C   . GLN A 1 28  ? -9.410  6.201   -7.307  1.00 5.82  ? 28  GLN A C   1 
ATOM   188  O  O   . GLN A 1 28  ? -10.143 7.145   -7.616  1.00 6.07  ? 28  GLN A O   1 
ATOM   189  C  CB  . GLN A 1 28  ? -9.515  5.357   -4.928  1.00 6.64  ? 28  GLN A CB  1 
ATOM   190  C  CG  . GLN A 1 28  ? -10.358 4.571   -3.921  1.00 5.79  ? 28  GLN A CG  1 
ATOM   191  C  CD  . GLN A 1 28  ? -9.889  4.731   -2.483  1.00 9.14  ? 28  GLN A CD  1 
ATOM   192  O  OE1 . GLN A 1 28  ? -9.075  5.595   -2.175  1.00 8.64  ? 28  GLN A OE1 1 
ATOM   193  N  NE2 . GLN A 1 28  ? -10.414 3.895   -1.593  1.00 8.54  ? 28  GLN A NE2 1 
ATOM   194  N  N   . LEU A 1 29  ? -8.161  6.097   -7.746  1.00 5.24  ? 29  LEU A N   1 
ATOM   195  C  CA  . LEU A 1 29  ? -7.613  7.099   -8.650  1.00 6.02  ? 29  LEU A CA  1 
ATOM   196  C  C   . LEU A 1 29  ? -8.325  7.018   -9.998  1.00 7.09  ? 29  LEU A C   1 
ATOM   197  O  O   . LEU A 1 29  ? -8.577  8.046   -10.639 1.00 6.55  ? 29  LEU A O   1 
ATOM   198  C  CB  . LEU A 1 29  ? -6.106  6.884   -8.833  1.00 6.46  ? 29  LEU A CB  1 
ATOM   199  C  CG  . LEU A 1 29  ? -5.271  7.259   -7.604  1.00 8.01  ? 29  LEU A CG  1 
ATOM   200  C  CD1 . LEU A 1 29  ? -3.829  6.786   -7.783  1.00 8.70  ? 29  LEU A CD1 1 
ATOM   201  C  CD2 . LEU A 1 29  ? -5.326  8.768   -7.396  1.00 7.74  ? 29  LEU A CD2 1 
ATOM   202  N  N   . ARG A 1 30  ? -8.654  5.802   -10.431 1.00 6.21  ? 30  ARG A N   1 
ATOM   203  C  CA  . ARG A 1 30  ? -9.345  5.633   -11.706 1.00 8.34  ? 30  ARG A CA  1 
ATOM   204  C  C   . ARG A 1 30  ? -10.697 6.344   -11.656 1.00 9.17  ? 30  ARG A C   1 
ATOM   205  O  O   . ARG A 1 30  ? -11.096 7.000   -12.613 1.00 9.46  ? 30  ARG A O   1 
ATOM   206  C  CB  . ARG A 1 30  ? -9.554  4.146   -12.033 1.00 8.38  ? 30  ARG A CB  1 
ATOM   207  C  CG  . ARG A 1 30  ? -8.271  3.353   -12.273 1.00 10.80 ? 30  ARG A CG  1 
ATOM   208  C  CD  . ARG A 1 30  ? -8.571  1.951   -12.819 1.00 11.78 ? 30  ARG A CD  1 
ATOM   209  N  NE  . ARG A 1 30  ? -7.374  1.110   -12.896 1.00 12.63 ? 30  ARG A NE  1 
ATOM   210  C  CZ  . ARG A 1 30  ? -6.986  0.259   -11.947 1.00 14.76 ? 30  ARG A CZ  1 
ATOM   211  N  NH1 . ARG A 1 30  ? -7.698  0.120   -10.838 1.00 13.21 ? 30  ARG A NH1 1 
ATOM   212  N  NH2 . ARG A 1 30  ? -5.878  -0.453  -12.103 1.00 15.56 ? 30  ARG A NH2 1 
ATOM   213  N  N   . HIS A 1 31  ? -11.399 6.214   -10.536 1.00 8.69  ? 31  HIS A N   1 
ATOM   214  C  CA  . HIS A 1 31  ? -12.699 6.864   -10.381 1.00 10.16 ? 31  HIS A CA  1 
ATOM   215  C  C   . HIS A 1 31  ? -12.555 8.382   -10.457 1.00 11.58 ? 31  HIS A C   1 
ATOM   216  O  O   . HIS A 1 31  ? -13.474 9.078   -10.891 1.00 10.78 ? 31  HIS A O   1 
ATOM   217  C  CB  . HIS A 1 31  ? -13.337 6.472   -9.041  1.00 11.33 ? 31  HIS A CB  1 
ATOM   218  C  CG  . HIS A 1 31  ? -14.029 5.144   -9.063  1.00 12.52 ? 31  HIS A CG  1 
ATOM   219  N  ND1 . HIS A 1 31  ? -15.214 4.932   -9.735  1.00 14.44 ? 31  HIS A ND1 1 
ATOM   220  C  CD2 . HIS A 1 31  ? -13.709 3.961   -8.486  1.00 14.52 ? 31  HIS A CD2 1 
ATOM   221  C  CE1 . HIS A 1 31  ? -15.594 3.677   -9.571  1.00 15.97 ? 31  HIS A CE1 1 
ATOM   222  N  NE2 . HIS A 1 31  ? -14.698 3.066   -8.816  1.00 14.86 ? 31  HIS A NE2 1 
ATOM   223  N  N   . ARG A 1 32  ? -11.398 8.890   -10.038 1.00 9.26  ? 32  ARG A N   1 
ATOM   224  C  CA  . ARG A 1 32  ? -11.131 10.326  -10.063 1.00 10.46 ? 32  ARG A CA  1 
ATOM   225  C  C   . ARG A 1 32  ? -10.589 10.784  -11.420 1.00 10.13 ? 32  ARG A C   1 
ATOM   226  O  O   . ARG A 1 32  ? -10.363 11.977  -11.632 1.00 9.72  ? 32  ARG A O   1 
ATOM   227  C  CB  . ARG A 1 32  ? -10.117 10.704  -8.977  1.00 9.80  ? 32  ARG A CB  1 
ATOM   228  C  CG  . ARG A 1 32  ? -10.548 10.399  -7.553  1.00 11.26 ? 32  ARG A CG  1 
ATOM   229  C  CD  . ARG A 1 32  ? -9.497  10.899  -6.569  1.00 12.24 ? 32  ARG A CD  1 
ATOM   230  N  NE  . ARG A 1 32  ? -9.350  12.351  -6.628  1.00 13.59 ? 32  ARG A NE  1 
ATOM   231  C  CZ  . ARG A 1 32  ? -8.281  13.022  -6.209  1.00 12.10 ? 32  ARG A CZ  1 
ATOM   232  N  NH1 . ARG A 1 32  ? -7.241  12.379  -5.691  1.00 11.38 ? 32  ARG A NH1 1 
ATOM   233  N  NH2 . ARG A 1 32  ? -8.249  14.341  -6.313  1.00 12.33 ? 32  ARG A NH2 1 
ATOM   234  N  N   . GLY A 1 33  ? -10.374 9.836   -12.327 1.00 9.45  ? 33  GLY A N   1 
ATOM   235  C  CA  . GLY A 1 33  ? -9.855  10.177  -13.639 1.00 11.47 ? 33  GLY A CA  1 
ATOM   236  C  C   . GLY A 1 33  ? -8.382  10.541  -13.585 1.00 11.82 ? 33  GLY A C   1 
ATOM   237  O  O   . GLY A 1 33  ? -7.898  11.326  -14.398 1.00 11.27 ? 33  GLY A O   1 
ATOM   238  N  N   . LEU A 1 34  ? -7.666  9.959   -12.628 1.00 12.21 ? 34  LEU A N   1 
ATOM   239  C  CA  . LEU A 1 34  ? -6.244  10.231  -12.461 1.00 11.91 ? 34  LEU A CA  1 
ATOM   240  C  C   . LEU A 1 34  ? -5.387  8.991   -12.703 1.00 12.02 ? 34  LEU A C   1 
ATOM   241  O  O   . LEU A 1 34  ? -4.196  8.981   -12.394 1.00 13.15 ? 34  LEU A O   1 
ATOM   242  C  CB  . LEU A 1 34  ? -5.986  10.767  -11.053 1.00 11.83 ? 34  LEU A CB  1 
ATOM   243  C  CG  . LEU A 1 34  ? -6.601  12.129  -10.718 1.00 13.11 ? 34  LEU A CG  1 
ATOM   244  C  CD1 . LEU A 1 34  ? -6.402  12.435  -9.242  1.00 12.29 ? 34  LEU A CD1 1 
ATOM   245  C  CD2 . LEU A 1 34  ? -5.952  13.211  -11.576 1.00 15.51 ? 34  LEU A CD2 1 
ATOM   246  N  N   . GLY A 1 35  ? -5.996  7.955   -13.275 1.00 11.43 ? 35  GLY A N   1 
ATOM   247  C  CA  . GLY A 1 35  ? -5.287  6.712   -13.531 1.00 11.74 ? 35  GLY A CA  1 
ATOM   248  C  C   . GLY A 1 35  ? -4.108  6.776   -14.488 1.00 12.86 ? 35  GLY A C   1 
ATOM   249  O  O   . GLY A 1 35  ? -3.186  5.967   -14.386 1.00 12.25 ? 35  GLY A O   1 
ATOM   250  N  N   . ASP A 1 36  ? -4.131  7.716   -15.427 1.00 12.09 ? 36  ASP A N   1 
ATOM   251  C  CA  . ASP A 1 36  ? -3.028  7.832   -16.374 1.00 13.37 ? 36  ASP A CA  1 
ATOM   252  C  C   . ASP A 1 36  ? -1.891  8.678   -15.807 1.00 13.59 ? 36  ASP A C   1 
ATOM   253  O  O   . ASP A 1 36  ? -0.751  8.581   -16.259 1.00 13.95 ? 36  ASP A O   1 
ATOM   254  C  CB  . ASP A 1 36  ? -3.501  8.452   -17.696 1.00 13.60 ? 36  ASP A CB  1 
ATOM   255  C  CG  . ASP A 1 36  ? -4.456  7.557   -18.464 1.00 17.01 ? 36  ASP A CG  1 
ATOM   256  O  OD1 . ASP A 1 36  ? -4.359  6.317   -18.344 1.00 12.51 ? 36  ASP A OD1 1 
ATOM   257  O  OD2 . ASP A 1 36  ? -5.297  8.101   -19.212 1.00 19.53 ? 36  ASP A OD2 1 
ATOM   258  N  N   . ALA A 1 37  ? -2.210  9.500   -14.812 1.00 13.46 ? 37  ALA A N   1 
ATOM   259  C  CA  . ALA A 1 37  ? -1.228  10.389  -14.199 1.00 12.35 ? 37  ALA A CA  1 
ATOM   260  C  C   . ALA A 1 37  ? -0.464  9.787   -13.026 1.00 12.75 ? 37  ALA A C   1 
ATOM   261  O  O   . ALA A 1 37  ? 0.566   10.321  -12.617 1.00 13.92 ? 37  ALA A O   1 
ATOM   262  C  CB  . ALA A 1 37  ? -1.915  11.666  -13.753 1.00 13.59 ? 37  ALA A CB  1 
ATOM   263  N  N   . VAL A 1 38  ? -0.965  8.687   -12.476 1.00 11.20 ? 38  VAL A N   1 
ATOM   264  C  CA  . VAL A 1 38  ? -0.307  8.070   -11.330 1.00 10.31 ? 38  VAL A CA  1 
ATOM   265  C  C   . VAL A 1 38  ? -0.156  6.561   -11.472 1.00 12.12 ? 38  VAL A C   1 
ATOM   266  O  O   . VAL A 1 38  ? -1.119  5.850   -11.772 1.00 12.32 ? 38  VAL A O   1 
ATOM   267  C  CB  . VAL A 1 38  ? -1.082  8.360   -10.022 1.00 10.72 ? 38  VAL A CB  1 
ATOM   268  C  CG1 . VAL A 1 38  ? -0.330  7.778   -8.830  1.00 10.44 ? 38  VAL A CG1 1 
ATOM   269  C  CG2 . VAL A 1 38  ? -1.275  9.859   -9.848  1.00 11.95 ? 38  VAL A CG2 1 
ATOM   270  N  N   . ARG A 1 39  ? 1.063   6.080   -11.261 1.00 9.55  ? 39  ARG A N   1 
ATOM   271  C  CA  . ARG A 1 39  ? 1.341   4.657   -11.331 1.00 10.92 ? 39  ARG A CA  1 
ATOM   272  C  C   . ARG A 1 39  ? 1.341   4.137   -9.900  1.00 8.84  ? 39  ARG A C   1 
ATOM   273  O  O   . ARG A 1 39  ? 1.999   4.705   -9.029  1.00 8.95  ? 39  ARG A O   1 
ATOM   274  C  CB  . ARG A 1 39  ? 2.705   4.410   -11.971 1.00 12.69 ? 39  ARG A CB  1 
ATOM   275  C  CG  . ARG A 1 39  ? 3.103   2.951   -12.008 1.00 19.54 ? 39  ARG A CG  1 
ATOM   276  C  CD  . ARG A 1 39  ? 4.529   2.785   -12.497 1.00 22.66 ? 39  ARG A CD  1 
ATOM   277  N  NE  . ARG A 1 39  ? 4.992   1.409   -12.347 1.00 24.95 ? 39  ARG A NE  1 
ATOM   278  C  CZ  . ARG A 1 39  ? 6.264   1.041   -12.445 1.00 27.88 ? 39  ARG A CZ  1 
ATOM   279  N  NH1 . ARG A 1 39  ? 7.197   1.951   -12.694 1.00 28.51 ? 39  ARG A NH1 1 
ATOM   280  N  NH2 . ARG A 1 39  ? 6.607   -0.232  -12.285 1.00 28.62 ? 39  ARG A NH2 1 
ATOM   281  N  N   . VAL A 1 40  ? 0.592   3.069   -9.653  1.00 9.64  ? 40  VAL A N   1 
ATOM   282  C  CA  . VAL A 1 40  ? 0.521   2.490   -8.313  1.00 8.06  ? 40  VAL A CA  1 
ATOM   283  C  C   . VAL A 1 40  ? 0.954   1.030   -8.341  1.00 9.34  ? 40  VAL A C   1 
ATOM   284  O  O   . VAL A 1 40  ? 0.448   0.240   -9.137  1.00 10.03 ? 40  VAL A O   1 
ATOM   285  C  CB  . VAL A 1 40  ? -0.917  2.557   -7.743  1.00 8.88  ? 40  VAL A CB  1 
ATOM   286  C  CG1 . VAL A 1 40  ? -0.920  2.061   -6.305  1.00 7.90  ? 40  VAL A CG1 1 
ATOM   287  C  CG2 . VAL A 1 40  ? -1.460  3.984   -7.828  1.00 6.67  ? 40  VAL A CG2 1 
ATOM   288  N  N   . THR A 1 41  ? 1.888   0.674   -7.463  1.00 10.45 ? 41  THR A N   1 
ATOM   289  C  CA  . THR A 1 41  ? 2.394   -0.694  -7.387  1.00 10.79 ? 41  THR A CA  1 
ATOM   290  C  C   . THR A 1 41  ? 2.603   -1.073  -5.929  1.00 9.64  ? 41  THR A C   1 
ATOM   291  O  O   . THR A 1 41  ? 2.284   -0.304  -5.030  1.00 9.83  ? 41  THR A O   1 
ATOM   292  C  CB  . THR A 1 41  ? 3.758   -0.829  -8.095  1.00 10.43 ? 41  THR A CB  1 
ATOM   293  O  OG1 . THR A 1 41  ? 4.719   0.009   -7.435  1.00 11.51 ? 41  THR A OG1 1 
ATOM   294  C  CG2 . THR A 1 41  ? 3.654   -0.420  -9.560  1.00 13.17 ? 41  THR A CG2 1 
ATOM   295  N  N   . SER A 1 42  ? 3.134   -2.270  -5.702  1.00 9.55  ? 42  SER A N   1 
ATOM   296  C  CA  . SER A 1 42  ? 3.429   -2.733  -4.352  1.00 9.74  ? 42  SER A CA  1 
ATOM   297  C  C   . SER A 1 42  ? 4.488   -3.825  -4.411  1.00 10.00 ? 42  SER A C   1 
ATOM   298  O  O   . SER A 1 42  ? 4.676   -4.467  -5.443  1.00 11.06 ? 42  SER A O   1 
ATOM   299  C  CB  . SER A 1 42  ? 2.169   -3.257  -3.652  1.00 10.83 ? 42  SER A CB  1 
ATOM   300  O  OG  . SER A 1 42  ? 1.609   -4.370  -4.331  1.00 11.96 ? 42  SER A OG  1 
ATOM   301  N  N   . ALA A 1 43  ? 5.186   -4.025  -3.300  1.00 9.53  ? 43  ALA A N   1 
ATOM   302  C  CA  . ALA A 1 43  ? 6.227   -5.042  -3.236  1.00 9.57  ? 43  ALA A CA  1 
ATOM   303  C  C   . ALA A 1 43  ? 6.447   -5.448  -1.790  1.00 10.34 ? 43  ALA A C   1 
ATOM   304  O  O   . ALA A 1 43  ? 5.975   -4.781  -0.869  1.00 9.13  ? 43  ALA A O   1 
ATOM   305  C  CB  . ALA A 1 43  ? 7.523   -4.499  -3.834  1.00 9.58  ? 43  ALA A CB  1 
ATOM   306  N  N   . GLY A 1 44  ? 7.154   -6.554  -1.594  1.00 10.17 ? 44  GLY A N   1 
ATOM   307  C  CA  . GLY A 1 44  ? 7.422   -7.013  -0.249  1.00 11.78 ? 44  GLY A CA  1 
ATOM   308  C  C   . GLY A 1 44  ? 8.901   -6.948  0.064   1.00 12.65 ? 44  GLY A C   1 
ATOM   309  O  O   . GLY A 1 44  ? 9.740   -7.014  -0.837  1.00 13.52 ? 44  GLY A O   1 
ATOM   310  N  N   . THR A 1 45  ? 9.231   -6.805  1.340   1.00 14.16 ? 45  THR A N   1 
ATOM   311  C  CA  . THR A 1 45  ? 10.628  -6.747  1.745   1.00 15.28 ? 45  THR A CA  1 
ATOM   312  C  C   . THR A 1 45  ? 11.254  -8.130  1.585   1.00 17.66 ? 45  THR A C   1 
ATOM   313  O  O   . THR A 1 45  ? 12.448  -8.254  1.306   1.00 18.82 ? 45  THR A O   1 
ATOM   314  C  CB  . THR A 1 45  ? 10.758  -6.282  3.203   1.00 14.92 ? 45  THR A CB  1 
ATOM   315  O  OG1 . THR A 1 45  ? 10.003  -7.152  4.059   1.00 13.15 ? 45  THR A OG1 1 
ATOM   316  C  CG2 . THR A 1 45  ? 10.233  -4.858  3.341   1.00 14.59 ? 45  THR A CG2 1 
ATOM   317  N  N   . GLY A 1 46  ? 10.433  -9.165  1.751   1.00 18.48 ? 46  GLY A N   1 
ATOM   318  C  CA  . GLY A 1 46  ? 10.908  -10.533 1.617   1.00 20.89 ? 46  GLY A CA  1 
ATOM   319  C  C   . GLY A 1 46  ? 10.618  -11.087 0.234   1.00 22.47 ? 46  GLY A C   1 
ATOM   320  O  O   . GLY A 1 46  ? 9.979   -10.422 -0.574  1.00 21.45 ? 46  GLY A O   1 
ATOM   321  N  N   . ASN A 1 47  ? 11.071  -12.305 -0.049  1.00 25.25 ? 47  ASN A N   1 
ATOM   322  C  CA  . ASN A 1 47  ? 10.847  -12.893 -1.367  1.00 28.12 ? 47  ASN A CA  1 
ATOM   323  C  C   . ASN A 1 47  ? 10.243  -14.294 -1.333  1.00 29.12 ? 47  ASN A C   1 
ATOM   324  O  O   . ASN A 1 47  ? 10.388  -15.057 -2.288  1.00 29.77 ? 47  ASN A O   1 
ATOM   325  C  CB  . ASN A 1 47  ? 12.164  -12.943 -2.142  1.00 30.52 ? 47  ASN A CB  1 
ATOM   326  C  CG  . ASN A 1 47  ? 13.234  -13.734 -1.416  1.00 31.57 ? 47  ASN A CG  1 
ATOM   327  O  OD1 . ASN A 1 47  ? 12.998  -14.859 -0.973  1.00 30.60 ? 47  ASN A OD1 1 
ATOM   328  N  ND2 . ASN A 1 47  ? 14.422  -13.149 -1.292  1.00 34.04 ? 47  ASN A ND2 1 
ATOM   329  N  N   . TRP A 1 48  ? 9.560   -14.630 -0.245  1.00 30.31 ? 48  TRP A N   1 
ATOM   330  C  CA  . TRP A 1 48  ? 8.961   -15.953 -0.102  1.00 31.89 ? 48  TRP A CA  1 
ATOM   331  C  C   . TRP A 1 48  ? 7.678   -16.151 -0.915  1.00 31.67 ? 48  TRP A C   1 
ATOM   332  O  O   . TRP A 1 48  ? 7.108   -17.242 -0.914  1.00 32.54 ? 48  TRP A O   1 
ATOM   333  C  CB  . TRP A 1 48  ? 8.685   -16.237 1.381   1.00 33.25 ? 48  TRP A CB  1 
ATOM   334  C  CG  . TRP A 1 48  ? 8.242   -17.647 1.674   1.00 35.53 ? 48  TRP A CG  1 
ATOM   335  C  CD1 . TRP A 1 48  ? 7.032   -18.044 2.174   1.00 36.09 ? 48  TRP A CD1 1 
ATOM   336  C  CD2 . TRP A 1 48  ? 9.008   -18.844 1.485   1.00 36.22 ? 48  TRP A CD2 1 
ATOM   337  N  NE1 . TRP A 1 48  ? 6.998   -19.414 2.307   1.00 36.62 ? 48  TRP A NE1 1 
ATOM   338  C  CE2 . TRP A 1 48  ? 8.198   -19.930 1.890   1.00 36.53 ? 48  TRP A CE2 1 
ATOM   339  C  CE3 . TRP A 1 48  ? 10.302  -19.106 1.010   1.00 36.77 ? 48  TRP A CE3 1 
ATOM   340  C  CZ2 . TRP A 1 48  ? 8.639   -21.258 1.835   1.00 36.14 ? 48  TRP A CZ2 1 
ATOM   341  C  CZ3 . TRP A 1 48  ? 10.740  -20.430 0.955   1.00 36.76 ? 48  TRP A CZ3 1 
ATOM   342  C  CH2 . TRP A 1 48  ? 9.907   -21.488 1.366   1.00 36.15 ? 48  TRP A CH2 1 
ATOM   343  N  N   . HIS A 1 49  ? 7.232   -15.117 -1.624  1.00 30.60 ? 49  HIS A N   1 
ATOM   344  C  CA  . HIS A 1 49  ? 6.004   -15.226 -2.413  1.00 28.87 ? 49  HIS A CA  1 
ATOM   345  C  C   . HIS A 1 49  ? 6.102   -14.676 -3.836  1.00 28.48 ? 49  HIS A C   1 
ATOM   346  O  O   . HIS A 1 49  ? 5.092   -14.577 -4.533  1.00 29.10 ? 49  HIS A O   1 
ATOM   347  C  CB  . HIS A 1 49  ? 4.853   -14.514 -1.689  1.00 28.76 ? 49  HIS A CB  1 
ATOM   348  C  CG  . HIS A 1 49  ? 4.532   -15.086 -0.342  1.00 28.50 ? 49  HIS A CG  1 
ATOM   349  N  ND1 . HIS A 1 49  ? 4.027   -16.358 -0.172  1.00 28.15 ? 49  HIS A ND1 1 
ATOM   350  C  CD2 . HIS A 1 49  ? 4.633   -14.554 0.900   1.00 28.71 ? 49  HIS A CD2 1 
ATOM   351  C  CE1 . HIS A 1 49  ? 3.830   -16.584 1.115   1.00 28.83 ? 49  HIS A CE1 1 
ATOM   352  N  NE2 . HIS A 1 49  ? 4.191   -15.505 1.787   1.00 28.00 ? 49  HIS A NE2 1 
ATOM   353  N  N   . VAL A 1 50  ? 7.307   -14.327 -4.273  1.00 26.97 ? 50  VAL A N   1 
ATOM   354  C  CA  . VAL A 1 50  ? 7.493   -13.772 -5.610  1.00 26.07 ? 50  VAL A CA  1 
ATOM   355  C  C   . VAL A 1 50  ? 6.774   -14.569 -6.698  1.00 26.36 ? 50  VAL A C   1 
ATOM   356  O  O   . VAL A 1 50  ? 7.063   -15.746 -6.917  1.00 27.54 ? 50  VAL A O   1 
ATOM   357  C  CB  . VAL A 1 50  ? 8.988   -13.679 -5.976  1.00 24.37 ? 50  VAL A CB  1 
ATOM   358  C  CG1 . VAL A 1 50  ? 9.144   -13.057 -7.349  1.00 25.27 ? 50  VAL A CG1 1 
ATOM   359  C  CG2 . VAL A 1 50  ? 9.723   -12.849 -4.935  1.00 25.25 ? 50  VAL A CG2 1 
ATOM   360  N  N   . GLY A 1 51  ? 5.836   -13.912 -7.374  1.00 25.12 ? 51  GLY A N   1 
ATOM   361  C  CA  . GLY A 1 51  ? 5.087   -14.556 -8.438  1.00 24.33 ? 51  GLY A CA  1 
ATOM   362  C  C   . GLY A 1 51  ? 3.718   -15.063 -8.025  1.00 23.20 ? 51  GLY A C   1 
ATOM   363  O  O   . GLY A 1 51  ? 2.892   -15.397 -8.877  1.00 24.45 ? 51  GLY A O   1 
ATOM   364  N  N   . SER A 1 52  ? 3.464   -15.115 -6.723  1.00 22.81 ? 52  SER A N   1 
ATOM   365  C  CA  . SER A 1 52  ? 2.184   -15.600 -6.223  1.00 22.29 ? 52  SER A CA  1 
ATOM   366  C  C   . SER A 1 52  ? 1.084   -14.554 -6.340  1.00 21.42 ? 52  SER A C   1 
ATOM   367  O  O   . SER A 1 52  ? 1.355   -13.351 -6.369  1.00 19.34 ? 52  SER A O   1 
ATOM   368  C  CB  . SER A 1 52  ? 2.318   -16.027 -4.762  1.00 24.87 ? 52  SER A CB  1 
ATOM   369  O  OG  . SER A 1 52  ? 3.294   -17.043 -4.614  1.00 29.23 ? 52  SER A OG  1 
ATOM   370  N  N   . CYS A 1 53  ? -0.159  -15.017 -6.426  1.00 19.34 ? 53  CYS A N   1 
ATOM   371  C  CA  . CYS A 1 53  ? -1.290  -14.106 -6.501  1.00 19.40 ? 53  CYS A CA  1 
ATOM   372  C  C   . CYS A 1 53  ? -1.515  -13.611 -5.077  1.00 17.71 ? 53  CYS A C   1 
ATOM   373  O  O   . CYS A 1 53  ? -0.840  -14.056 -4.148  1.00 16.36 ? 53  CYS A O   1 
ATOM   374  C  CB  . CYS A 1 53  ? -2.540  -14.834 -7.014  1.00 21.01 ? 53  CYS A CB  1 
ATOM   375  S  SG  . CYS A 1 53  ? -3.069  -16.263 -6.023  1.00 26.73 ? 53  CYS A SG  1 
ATOM   376  N  N   . ALA A 1 54  ? -2.447  -12.686 -4.902  1.00 17.65 ? 54  ALA A N   1 
ATOM   377  C  CA  . ALA A 1 54  ? -2.740  -12.173 -3.573  1.00 15.20 ? 54  ALA A CA  1 
ATOM   378  C  C   . ALA A 1 54  ? -3.393  -13.293 -2.772  1.00 15.70 ? 54  ALA A C   1 
ATOM   379  O  O   . ALA A 1 54  ? -3.965  -14.222 -3.344  1.00 14.56 ? 54  ALA A O   1 
ATOM   380  C  CB  . ALA A 1 54  ? -3.683  -10.986 -3.669  1.00 15.82 ? 54  ALA A CB  1 
ATOM   381  N  N   . ASP A 1 55  ? -3.308  -13.210 -1.451  1.00 14.95 ? 55  ASP A N   1 
ATOM   382  C  CA  . ASP A 1 55  ? -3.916  -14.222 -0.602  1.00 15.66 ? 55  ASP A CA  1 
ATOM   383  C  C   . ASP A 1 55  ? -5.412  -14.305 -0.910  1.00 16.20 ? 55  ASP A C   1 
ATOM   384  O  O   . ASP A 1 55  ? -6.103  -13.286 -0.984  1.00 14.90 ? 55  ASP A O   1 
ATOM   385  C  CB  . ASP A 1 55  ? -3.693  -13.874 0.871   1.00 14.47 ? 55  ASP A CB  1 
ATOM   386  C  CG  . ASP A 1 55  ? -4.218  -14.941 1.805   1.00 15.18 ? 55  ASP A CG  1 
ATOM   387  O  OD1 . ASP A 1 55  ? -5.450  -15.079 1.914   1.00 14.99 ? 55  ASP A OD1 1 
ATOM   388  O  OD2 . ASP A 1 55  ? -3.399  -15.651 2.424   1.00 17.40 ? 55  ASP A OD2 1 
ATOM   389  N  N   . GLU A 1 56  ? -5.904  -15.524 -1.099  1.00 16.53 ? 56  GLU A N   1 
ATOM   390  C  CA  . GLU A 1 56  ? -7.309  -15.754 -1.410  1.00 16.69 ? 56  GLU A CA  1 
ATOM   391  C  C   . GLU A 1 56  ? -8.265  -14.939 -0.544  1.00 15.17 ? 56  GLU A C   1 
ATOM   392  O  O   . GLU A 1 56  ? -9.298  -14.472 -1.026  1.00 14.00 ? 56  GLU A O   1 
ATOM   393  C  CB  . GLU A 1 56  ? -7.613  -17.256 -1.293  1.00 20.09 ? 56  GLU A CB  1 
ATOM   394  C  CG  . GLU A 1 56  ? -9.083  -17.628 -1.214  1.00 24.00 ? 56  GLU A CG  1 
ATOM   395  C  CD  . GLU A 1 56  ? -9.600  -17.654 0.213   1.00 26.38 ? 56  GLU A CD  1 
ATOM   396  O  OE1 . GLU A 1 56  ? -8.952  -18.301 1.064   1.00 29.03 ? 56  GLU A OE1 1 
ATOM   397  O  OE2 . GLU A 1 56  ? -10.653 -17.037 0.483   1.00 27.10 ? 56  GLU A OE2 1 
ATOM   398  N  N   . ARG A 1 57  ? -7.923  -14.759 0.730   1.00 14.24 ? 57  ARG A N   1 
ATOM   399  C  CA  . ARG A 1 57  ? -8.775  -13.998 1.638   1.00 12.77 ? 57  ARG A CA  1 
ATOM   400  C  C   . ARG A 1 57  ? -8.677  -12.498 1.368   1.00 12.36 ? 57  ARG A C   1 
ATOM   401  O  O   . ARG A 1 57  ? -9.634  -11.758 1.593   1.00 11.26 ? 57  ARG A O   1 
ATOM   402  C  CB  . ARG A 1 57  ? -8.400  -14.300 3.091   1.00 15.69 ? 57  ARG A CB  1 
ATOM   403  C  CG  . ARG A 1 57  ? -8.432  -15.789 3.419   1.00 17.65 ? 57  ARG A CG  1 
ATOM   404  C  CD  . ARG A 1 57  ? -7.063  -16.270 3.859   1.00 21.32 ? 57  ARG A CD  1 
ATOM   405  N  NE  . ARG A 1 57  ? -6.920  -16.223 5.303   1.00 23.42 ? 57  ARG A NE  1 
ATOM   406  C  CZ  . ARG A 1 57  ? -5.757  -16.208 5.943   1.00 22.84 ? 57  ARG A CZ  1 
ATOM   407  N  NH1 . ARG A 1 57  ? -4.618  -16.224 5.266   1.00 24.70 ? 57  ARG A NH1 1 
ATOM   408  N  NH2 . ARG A 1 57  ? -5.740  -16.195 7.265   1.00 23.93 ? 57  ARG A NH2 1 
ATOM   409  N  N   . ALA A 1 58  ? -7.519  -12.054 0.886   1.00 11.34 ? 58  ALA A N   1 
ATOM   410  C  CA  . ALA A 1 58  ? -7.318  -10.645 0.567   1.00 12.10 ? 58  ALA A CA  1 
ATOM   411  C  C   . ALA A 1 58  ? -8.154  -10.319 -0.670  1.00 12.04 ? 58  ALA A C   1 
ATOM   412  O  O   . ALA A 1 58  ? -8.840  -9.297  -0.723  1.00 12.57 ? 58  ALA A O   1 
ATOM   413  C  CB  . ALA A 1 58  ? -5.839  -10.372 0.299   1.00 10.32 ? 58  ALA A CB  1 
ATOM   414  N  N   . ALA A 1 59  ? -8.099  -11.199 -1.663  1.00 11.74 ? 59  ALA A N   1 
ATOM   415  C  CA  . ALA A 1 59  ? -8.872  -11.008 -2.883  1.00 10.37 ? 59  ALA A CA  1 
ATOM   416  C  C   . ALA A 1 59  ? -10.350 -11.076 -2.517  1.00 9.88  ? 59  ALA A C   1 
ATOM   417  O  O   . ALA A 1 59  ? -11.169 -10.349 -3.068  1.00 10.23 ? 59  ALA A O   1 
ATOM   418  C  CB  . ALA A 1 59  ? -8.534  -12.093 -3.902  1.00 11.21 ? 59  ALA A CB  1 
ATOM   419  N  N   . GLY A 1 60  ? -10.678 -11.948 -1.569  1.00 9.82  ? 60  GLY A N   1 
ATOM   420  C  CA  . GLY A 1 60  ? -12.061 -12.095 -1.144  1.00 9.85  ? 60  GLY A CA  1 
ATOM   421  C  C   . GLY A 1 60  ? -12.658 -10.816 -0.586  1.00 10.55 ? 60  GLY A C   1 
ATOM   422  O  O   . GLY A 1 60  ? -13.777 -10.442 -0.942  1.00 7.76  ? 60  GLY A O   1 
ATOM   423  N  N   . VAL A 1 61  ? -11.920 -10.143 0.294   1.00 9.48  ? 61  VAL A N   1 
ATOM   424  C  CA  . VAL A 1 61  ? -12.412 -8.905  0.887   1.00 8.28  ? 61  VAL A CA  1 
ATOM   425  C  C   . VAL A 1 61  ? -12.418 -7.785  -0.148  1.00 8.86  ? 61  VAL A C   1 
ATOM   426  O  O   . VAL A 1 61  ? -13.331 -6.961  -0.172  1.00 7.60  ? 61  VAL A O   1 
ATOM   427  C  CB  . VAL A 1 61  ? -11.556 -8.484  2.107   1.00 10.48 ? 61  VAL A CB  1 
ATOM   428  C  CG1 . VAL A 1 61  ? -12.045 -7.150  2.652   1.00 10.32 ? 61  VAL A CG1 1 
ATOM   429  C  CG2 . VAL A 1 61  ? -11.646 -9.542  3.192   1.00 13.21 ? 61  VAL A CG2 1 
ATOM   430  N  N   . LEU A 1 62  ? -11.397 -7.753  -1.000  1.00 6.90  ? 62  LEU A N   1 
ATOM   431  C  CA  . LEU A 1 62  ? -11.327 -6.731  -2.039  1.00 8.67  ? 62  LEU A CA  1 
ATOM   432  C  C   . LEU A 1 62  ? -12.581 -6.833  -2.897  1.00 8.61  ? 62  LEU A C   1 
ATOM   433  O  O   . LEU A 1 62  ? -13.271 -5.843  -3.143  1.00 8.55  ? 62  LEU A O   1 
ATOM   434  C  CB  . LEU A 1 62  ? -10.080 -6.926  -2.905  1.00 7.72  ? 62  LEU A CB  1 
ATOM   435  C  CG  . LEU A 1 62  ? -8.740  -6.473  -2.309  1.00 8.06  ? 62  LEU A CG  1 
ATOM   436  C  CD1 . LEU A 1 62  ? -7.601  -6.832  -3.256  1.00 7.49  ? 62  LEU A CD1 1 
ATOM   437  C  CD2 . LEU A 1 62  ? -8.769  -4.967  -2.070  1.00 5.89  ? 62  LEU A CD2 1 
ATOM   438  N  N   . ARG A 1 63  ? -12.871 -8.053  -3.335  1.00 9.99  ? 63  ARG A N   1 
ATOM   439  C  CA  . ARG A 1 63  ? -14.036 -8.331  -4.159  1.00 10.18 ? 63  ARG A CA  1 
ATOM   440  C  C   . ARG A 1 63  ? -15.327 -7.999  -3.414  1.00 8.66  ? 63  ARG A C   1 
ATOM   441  O  O   . ARG A 1 63  ? -16.269 -7.469  -3.998  1.00 9.48  ? 63  ARG A O   1 
ATOM   442  C  CB  . ARG A 1 63  ? -14.016 -9.810  -4.562  1.00 13.33 ? 63  ARG A CB  1 
ATOM   443  C  CG  . ARG A 1 63  ? -15.196 -10.277 -5.383  1.00 15.74 ? 63  ARG A CG  1 
ATOM   444  C  CD  . ARG A 1 63  ? -15.027 -11.751 -5.746  1.00 14.51 ? 63  ARG A CD  1 
ATOM   445  N  NE  . ARG A 1 63  ? -13.784 -11.975 -6.478  1.00 15.66 ? 63  ARG A NE  1 
ATOM   446  C  CZ  . ARG A 1 63  ? -12.756 -12.687 -6.021  1.00 19.00 ? 63  ARG A CZ  1 
ATOM   447  N  NH1 . ARG A 1 63  ? -12.810 -13.258 -4.826  1.00 20.46 ? 63  ARG A NH1 1 
ATOM   448  N  NH2 . ARG A 1 63  ? -11.663 -12.819 -6.762  1.00 20.33 ? 63  ARG A NH2 1 
ATOM   449  N  N   . ALA A 1 64  ? -15.367 -8.309  -2.121  1.00 10.46 ? 64  ALA A N   1 
ATOM   450  C  CA  . ALA A 1 64  ? -16.549 -8.036  -1.310  1.00 10.84 ? 64  ALA A CA  1 
ATOM   451  C  C   . ALA A 1 64  ? -16.858 -6.542  -1.261  1.00 11.27 ? 64  ALA A C   1 
ATOM   452  O  O   . ALA A 1 64  ? -17.975 -6.140  -0.928  1.00 10.77 ? 64  ALA A O   1 
ATOM   453  C  CB  . ALA A 1 64  ? -16.350 -8.575  0.107   1.00 12.02 ? 64  ALA A CB  1 
ATOM   454  N  N   . HIS A 1 65  ? -15.865 -5.719  -1.587  1.00 10.46 ? 65  HIS A N   1 
ATOM   455  C  CA  . HIS A 1 65  ? -16.050 -4.272  -1.579  1.00 8.60  ? 65  HIS A CA  1 
ATOM   456  C  C   . HIS A 1 65  ? -16.001 -3.668  -2.986  1.00 8.89  ? 65  HIS A C   1 
ATOM   457  O  O   . HIS A 1 65  ? -15.966 -2.447  -3.149  1.00 7.68  ? 65  HIS A O   1 
ATOM   458  C  CB  . HIS A 1 65  ? -15.009 -3.621  -0.664  1.00 9.68  ? 65  HIS A CB  1 
ATOM   459  C  CG  . HIS A 1 65  ? -15.226 -3.912  0.790   1.00 9.61  ? 65  HIS A CG  1 
ATOM   460  N  ND1 . HIS A 1 65  ? -16.131 -3.216  1.562   1.00 11.03 ? 65  HIS A ND1 1 
ATOM   461  C  CD2 . HIS A 1 65  ? -14.682 -4.850  1.601   1.00 10.13 ? 65  HIS A CD2 1 
ATOM   462  C  CE1 . HIS A 1 65  ? -16.132 -3.710  2.788   1.00 10.85 ? 65  HIS A CE1 1 
ATOM   463  N  NE2 . HIS A 1 65  ? -15.263 -4.702  2.839   1.00 9.62  ? 65  HIS A NE2 1 
ATOM   464  N  N   . GLY A 1 66  ? -16.004 -4.533  -3.998  1.00 8.20  ? 66  GLY A N   1 
ATOM   465  C  CA  . GLY A 1 66  ? -16.011 -4.068  -5.375  1.00 9.53  ? 66  GLY A CA  1 
ATOM   466  C  C   . GLY A 1 66  ? -14.692 -3.681  -6.016  1.00 9.08  ? 66  GLY A C   1 
ATOM   467  O  O   . GLY A 1 66  ? -14.686 -3.085  -7.097  1.00 8.52  ? 66  GLY A O   1 
ATOM   468  N  N   . TYR A 1 67  ? -13.579 -4.014  -5.370  1.00 9.82  ? 67  TYR A N   1 
ATOM   469  C  CA  . TYR A 1 67  ? -12.264 -3.688  -5.907  1.00 8.73  ? 67  TYR A CA  1 
ATOM   470  C  C   . TYR A 1 67  ? -11.636 -4.839  -6.694  1.00 9.89  ? 67  TYR A C   1 
ATOM   471  O  O   . TYR A 1 67  ? -11.972 -6.001  -6.481  1.00 8.84  ? 67  TYR A O   1 
ATOM   472  C  CB  . TYR A 1 67  ? -11.309 -3.295  -4.776  1.00 7.31  ? 67  TYR A CB  1 
ATOM   473  C  CG  . TYR A 1 67  ? -11.605 -1.954  -4.162  1.00 8.36  ? 67  TYR A CG  1 
ATOM   474  C  CD1 . TYR A 1 67  ? -12.507 -1.831  -3.103  1.00 7.59  ? 67  TYR A CD1 1 
ATOM   475  C  CD2 . TYR A 1 67  ? -10.993 -0.800  -4.651  1.00 8.15  ? 67  TYR A CD2 1 
ATOM   476  C  CE1 . TYR A 1 67  ? -12.790 -0.587  -2.547  1.00 11.66 ? 67  TYR A CE1 1 
ATOM   477  C  CE2 . TYR A 1 67  ? -11.269 0.445   -4.106  1.00 9.76  ? 67  TYR A CE2 1 
ATOM   478  C  CZ  . TYR A 1 67  ? -12.169 0.546   -3.055  1.00 9.61  ? 67  TYR A CZ  1 
ATOM   479  O  OH  . TYR A 1 67  ? -12.453 1.777   -2.528  1.00 10.13 ? 67  TYR A OH  1 
ATOM   480  N  N   . PRO A 1 68  ? -10.713 -4.518  -7.620  1.00 9.80  ? 68  PRO A N   1 
ATOM   481  C  CA  . PRO A 1 68  ? -10.023 -5.521  -8.441  1.00 11.06 ? 68  PRO A CA  1 
ATOM   482  C  C   . PRO A 1 68  ? -9.131  -6.377  -7.539  1.00 11.34 ? 68  PRO A C   1 
ATOM   483  O  O   . PRO A 1 68  ? -8.755  -5.939  -6.448  1.00 10.32 ? 68  PRO A O   1 
ATOM   484  C  CB  . PRO A 1 68  ? -9.206  -4.673  -9.417  1.00 10.31 ? 68  PRO A CB  1 
ATOM   485  C  CG  . PRO A 1 68  ? -9.983  -3.399  -9.508  1.00 13.49 ? 68  PRO A CG  1 
ATOM   486  C  CD  . PRO A 1 68  ? -10.375 -3.157  -8.071  1.00 11.44 ? 68  PRO A CD  1 
ATOM   487  N  N   . THR A 1 69  ? -8.789  -7.580  -7.996  1.00 11.21 ? 69  THR A N   1 
ATOM   488  C  CA  . THR A 1 69  ? -7.964  -8.495  -7.209  1.00 12.77 ? 69  THR A CA  1 
ATOM   489  C  C   . THR A 1 69  ? -6.717  -9.040  -7.915  1.00 14.05 ? 69  THR A C   1 
ATOM   490  O  O   . THR A 1 69  ? -5.860  -9.642  -7.268  1.00 13.19 ? 69  THR A O   1 
ATOM   491  C  CB  . THR A 1 69  ? -8.786  -9.715  -6.742  1.00 14.13 ? 69  THR A CB  1 
ATOM   492  O  OG1 . THR A 1 69  ? -9.178  -10.492 -7.885  1.00 13.92 ? 69  THR A OG1 1 
ATOM   493  C  CG2 . THR A 1 69  ? -10.033 -9.268  -5.995  1.00 12.90 ? 69  THR A CG2 1 
ATOM   494  N  N   . ASP A 1 70  ? -6.612  -8.845  -9.228  1.00 14.38 ? 70  ASP A N   1 
ATOM   495  C  CA  . ASP A 1 70  ? -5.454  -9.353  -9.965  1.00 16.31 ? 70  ASP A CA  1 
ATOM   496  C  C   . ASP A 1 70  ? -4.142  -8.864  -9.359  1.00 14.84 ? 70  ASP A C   1 
ATOM   497  O  O   . ASP A 1 70  ? -3.970  -7.672  -9.107  1.00 12.91 ? 70  ASP A O   1 
ATOM   498  C  CB  . ASP A 1 70  ? -5.534  -8.952  -11.439 1.00 21.33 ? 70  ASP A CB  1 
ATOM   499  C  CG  . ASP A 1 70  ? -6.659  -9.666  -12.176 1.00 25.80 ? 70  ASP A CG  1 
ATOM   500  O  OD1 . ASP A 1 70  ? -6.776  -10.904 -12.033 1.00 28.13 ? 70  ASP A OD1 1 
ATOM   501  O  OD2 . ASP A 1 70  ? -7.420  -8.992  -12.903 1.00 29.55 ? 70  ASP A OD2 1 
ATOM   502  N  N   . HIS A 1 71  ? -3.213  -9.788  -9.132  1.00 14.50 ? 71  HIS A N   1 
ATOM   503  C  CA  . HIS A 1 71  ? -1.940  -9.424  -8.525  1.00 14.67 ? 71  HIS A CA  1 
ATOM   504  C  C   . HIS A 1 71  ? -0.841  -10.467 -8.708  1.00 15.51 ? 71  HIS A C   1 
ATOM   505  O  O   . HIS A 1 71  ? -1.105  -11.670 -8.787  1.00 15.07 ? 71  HIS A O   1 
ATOM   506  C  CB  . HIS A 1 71  ? -2.157  -9.174  -7.027  1.00 13.05 ? 71  HIS A CB  1 
ATOM   507  C  CG  . HIS A 1 71  ? -0.932  -8.718  -6.298  1.00 11.89 ? 71  HIS A CG  1 
ATOM   508  N  ND1 . HIS A 1 71  ? -0.221  -9.538  -5.446  1.00 13.90 ? 71  HIS A ND1 1 
ATOM   509  C  CD2 . HIS A 1 71  ? -0.299  -7.523  -6.285  1.00 8.19  ? 71  HIS A CD2 1 
ATOM   510  C  CE1 . HIS A 1 71  ? 0.797   -8.864  -4.940  1.00 9.75  ? 71  HIS A CE1 1 
ATOM   511  N  NE2 . HIS A 1 71  ? 0.772   -7.640  -5.433  1.00 12.78 ? 71  HIS A NE2 1 
ATOM   512  N  N   . ARG A 1 72  ? 0.394   -9.984  -8.780  1.00 16.73 ? 72  ARG A N   1 
ATOM   513  C  CA  . ARG A 1 72  ? 1.569   -10.839 -8.906  1.00 18.68 ? 72  ARG A CA  1 
ATOM   514  C  C   . ARG A 1 72  ? 2.586   -10.305 -7.899  1.00 17.58 ? 72  ARG A C   1 
ATOM   515  O  O   . ARG A 1 72  ? 3.198   -9.260  -8.119  1.00 16.30 ? 72  ARG A O   1 
ATOM   516  C  CB  . ARG A 1 72  ? 2.151   -10.776 -10.323 1.00 21.58 ? 72  ARG A CB  1 
ATOM   517  C  CG  . ARG A 1 72  ? 3.396   -11.639 -10.508 1.00 26.79 ? 72  ARG A CG  1 
ATOM   518  C  CD  . ARG A 1 72  ? 4.000   -11.477 -11.898 1.00 32.30 ? 72  ARG A CD  1 
ATOM   519  N  NE  . ARG A 1 72  ? 3.127   -11.999 -12.947 1.00 38.55 ? 72  ARG A NE  1 
ATOM   520  C  CZ  . ARG A 1 72  ? 3.381   -11.899 -14.250 1.00 40.68 ? 72  ARG A CZ  1 
ATOM   521  N  NH1 . ARG A 1 72  ? 4.484   -11.293 -14.668 1.00 42.09 ? 72  ARG A NH1 1 
ATOM   522  N  NH2 . ARG A 1 72  ? 2.533   -12.408 -15.137 1.00 40.85 ? 72  ARG A NH2 1 
ATOM   523  N  N   . ALA A 1 73  ? 2.742   -11.021 -6.789  1.00 15.83 ? 73  ALA A N   1 
ATOM   524  C  CA  . ALA A 1 73  ? 3.657   -10.626 -5.725  1.00 16.01 ? 73  ALA A CA  1 
ATOM   525  C  C   . ALA A 1 73  ? 5.085   -10.443 -6.222  1.00 17.27 ? 73  ALA A C   1 
ATOM   526  O  O   . ALA A 1 73  ? 5.553   -11.185 -7.085  1.00 17.28 ? 73  ALA A O   1 
ATOM   527  C  CB  . ALA A 1 73  ? 3.624   -11.658 -4.602  1.00 15.04 ? 73  ALA A CB  1 
ATOM   528  N  N   . ALA A 1 74  ? 5.771   -9.453  -5.661  1.00 16.73 ? 74  ALA A N   1 
ATOM   529  C  CA  . ALA A 1 74  ? 7.149   -9.159  -6.034  1.00 16.08 ? 74  ALA A CA  1 
ATOM   530  C  C   . ALA A 1 74  ? 7.914   -8.623  -4.831  1.00 16.56 ? 74  ALA A C   1 
ATOM   531  O  O   . ALA A 1 74  ? 7.316   -8.091  -3.894  1.00 14.45 ? 74  ALA A O   1 
ATOM   532  C  CB  . ALA A 1 74  ? 7.175   -8.133  -7.163  1.00 15.27 ? 74  ALA A CB  1 
ATOM   533  N  N   . GLN A 1 75  ? 9.236   -8.774  -4.848  1.00 15.11 ? 75  GLN A N   1 
ATOM   534  C  CA  . GLN A 1 75  ? 10.057  -8.263  -3.758  1.00 14.51 ? 75  GLN A CA  1 
ATOM   535  C  C   . GLN A 1 75  ? 10.515  -6.866  -4.147  1.00 13.78 ? 75  GLN A C   1 
ATOM   536  O  O   . GLN A 1 75  ? 10.643  -6.560  -5.331  1.00 12.75 ? 75  GLN A O   1 
ATOM   537  C  CB  . GLN A 1 75  ? 11.280  -9.159  -3.512  1.00 16.43 ? 75  GLN A CB  1 
ATOM   538  C  CG  . GLN A 1 75  ? 12.278  -8.555  -2.524  1.00 15.74 ? 75  GLN A CG  1 
ATOM   539  C  CD  . GLN A 1 75  ? 13.471  -9.457  -2.244  1.00 18.25 ? 75  GLN A CD  1 
ATOM   540  O  OE1 . GLN A 1 75  ? 14.048  -10.046 -3.159  1.00 17.51 ? 75  GLN A OE1 1 
ATOM   541  N  NE2 . GLN A 1 75  ? 13.854  -9.553  -0.975  1.00 15.89 ? 75  GLN A NE2 1 
ATOM   542  N  N   . VAL A 1 76  ? 10.744  -6.018  -3.151  1.00 14.28 ? 76  VAL A N   1 
ATOM   543  C  CA  . VAL A 1 76  ? 11.189  -4.655  -3.398  1.00 15.24 ? 76  VAL A CA  1 
ATOM   544  C  C   . VAL A 1 76  ? 12.438  -4.656  -4.276  1.00 16.84 ? 76  VAL A C   1 
ATOM   545  O  O   . VAL A 1 76  ? 13.429  -5.319  -3.956  1.00 17.03 ? 76  VAL A O   1 
ATOM   546  C  CB  . VAL A 1 76  ? 11.502  -3.931  -2.070  1.00 14.98 ? 76  VAL A CB  1 
ATOM   547  C  CG1 . VAL A 1 76  ? 12.067  -2.545  -2.351  1.00 15.33 ? 76  VAL A CG1 1 
ATOM   548  C  CG2 . VAL A 1 76  ? 10.236  -3.836  -1.223  1.00 14.94 ? 76  VAL A CG2 1 
ATOM   549  N  N   . GLY A 1 77  ? 12.377  -3.920  -5.383  1.00 16.92 ? 77  GLY A N   1 
ATOM   550  C  CA  . GLY A 1 77  ? 13.504  -3.848  -6.298  1.00 19.09 ? 77  GLY A CA  1 
ATOM   551  C  C   . GLY A 1 77  ? 13.826  -2.428  -6.725  1.00 21.07 ? 77  GLY A C   1 
ATOM   552  O  O   . GLY A 1 77  ? 13.335  -1.471  -6.130  1.00 20.74 ? 77  GLY A O   1 
ATOM   553  N  N   . THR A 1 78  ? 14.651  -2.296  -7.761  1.00 22.49 ? 78  THR A N   1 
ATOM   554  C  CA  . THR A 1 78  ? 15.051  -0.990  -8.284  1.00 23.93 ? 78  THR A CA  1 
ATOM   555  C  C   . THR A 1 78  ? 13.842  -0.118  -8.608  1.00 22.64 ? 78  THR A C   1 
ATOM   556  O  O   . THR A 1 78  ? 13.790  1.056   -8.239  1.00 21.50 ? 78  THR A O   1 
ATOM   557  C  CB  . THR A 1 78  ? 15.888  -1.141  -9.578  1.00 26.16 ? 78  THR A CB  1 
ATOM   558  O  OG1 . THR A 1 78  ? 17.064  -1.912  -9.302  1.00 28.55 ? 78  THR A OG1 1 
ATOM   559  C  CG2 . THR A 1 78  ? 16.292  0.225   -10.114 1.00 27.17 ? 78  THR A CG2 1 
ATOM   560  N  N   . GLU A 1 79  ? 12.883  -0.711  -9.310  1.00 20.99 ? 79  GLU A N   1 
ATOM   561  C  CA  . GLU A 1 79  ? 11.660  -0.037  -9.722  1.00 20.92 ? 79  GLU A CA  1 
ATOM   562  C  C   . GLU A 1 79  ? 10.916  0.592   -8.542  1.00 19.41 ? 79  GLU A C   1 
ATOM   563  O  O   . GLU A 1 79  ? 10.477  1.743   -8.607  1.00 19.21 ? 79  GLU A O   1 
ATOM   564  C  CB  . GLU A 1 79  ? 10.742  -1.043  -10.421 1.00 24.29 ? 79  GLU A CB  1 
ATOM   565  C  CG  . GLU A 1 79  ? 9.675   -0.422  -11.300 1.00 30.27 ? 79  GLU A CG  1 
ATOM   566  C  CD  . GLU A 1 79  ? 10.233  0.089   -12.618 1.00 33.25 ? 79  GLU A CD  1 
ATOM   567  O  OE1 . GLU A 1 79  ? 9.459   0.676   -13.404 1.00 35.42 ? 79  GLU A OE1 1 
ATOM   568  O  OE2 . GLU A 1 79  ? 11.442  -0.099  -12.873 1.00 35.03 ? 79  GLU A OE2 1 
ATOM   569  N  N   . HIS A 1 80  ? 10.772  -0.173  -7.466  1.00 16.17 ? 80  HIS A N   1 
ATOM   570  C  CA  . HIS A 1 80  ? 10.069  0.301   -6.279  1.00 15.42 ? 80  HIS A CA  1 
ATOM   571  C  C   . HIS A 1 80  ? 10.850  1.361   -5.504  1.00 14.01 ? 80  HIS A C   1 
ATOM   572  O  O   . HIS A 1 80  ? 10.277  2.348   -5.048  1.00 12.52 ? 80  HIS A O   1 
ATOM   573  C  CB  . HIS A 1 80  ? 9.737   -0.885  -5.371  1.00 13.72 ? 80  HIS A CB  1 
ATOM   574  C  CG  . HIS A 1 80  ? 9.038   -2.001  -6.083  1.00 13.94 ? 80  HIS A CG  1 
ATOM   575  N  ND1 . HIS A 1 80  ? 9.707   -3.098  -6.584  1.00 14.15 ? 80  HIS A ND1 1 
ATOM   576  C  CD2 . HIS A 1 80  ? 7.741   -2.156  -6.439  1.00 12.16 ? 80  HIS A CD2 1 
ATOM   577  C  CE1 . HIS A 1 80  ? 8.853   -3.878  -7.222  1.00 15.40 ? 80  HIS A CE1 1 
ATOM   578  N  NE2 . HIS A 1 80  ? 7.653   -3.329  -7.150  1.00 15.84 ? 80  HIS A NE2 1 
ATOM   579  N  N   . LEU A 1 81  ? 12.155  1.164   -5.357  1.00 14.66 ? 81  LEU A N   1 
ATOM   580  C  CA  . LEU A 1 81  ? 12.979  2.132   -4.636  1.00 15.69 ? 81  LEU A CA  1 
ATOM   581  C  C   . LEU A 1 81  ? 13.079  3.454   -5.397  1.00 15.32 ? 81  LEU A C   1 
ATOM   582  O  O   . LEU A 1 81  ? 13.548  4.454   -4.855  1.00 15.92 ? 81  LEU A O   1 
ATOM   583  C  CB  . LEU A 1 81  ? 14.386  1.570   -4.400  1.00 17.52 ? 81  LEU A CB  1 
ATOM   584  C  CG  . LEU A 1 81  ? 14.499  0.334   -3.505  1.00 18.48 ? 81  LEU A CG  1 
ATOM   585  C  CD1 . LEU A 1 81  ? 15.962  -0.097  -3.421  1.00 19.26 ? 81  LEU A CD1 1 
ATOM   586  C  CD2 . LEU A 1 81  ? 13.955  0.641   -2.116  1.00 18.93 ? 81  LEU A CD2 1 
ATOM   587  N  N   . ALA A 1 82  ? 12.628  3.458   -6.647  1.00 14.56 ? 82  ALA A N   1 
ATOM   588  C  CA  . ALA A 1 82  ? 12.672  4.664   -7.467  1.00 15.48 ? 82  ALA A CA  1 
ATOM   589  C  C   . ALA A 1 82  ? 11.320  5.372   -7.512  1.00 14.02 ? 82  ALA A C   1 
ATOM   590  O  O   . ALA A 1 82  ? 11.125  6.314   -8.277  1.00 12.68 ? 82  ALA A O   1 
ATOM   591  C  CB  . ALA A 1 82  ? 13.130  4.321   -8.880  1.00 18.74 ? 82  ALA A CB  1 
ATOM   592  N  N   . ALA A 1 83  ? 10.383  4.913   -6.693  1.00 12.06 ? 83  ALA A N   1 
ATOM   593  C  CA  . ALA A 1 83  ? 9.065   5.531   -6.649  1.00 9.97  ? 83  ALA A CA  1 
ATOM   594  C  C   . ALA A 1 83  ? 9.159   6.897   -5.976  1.00 9.24  ? 83  ALA A C   1 
ATOM   595  O  O   . ALA A 1 83  ? 10.074  7.150   -5.189  1.00 9.57  ? 83  ALA A O   1 
ATOM   596  C  CB  . ALA A 1 83  ? 8.091   4.635   -5.877  1.00 10.97 ? 83  ALA A CB  1 
ATOM   597  N  N   . ASP A 1 84  ? 8.216   7.777   -6.295  1.00 7.10  ? 84  ASP A N   1 
ATOM   598  C  CA  . ASP A 1 84  ? 8.184   9.104   -5.697  1.00 9.28  ? 84  ASP A CA  1 
ATOM   599  C  C   . ASP A 1 84  ? 7.791   9.009   -4.227  1.00 9.37  ? 84  ASP A C   1 
ATOM   600  O  O   . ASP A 1 84  ? 8.116   9.881   -3.424  1.00 8.46  ? 84  ASP A O   1 
ATOM   601  C  CB  . ASP A 1 84  ? 7.205   9.987   -6.462  1.00 9.29  ? 84  ASP A CB  1 
ATOM   602  C  CG  . ASP A 1 84  ? 7.657   10.236  -7.885  1.00 12.85 ? 84  ASP A CG  1 
ATOM   603  O  OD1 . ASP A 1 84  ? 8.715   10.878  -8.061  1.00 12.67 ? 84  ASP A OD1 1 
ATOM   604  O  OD2 . ASP A 1 84  ? 6.972   9.777   -8.821  1.00 14.88 ? 84  ASP A OD2 1 
ATOM   605  N  N   . LEU A 1 85  ? 7.091   7.937   -3.875  1.00 8.94  ? 85  LEU A N   1 
ATOM   606  C  CA  . LEU A 1 85  ? 6.692   7.727   -2.489  1.00 8.73  ? 85  LEU A CA  1 
ATOM   607  C  C   . LEU A 1 85  ? 6.592   6.242   -2.188  1.00 8.53  ? 85  LEU A C   1 
ATOM   608  O  O   . LEU A 1 85  ? 5.980   5.489   -2.947  1.00 7.74  ? 85  LEU A O   1 
ATOM   609  C  CB  . LEU A 1 85  ? 5.338   8.389   -2.190  1.00 8.75  ? 85  LEU A CB  1 
ATOM   610  C  CG  . LEU A 1 85  ? 4.871   8.172   -0.743  1.00 9.55  ? 85  LEU A CG  1 
ATOM   611  C  CD1 . LEU A 1 85  ? 5.825   8.898   0.206   1.00 9.66  ? 85  LEU A CD1 1 
ATOM   612  C  CD2 . LEU A 1 85  ? 3.445   8.684   -0.552  1.00 10.61 ? 85  LEU A CD2 1 
ATOM   613  N  N   . LEU A 1 86  ? 7.211   5.827   -1.084  1.00 7.24  ? 86  LEU A N   1 
ATOM   614  C  CA  . LEU A 1 86  ? 7.172   4.433   -0.649  1.00 9.02  ? 86  LEU A CA  1 
ATOM   615  C  C   . LEU A 1 86  ? 6.290   4.410   0.593   1.00 7.42  ? 86  LEU A C   1 
ATOM   616  O  O   . LEU A 1 86  ? 6.650   4.987   1.619   1.00 7.45  ? 86  LEU A O   1 
ATOM   617  C  CB  . LEU A 1 86  ? 8.571   3.933   -0.270  1.00 10.64 ? 86  LEU A CB  1 
ATOM   618  C  CG  . LEU A 1 86  ? 9.666   3.660   -1.311  1.00 14.18 ? 86  LEU A CG  1 
ATOM   619  C  CD1 . LEU A 1 86  ? 9.308   2.432   -2.102  1.00 16.18 ? 86  LEU A CD1 1 
ATOM   620  C  CD2 . LEU A 1 86  ? 9.875   4.861   -2.213  1.00 12.79 ? 86  LEU A CD2 1 
ATOM   621  N  N   . VAL A 1 87  ? 5.144   3.742   0.505   1.00 7.73  ? 87  VAL A N   1 
ATOM   622  C  CA  . VAL A 1 87  ? 4.216   3.674   1.629   1.00 6.69  ? 87  VAL A CA  1 
ATOM   623  C  C   . VAL A 1 87  ? 4.363   2.378   2.416   1.00 7.16  ? 87  VAL A C   1 
ATOM   624  O  O   . VAL A 1 87  ? 4.001   1.304   1.940   1.00 8.53  ? 87  VAL A O   1 
ATOM   625  C  CB  . VAL A 1 87  ? 2.758   3.820   1.141   1.00 5.92  ? 87  VAL A CB  1 
ATOM   626  C  CG1 . VAL A 1 87  ? 1.799   3.820   2.331   1.00 5.15  ? 87  VAL A CG1 1 
ATOM   627  C  CG2 . VAL A 1 87  ? 2.618   5.113   0.340   1.00 6.07  ? 87  VAL A CG2 1 
ATOM   628  N  N   . ALA A 1 88  ? 4.896   2.494   3.628   1.00 7.30  ? 88  ALA A N   1 
ATOM   629  C  CA  . ALA A 1 88  ? 5.112   1.339   4.493   1.00 7.49  ? 88  ALA A CA  1 
ATOM   630  C  C   . ALA A 1 88  ? 3.836   0.966   5.233   1.00 7.41  ? 88  ALA A C   1 
ATOM   631  O  O   . ALA A 1 88  ? 3.144   1.835   5.758   1.00 7.79  ? 88  ALA A O   1 
ATOM   632  C  CB  . ALA A 1 88  ? 6.231   1.639   5.502   1.00 8.24  ? 88  ALA A CB  1 
ATOM   633  N  N   . LEU A 1 89  ? 3.528   -0.326  5.279   1.00 7.34  ? 89  LEU A N   1 
ATOM   634  C  CA  . LEU A 1 89  ? 2.329   -0.778  5.972   1.00 7.37  ? 89  LEU A CA  1 
ATOM   635  C  C   . LEU A 1 89  ? 2.532   -0.730  7.487   1.00 7.64  ? 89  LEU A C   1 
ATOM   636  O  O   . LEU A 1 89  ? 1.614   -0.364  8.229   1.00 7.39  ? 89  LEU A O   1 
ATOM   637  C  CB  . LEU A 1 89  ? 1.926   -2.174  5.488   1.00 5.93  ? 89  LEU A CB  1 
ATOM   638  C  CG  . LEU A 1 89  ? 0.947   -2.174  4.294   1.00 8.46  ? 89  LEU A CG  1 
ATOM   639  C  CD1 . LEU A 1 89  ? -0.425  -1.680  4.747   1.00 7.79  ? 89  LEU A CD1 1 
ATOM   640  C  CD2 . LEU A 1 89  ? 1.467   -1.290  3.167   1.00 9.02  ? 89  LEU A CD2 1 
ATOM   641  N  N   . ASP A 1 90  ? 3.725   -1.093  7.953   1.00 8.67  ? 90  ASP A N   1 
ATOM   642  C  CA  . ASP A 1 90  ? 4.009   -0.996  9.384   1.00 9.68  ? 90  ASP A CA  1 
ATOM   643  C  C   . ASP A 1 90  ? 5.387   -0.383  9.633   1.00 10.75 ? 90  ASP A C   1 
ATOM   644  O  O   . ASP A 1 90  ? 6.149   -0.138  8.692   1.00 10.80 ? 90  ASP A O   1 
ATOM   645  C  CB  . ASP A 1 90  ? 3.840   -2.348  10.113  1.00 7.87  ? 90  ASP A CB  1 
ATOM   646  C  CG  . ASP A 1 90  ? 4.897   -3.379  9.749   1.00 9.02  ? 90  ASP A CG  1 
ATOM   647  O  OD1 . ASP A 1 90  ? 6.053   -3.010  9.470   1.00 11.91 ? 90  ASP A OD1 1 
ATOM   648  O  OD2 . ASP A 1 90  ? 4.563   -4.582  9.779   1.00 9.73  ? 90  ASP A OD2 1 
ATOM   649  N  N   . ARG A 1 91  ? 5.697   -0.116  10.898  1.00 10.54 ? 91  ARG A N   1 
ATOM   650  C  CA  . ARG A 1 91  ? 6.961   0.515   11.262  1.00 11.06 ? 91  ARG A CA  1 
ATOM   651  C  C   . ARG A 1 91  ? 8.211   -0.290  10.918  1.00 10.46 ? 91  ARG A C   1 
ATOM   652  O  O   . ARG A 1 91  ? 9.293   0.279   10.757  1.00 8.38  ? 91  ARG A O   1 
ATOM   653  C  CB  . ARG A 1 91  ? 6.947   0.873   12.753  1.00 13.44 ? 91  ARG A CB  1 
ATOM   654  C  CG  . ARG A 1 91  ? 6.803   -0.313  13.692  1.00 18.75 ? 91  ARG A CG  1 
ATOM   655  C  CD  . ARG A 1 91  ? 6.054   0.092   14.956  1.00 24.25 ? 91  ARG A CD  1 
ATOM   656  N  NE  . ARG A 1 91  ? 6.535   1.363   15.494  1.00 27.27 ? 91  ARG A NE  1 
ATOM   657  C  CZ  . ARG A 1 91  ? 5.944   2.029   16.482  1.00 29.20 ? 91  ARG A CZ  1 
ATOM   658  N  NH1 . ARG A 1 91  ? 4.842   1.547   17.048  1.00 27.80 ? 91  ARG A NH1 1 
ATOM   659  N  NH2 . ARG A 1 91  ? 6.454   3.179   16.905  1.00 29.66 ? 91  ARG A NH2 1 
ATOM   660  N  N   . ASN A 1 92  ? 8.064   -1.607  10.806  1.00 9.27  ? 92  ASN A N   1 
ATOM   661  C  CA  . ASN A 1 92  ? 9.186   -2.471  10.453  1.00 9.32  ? 92  ASN A CA  1 
ATOM   662  C  C   . ASN A 1 92  ? 9.544   -2.226  8.985   1.00 9.11  ? 92  ASN A C   1 
ATOM   663  O  O   . ASN A 1 92  ? 10.716  -2.115  8.620   1.00 7.80  ? 92  ASN A O   1 
ATOM   664  C  CB  . ASN A 1 92  ? 8.806   -3.939  10.650  1.00 9.55  ? 92  ASN A CB  1 
ATOM   665  C  CG  . ASN A 1 92  ? 9.950   -4.883  10.343  1.00 10.67 ? 92  ASN A CG  1 
ATOM   666  O  OD1 . ASN A 1 92  ? 9.769   -5.897  9.670   1.00 13.52 ? 92  ASN A OD1 1 
ATOM   667  N  ND2 . ASN A 1 92  ? 11.136  -4.561  10.845  1.00 10.29 ? 92  ASN A ND2 1 
ATOM   668  N  N   . HIS A 1 93  ? 8.522   -2.147  8.142   1.00 9.26  ? 93  HIS A N   1 
ATOM   669  C  CA  . HIS A 1 93  ? 8.731   -1.896  6.722   1.00 8.97  ? 93  HIS A CA  1 
ATOM   670  C  C   . HIS A 1 93  ? 9.414   -0.539  6.551   1.00 9.16  ? 93  HIS A C   1 
ATOM   671  O  O   . HIS A 1 93  ? 10.344  -0.397  5.759   1.00 9.20  ? 93  HIS A O   1 
ATOM   672  C  CB  . HIS A 1 93  ? 7.388   -1.910  5.990   1.00 8.45  ? 93  HIS A CB  1 
ATOM   673  C  CG  . HIS A 1 93  ? 6.605   -3.169  6.202   1.00 7.38  ? 93  HIS A CG  1 
ATOM   674  N  ND1 . HIS A 1 93  ? 5.252   -3.167  6.474   1.00 8.94  ? 93  HIS A ND1 1 
ATOM   675  C  CD2 . HIS A 1 93  ? 6.986   -4.469  6.199   1.00 8.31  ? 93  HIS A CD2 1 
ATOM   676  C  CE1 . HIS A 1 93  ? 4.836   -4.411  6.631   1.00 6.92  ? 93  HIS A CE1 1 
ATOM   677  N  NE2 . HIS A 1 93  ? 5.868   -5.220  6.470   1.00 6.37  ? 93  HIS A NE2 1 
ATOM   678  N  N   . ALA A 1 94  ? 8.959   0.456   7.308   1.00 8.49  ? 94  ALA A N   1 
ATOM   679  C  CA  . ALA A 1 94  ? 9.535   1.793   7.224   1.00 9.04  ? 94  ALA A CA  1 
ATOM   680  C  C   . ALA A 1 94  ? 11.025  1.816   7.580   1.00 9.94  ? 94  ALA A C   1 
ATOM   681  O  O   . ALA A 1 94  ? 11.826  2.428   6.877   1.00 9.11  ? 94  ALA A O   1 
ATOM   682  C  CB  . ALA A 1 94  ? 8.768   2.748   8.133   1.00 10.11 ? 94  ALA A CB  1 
ATOM   683  N  N   . ARG A 1 95  ? 11.405  1.158   8.671   1.00 9.51  ? 95  ARG A N   1 
ATOM   684  C  CA  . ARG A 1 95  ? 12.812  1.165   9.056   1.00 10.12 ? 95  ARG A CA  1 
ATOM   685  C  C   . ARG A 1 95  ? 13.678  0.405   8.049   1.00 9.87  ? 95  ARG A C   1 
ATOM   686  O  O   . ARG A 1 95  ? 14.831  0.771   7.819   1.00 10.07 ? 95  ARG A O   1 
ATOM   687  C  CB  . ARG A 1 95  ? 12.980  0.615   10.479  1.00 12.81 ? 95  ARG A CB  1 
ATOM   688  C  CG  . ARG A 1 95  ? 12.609  -0.832  10.658  1.00 14.94 ? 95  ARG A CG  1 
ATOM   689  C  CD  . ARG A 1 95  ? 13.853  -1.697  10.733  1.00 15.56 ? 95  ARG A CD  1 
ATOM   690  N  NE  . ARG A 1 95  ? 13.496  -3.108  10.757  1.00 16.71 ? 95  ARG A NE  1 
ATOM   691  C  CZ  . ARG A 1 95  ? 14.368  -4.103  10.664  1.00 16.08 ? 95  ARG A CZ  1 
ATOM   692  N  NH1 . ARG A 1 95  ? 15.666  -3.847  10.543  1.00 13.41 ? 95  ARG A NH1 1 
ATOM   693  N  NH2 . ARG A 1 95  ? 13.934  -5.355  10.672  1.00 16.40 ? 95  ARG A NH2 1 
ATOM   694  N  N   . LEU A 1 96  ? 13.129  -0.638  7.431   1.00 8.51  ? 96  LEU A N   1 
ATOM   695  C  CA  . LEU A 1 96  ? 13.888  -1.393  6.437   1.00 8.71  ? 96  LEU A CA  1 
ATOM   696  C  C   . LEU A 1 96  ? 14.130  -0.533  5.195   1.00 10.60 ? 96  LEU A C   1 
ATOM   697  O  O   . LEU A 1 96  ? 15.244  -0.481  4.670   1.00 9.83  ? 96  LEU A O   1 
ATOM   698  C  CB  . LEU A 1 96  ? 13.151  -2.679  6.048   1.00 8.56  ? 96  LEU A CB  1 
ATOM   699  C  CG  . LEU A 1 96  ? 13.154  -3.772  7.120   1.00 7.94  ? 96  LEU A CG  1 
ATOM   700  C  CD1 . LEU A 1 96  ? 12.291  -4.943  6.671   1.00 9.34  ? 96  LEU A CD1 1 
ATOM   701  C  CD2 . LEU A 1 96  ? 14.583  -4.218  7.385   1.00 7.87  ? 96  LEU A CD2 1 
ATOM   702  N  N   . LEU A 1 97  ? 13.087  0.153   4.733   1.00 9.88  ? 97  LEU A N   1 
ATOM   703  C  CA  . LEU A 1 97  ? 13.214  1.013   3.560   1.00 10.08 ? 97  LEU A CA  1 
ATOM   704  C  C   . LEU A 1 97  ? 14.147  2.181   3.873   1.00 11.10 ? 97  LEU A C   1 
ATOM   705  O  O   . LEU A 1 97  ? 14.920  2.621   3.023   1.00 10.67 ? 97  LEU A O   1 
ATOM   706  C  CB  . LEU A 1 97  ? 11.839  1.541   3.139   1.00 8.75  ? 97  LEU A CB  1 
ATOM   707  C  CG  . LEU A 1 97  ? 10.827  0.485   2.677   1.00 11.21 ? 97  LEU A CG  1 
ATOM   708  C  CD1 . LEU A 1 97  ? 9.458   1.131   2.501   1.00 10.20 ? 97  LEU A CD1 1 
ATOM   709  C  CD2 . LEU A 1 97  ? 11.296  -0.153  1.376   1.00 10.39 ? 97  LEU A CD2 1 
ATOM   710  N  N   . ARG A 1 98  ? 14.072  2.676   5.103   1.00 11.44 ? 98  ARG A N   1 
ATOM   711  C  CA  . ARG A 1 98  ? 14.920  3.779   5.530   1.00 14.61 ? 98  ARG A CA  1 
ATOM   712  C  C   . ARG A 1 98  ? 16.384  3.326   5.521   1.00 14.75 ? 98  ARG A C   1 
ATOM   713  O  O   . ARG A 1 98  ? 17.256  3.982   4.945   1.00 12.11 ? 98  ARG A O   1 
ATOM   714  C  CB  . ARG A 1 98  ? 14.521  4.210   6.941   1.00 17.68 ? 98  ARG A CB  1 
ATOM   715  C  CG  . ARG A 1 98  ? 14.939  5.611   7.304   1.00 25.72 ? 98  ARG A CG  1 
ATOM   716  C  CD  . ARG A 1 98  ? 14.128  6.643   6.538   1.00 26.21 ? 98  ARG A CD  1 
ATOM   717  N  NE  . ARG A 1 98  ? 14.706  7.974   6.680   1.00 30.78 ? 98  ARG A NE  1 
ATOM   718  C  CZ  . ARG A 1 98  ? 15.931  8.302   6.278   1.00 31.88 ? 98  ARG A CZ  1 
ATOM   719  N  NH1 . ARG A 1 98  ? 16.710  7.393   5.706   1.00 32.30 ? 98  ARG A NH1 1 
ATOM   720  N  NH2 . ARG A 1 98  ? 16.379  9.541   6.443   1.00 34.60 ? 98  ARG A NH2 1 
ATOM   721  N  N   . GLN A 1 99  ? 16.642  2.190   6.160   1.00 15.22 ? 99  GLN A N   1 
ATOM   722  C  CA  . GLN A 1 99  ? 17.990  1.636   6.245   1.00 17.02 ? 99  GLN A CA  1 
ATOM   723  C  C   . GLN A 1 99  ? 18.536  1.209   4.880   1.00 17.27 ? 99  GLN A C   1 
ATOM   724  O  O   . GLN A 1 99  ? 19.741  1.007   4.712   1.00 18.05 ? 99  GLN A O   1 
ATOM   725  C  CB  . GLN A 1 99  ? 17.988  0.460   7.227   1.00 17.07 ? 99  GLN A CB  1 
ATOM   726  C  CG  . GLN A 1 99  ? 17.782  0.913   8.671   1.00 19.12 ? 99  GLN A CG  1 
ATOM   727  C  CD  . GLN A 1 99  ? 17.532  -0.227  9.643   1.00 20.63 ? 99  GLN A CD  1 
ATOM   728  O  OE1 . GLN A 1 99  ? 17.512  -0.019  10.861  1.00 24.21 ? 99  GLN A OE1 1 
ATOM   729  N  NE2 . GLN A 1 99  ? 17.329  -1.429  9.118   1.00 20.23 ? 99  GLN A NE2 1 
ATOM   730  N  N   . LEU A 1 100 ? 17.645  1.094   3.905   1.00 17.88 ? 100 LEU A N   1 
ATOM   731  C  CA  . LEU A 1 100 ? 18.025  0.704   2.557   1.00 17.89 ? 100 LEU A CA  1 
ATOM   732  C  C   . LEU A 1 100 ? 18.556  1.912   1.781   1.00 18.27 ? 100 LEU A C   1 
ATOM   733  O  O   . LEU A 1 100 ? 19.127  1.765   0.701   1.00 18.58 ? 100 LEU A O   1 
ATOM   734  C  CB  . LEU A 1 100 ? 16.819  0.095   1.839   1.00 20.72 ? 100 LEU A CB  1 
ATOM   735  C  CG  . LEU A 1 100 ? 17.036  -0.691  0.544   1.00 25.05 ? 100 LEU A CG  1 
ATOM   736  C  CD1 . LEU A 1 100 ? 18.111  -1.755  0.732   1.00 23.29 ? 100 LEU A CD1 1 
ATOM   737  C  CD2 . LEU A 1 100 ? 15.719  -1.335  0.139   1.00 26.24 ? 100 LEU A CD2 1 
ATOM   738  N  N   . GLY A 1 101 ? 18.357  3.106   2.330   1.00 17.14 ? 101 GLY A N   1 
ATOM   739  C  CA  . GLY A 1 101 ? 18.846  4.303   1.668   1.00 16.08 ? 101 GLY A CA  1 
ATOM   740  C  C   . GLY A 1 101 ? 17.794  5.295   1.209   1.00 14.93 ? 101 GLY A C   1 
ATOM   741  O  O   . GLY A 1 101 ? 18.136  6.329   0.637   1.00 16.03 ? 101 GLY A O   1 
ATOM   742  N  N   . VAL A 1 102 ? 16.521  4.995   1.441   1.00 11.79 ? 102 VAL A N   1 
ATOM   743  C  CA  . VAL A 1 102 ? 15.463  5.916   1.037   1.00 10.44 ? 102 VAL A CA  1 
ATOM   744  C  C   . VAL A 1 102 ? 15.329  6.996   2.104   1.00 9.59  ? 102 VAL A C   1 
ATOM   745  O  O   . VAL A 1 102 ? 15.139  6.683   3.277   1.00 8.75  ? 102 VAL A O   1 
ATOM   746  C  CB  . VAL A 1 102 ? 14.115  5.186   0.880   1.00 9.77  ? 102 VAL A CB  1 
ATOM   747  C  CG1 . VAL A 1 102 ? 13.060  6.150   0.355   1.00 9.50  ? 102 VAL A CG1 1 
ATOM   748  C  CG2 . VAL A 1 102 ? 14.281  3.993   -0.059  1.00 7.70  ? 102 VAL A CG2 1 
ATOM   749  N  N   . GLU A 1 103 ? 15.436  8.262   1.702   1.00 8.74  ? 103 GLU A N   1 
ATOM   750  C  CA  . GLU A 1 103 ? 15.336  9.365   2.656   1.00 9.91  ? 103 GLU A CA  1 
ATOM   751  C  C   . GLU A 1 103 ? 13.956  9.398   3.316   1.00 9.95  ? 103 GLU A C   1 
ATOM   752  O  O   . GLU A 1 103 ? 12.962  8.974   2.725   1.00 9.20  ? 103 GLU A O   1 
ATOM   753  C  CB  . GLU A 1 103 ? 15.630  10.709  1.974   1.00 10.44 ? 103 GLU A CB  1 
ATOM   754  C  CG  . GLU A 1 103 ? 14.549  11.192  1.028   1.00 10.70 ? 103 GLU A CG  1 
ATOM   755  C  CD  . GLU A 1 103 ? 14.728  10.702  -0.392  1.00 11.19 ? 103 GLU A CD  1 
ATOM   756  O  OE1 . GLU A 1 103 ? 15.431  9.691   -0.614  1.00 9.17  ? 103 GLU A OE1 1 
ATOM   757  O  OE2 . GLU A 1 103 ? 14.144  11.333  -1.295  1.00 14.63 ? 103 GLU A OE2 1 
ATOM   758  N  N   . ALA A 1 104 ? 13.911  9.904   4.544   1.00 11.09 ? 104 ALA A N   1 
ATOM   759  C  CA  . ALA A 1 104 ? 12.678  9.979   5.326   1.00 12.57 ? 104 ALA A CA  1 
ATOM   760  C  C   . ALA A 1 104 ? 11.450  10.537  4.603   1.00 12.49 ? 104 ALA A C   1 
ATOM   761  O  O   . ALA A 1 104 ? 10.348  10.009  4.750   1.00 12.38 ? 104 ALA A O   1 
ATOM   762  C  CB  . ALA A 1 104 ? 12.933  10.781  6.608   1.00 14.44 ? 104 ALA A CB  1 
ATOM   763  N  N   . ALA A 1 105 ? 11.631  11.598  3.823   1.00 11.04 ? 105 ALA A N   1 
ATOM   764  C  CA  . ALA A 1 105 ? 10.509  12.210  3.115   1.00 12.12 ? 105 ALA A CA  1 
ATOM   765  C  C   . ALA A 1 105 ? 9.804   11.266  2.136   1.00 12.37 ? 105 ALA A C   1 
ATOM   766  O  O   . ALA A 1 105 ? 8.616   11.445  1.842   1.00 13.19 ? 105 ALA A O   1 
ATOM   767  C  CB  . ALA A 1 105 ? 10.979  13.462  2.380   1.00 12.67 ? 105 ALA A CB  1 
ATOM   768  N  N   . ARG A 1 106 ? 10.527  10.266  1.638   1.00 8.98  ? 106 ARG A N   1 
ATOM   769  C  CA  . ARG A 1 106 ? 9.960   9.312   0.685   1.00 11.24 ? 106 ARG A CA  1 
ATOM   770  C  C   . ARG A 1 106 ? 9.476   8.007   1.313   1.00 10.15 ? 106 ARG A C   1 
ATOM   771  O  O   . ARG A 1 106 ? 9.040   7.096   0.606   1.00 10.52 ? 106 ARG A O   1 
ATOM   772  C  CB  . ARG A 1 106 ? 10.972  9.002   -0.425  1.00 11.80 ? 106 ARG A CB  1 
ATOM   773  C  CG  . ARG A 1 106 ? 11.182  10.126  -1.423  1.00 17.88 ? 106 ARG A CG  1 
ATOM   774  C  CD  . ARG A 1 106 ? 12.333  9.788   -2.365  1.00 19.01 ? 106 ARG A CD  1 
ATOM   775  N  NE  . ARG A 1 106 ? 12.095  8.541   -3.064  1.00 19.46 ? 106 ARG A NE  1 
ATOM   776  C  CZ  . ARG A 1 106 ? 13.011  7.608   -3.291  1.00 16.17 ? 106 ARG A CZ  1 
ATOM   777  N  NH1 . ARG A 1 106 ? 14.267  7.755   -2.875  1.00 13.50 ? 106 ARG A NH1 1 
ATOM   778  N  NH2 . ARG A 1 106 ? 12.658  6.515   -3.943  1.00 14.33 ? 106 ARG A NH2 1 
ATOM   779  N  N   . VAL A 1 107 ? 9.567   7.908   2.636   1.00 8.24  ? 107 VAL A N   1 
ATOM   780  C  CA  . VAL A 1 107 ? 9.094   6.722   3.339   1.00 8.37  ? 107 VAL A CA  1 
ATOM   781  C  C   . VAL A 1 107 ? 8.061   7.171   4.353   1.00 10.09 ? 107 VAL A C   1 
ATOM   782  O  O   . VAL A 1 107 ? 8.394   7.814   5.348   1.00 10.41 ? 107 VAL A O   1 
ATOM   783  C  CB  . VAL A 1 107 ? 10.217  5.981   4.101   1.00 10.10 ? 107 VAL A CB  1 
ATOM   784  C  CG1 . VAL A 1 107 ? 9.628   4.767   4.817   1.00 9.36  ? 107 VAL A CG1 1 
ATOM   785  C  CG2 . VAL A 1 107 ? 11.306  5.537   3.138   1.00 9.36  ? 107 VAL A CG2 1 
ATOM   786  N  N   . ARG A 1 108 ? 6.800   6.850   4.094   1.00 9.06  ? 108 ARG A N   1 
ATOM   787  C  CA  . ARG A 1 108 ? 5.740   7.223   5.015   1.00 10.30 ? 108 ARG A CA  1 
ATOM   788  C  C   . ARG A 1 108 ? 4.816   6.055   5.302   1.00 9.08  ? 108 ARG A C   1 
ATOM   789  O  O   . ARG A 1 108 ? 4.478   5.284   4.410   1.00 9.28  ? 108 ARG A O   1 
ATOM   790  C  CB  . ARG A 1 108 ? 4.943   8.401   4.461   1.00 13.76 ? 108 ARG A CB  1 
ATOM   791  C  CG  . ARG A 1 108 ? 5.735   9.694   4.480   1.00 19.35 ? 108 ARG A CG  1 
ATOM   792  C  CD  . ARG A 1 108 ? 4.838   10.878  4.291   1.00 24.62 ? 108 ARG A CD  1 
ATOM   793  N  NE  . ARG A 1 108 ? 3.741   10.882  5.251   1.00 25.47 ? 108 ARG A NE  1 
ATOM   794  C  CZ  . ARG A 1 108 ? 2.763   11.777  5.239   1.00 23.92 ? 108 ARG A CZ  1 
ATOM   795  N  NH1 . ARG A 1 108 ? 2.763   12.733  4.321   1.00 28.38 ? 108 ARG A NH1 1 
ATOM   796  N  NH2 . ARG A 1 108 ? 1.782   11.709  6.126   1.00 23.30 ? 108 ARG A NH2 1 
ATOM   797  N  N   . MET A 1 109 ? 4.417   5.924   6.558   1.00 8.51  ? 109 MET A N   1 
ATOM   798  C  CA  . MET A 1 109 ? 3.525   4.839   6.932   1.00 8.75  ? 109 MET A CA  1 
ATOM   799  C  C   . MET A 1 109 ? 2.116   5.159   6.454   1.00 8.46  ? 109 MET A C   1 
ATOM   800  O  O   . MET A 1 109 ? 1.653   6.297   6.558   1.00 7.95  ? 109 MET A O   1 
ATOM   801  C  CB  . MET A 1 109 ? 3.579   4.627   8.443   1.00 9.96  ? 109 MET A CB  1 
ATOM   802  C  CG  . MET A 1 109 ? 4.875   3.934   8.869   1.00 14.05 ? 109 MET A CG  1 
ATOM   803  S  SD  . MET A 1 109 ? 5.127   3.848   10.626  1.00 20.95 ? 109 MET A SD  1 
ATOM   804  C  CE  . MET A 1 109 ? 3.734   2.824   11.112  1.00 16.48 ? 109 MET A CE  1 
ATOM   805  N  N   . LEU A 1 110 ? 1.442   4.152   5.910   1.00 6.80  ? 110 LEU A N   1 
ATOM   806  C  CA  . LEU A 1 110 ? 0.101   4.349   5.386   1.00 6.27  ? 110 LEU A CA  1 
ATOM   807  C  C   . LEU A 1 110 ? -0.819  5.111   6.331   1.00 5.37  ? 110 LEU A C   1 
ATOM   808  O  O   . LEU A 1 110 ? -1.434  6.099   5.942   1.00 6.88  ? 110 LEU A O   1 
ATOM   809  C  CB  . LEU A 1 110 ? -0.542  3.005   5.033   1.00 6.49  ? 110 LEU A CB  1 
ATOM   810  C  CG  . LEU A 1 110 ? -2.014  3.119   4.610   1.00 5.70  ? 110 LEU A CG  1 
ATOM   811  C  CD1 . LEU A 1 110 ? -2.139  4.069   3.419   1.00 4.92  ? 110 LEU A CD1 1 
ATOM   812  C  CD2 . LEU A 1 110 ? -2.559  1.740   4.267   1.00 6.73  ? 110 LEU A CD2 1 
ATOM   813  N  N   . ARG A 1 111 ? -0.897  4.671   7.580   1.00 5.81  ? 111 ARG A N   1 
ATOM   814  C  CA  . ARG A 1 111 ? -1.793  5.317   8.526   1.00 6.14  ? 111 ARG A CA  1 
ATOM   815  C  C   . ARG A 1 111 ? -1.457  6.760   8.891   1.00 7.02  ? 111 ARG A C   1 
ATOM   816  O  O   . ARG A 1 111 ? -2.251  7.433   9.542   1.00 7.20  ? 111 ARG A O   1 
ATOM   817  C  CB  . ARG A 1 111 ? -1.952  4.438   9.771   1.00 4.75  ? 111 ARG A CB  1 
ATOM   818  C  CG  . ARG A 1 111 ? -2.445  3.043   9.395   1.00 7.12  ? 111 ARG A CG  1 
ATOM   819  C  CD  . ARG A 1 111 ? -2.869  2.215   10.590  1.00 7.27  ? 111 ARG A CD  1 
ATOM   820  N  NE  . ARG A 1 111 ? -4.091  2.743   11.190  1.00 8.29  ? 111 ARG A NE  1 
ATOM   821  C  CZ  . ARG A 1 111 ? -4.746  2.145   12.178  1.00 10.45 ? 111 ARG A CZ  1 
ATOM   822  N  NH1 . ARG A 1 111 ? -4.289  1.003   12.679  1.00 6.11  ? 111 ARG A NH1 1 
ATOM   823  N  NH2 . ARG A 1 111 ? -5.871  2.674   12.646  1.00 5.67  ? 111 ARG A NH2 1 
ATOM   824  N  N   . SER A 1 112 ? -0.297  7.248   8.459   1.00 8.36  ? 112 SER A N   1 
ATOM   825  C  CA  . SER A 1 112 ? 0.057   8.638   8.734   1.00 7.52  ? 112 SER A CA  1 
ATOM   826  C  C   . SER A 1 112 ? -0.823  9.507   7.832   1.00 6.87  ? 112 SER A C   1 
ATOM   827  O  O   . SER A 1 112 ? -0.915  10.720  8.023   1.00 6.01  ? 112 SER A O   1 
ATOM   828  C  CB  . SER A 1 112 ? 1.533   8.911   8.418   1.00 7.59  ? 112 SER A CB  1 
ATOM   829  O  OG  . SER A 1 112 ? 1.763   8.942   7.016   1.00 8.73  ? 112 SER A OG  1 
ATOM   830  N  N   . PHE A 1 113 ? -1.468  8.880   6.850   1.00 5.92  ? 113 PHE A N   1 
ATOM   831  C  CA  . PHE A 1 113 ? -2.329  9.612   5.929   1.00 7.65  ? 113 PHE A CA  1 
ATOM   832  C  C   . PHE A 1 113 ? -3.784  9.653   6.383   1.00 7.50  ? 113 PHE A C   1 
ATOM   833  O  O   . PHE A 1 113 ? -4.606  10.358  5.795   1.00 6.89  ? 113 PHE A O   1 
ATOM   834  C  CB  . PHE A 1 113 ? -2.235  9.025   4.516   1.00 7.75  ? 113 PHE A CB  1 
ATOM   835  C  CG  . PHE A 1 113 ? -0.910  9.275   3.849   1.00 8.72  ? 113 PHE A CG  1 
ATOM   836  C  CD1 . PHE A 1 113 ? 0.068   8.285   3.815   1.00 10.29 ? 113 PHE A CD1 1 
ATOM   837  C  CD2 . PHE A 1 113 ? -0.631  10.512  3.276   1.00 10.24 ? 113 PHE A CD2 1 
ATOM   838  C  CE1 . PHE A 1 113 ? 1.308   8.524   3.219   1.00 11.35 ? 113 PHE A CE1 1 
ATOM   839  C  CE2 . PHE A 1 113 ? 0.608   10.762  2.675   1.00 9.13  ? 113 PHE A CE2 1 
ATOM   840  C  CZ  . PHE A 1 113 ? 1.578   9.764   2.648   1.00 9.37  ? 113 PHE A CZ  1 
ATOM   841  N  N   . ASP A 1 114 ? -4.099  8.893   7.428   1.00 7.50  ? 114 ASP A N   1 
ATOM   842  C  CA  . ASP A 1 114 ? -5.452  8.883   7.980   1.00 7.79  ? 114 ASP A CA  1 
ATOM   843  C  C   . ASP A 1 114 ? -5.653  10.283  8.557   1.00 8.28  ? 114 ASP A C   1 
ATOM   844  O  O   . ASP A 1 114 ? -4.800  10.788  9.285   1.00 10.17 ? 114 ASP A O   1 
ATOM   845  C  CB  . ASP A 1 114 ? -5.551  7.821   9.080   1.00 8.90  ? 114 ASP A CB  1 
ATOM   846  C  CG  . ASP A 1 114 ? -6.957  7.678   9.653   1.00 7.86  ? 114 ASP A CG  1 
ATOM   847  O  OD1 . ASP A 1 114 ? -7.365  6.526   9.901   1.00 7.30  ? 114 ASP A OD1 1 
ATOM   848  O  OD2 . ASP A 1 114 ? -7.644  8.696   9.877   1.00 10.12 ? 114 ASP A OD2 1 
ATOM   849  N  N   . PRO A 1 115 ? -6.776  10.935  8.229   1.00 9.28  ? 115 PRO A N   1 
ATOM   850  C  CA  . PRO A 1 115 ? -7.040  12.288  8.740   1.00 10.19 ? 115 PRO A CA  1 
ATOM   851  C  C   . PRO A 1 115 ? -7.035  12.417  10.263  1.00 12.42 ? 115 PRO A C   1 
ATOM   852  O  O   . PRO A 1 115 ? -6.900  13.519  10.800  1.00 12.22 ? 115 PRO A O   1 
ATOM   853  C  CB  . PRO A 1 115 ? -8.396  12.634  8.123   1.00 9.14  ? 115 PRO A CB  1 
ATOM   854  C  CG  . PRO A 1 115 ? -9.040  11.289  7.912   1.00 9.78  ? 115 PRO A CG  1 
ATOM   855  C  CD  . PRO A 1 115 ? -7.892  10.458  7.396   1.00 6.03  ? 115 PRO A CD  1 
ATOM   856  N  N   . ARG A 1 116 ? -7.173  11.290  10.953  1.00 12.64 ? 116 ARG A N   1 
ATOM   857  C  CA  . ARG A 1 116 ? -7.186  11.282  12.414  1.00 15.10 ? 116 ARG A CA  1 
ATOM   858  C  C   . ARG A 1 116 ? -5.811  10.947  12.987  1.00 16.06 ? 116 ARG A C   1 
ATOM   859  O  O   . ARG A 1 116 ? -5.644  10.846  14.201  1.00 16.22 ? 116 ARG A O   1 
ATOM   860  C  CB  . ARG A 1 116 ? -8.202  10.255  12.919  1.00 15.90 ? 116 ARG A CB  1 
ATOM   861  C  CG  . ARG A 1 116 ? -9.627  10.498  12.446  1.00 14.50 ? 116 ARG A CG  1 
ATOM   862  C  CD  . ARG A 1 116 ? -10.470 9.248   12.618  1.00 14.54 ? 116 ARG A CD  1 
ATOM   863  N  NE  . ARG A 1 116 ? -9.950  8.140   11.817  1.00 15.17 ? 116 ARG A NE  1 
ATOM   864  C  CZ  . ARG A 1 116 ? -10.440 6.904   11.840  1.00 14.72 ? 116 ARG A CZ  1 
ATOM   865  N  NH1 . ARG A 1 116 ? -11.469 6.613   12.626  1.00 14.32 ? 116 ARG A NH1 1 
ATOM   866  N  NH2 . ARG A 1 116 ? -9.896  5.955   11.086  1.00 12.20 ? 116 ARG A NH2 1 
ATOM   867  N  N   . SER A 1 117 ? -4.824  10.782  12.117  1.00 15.99 ? 117 SER A N   1 
ATOM   868  C  CA  . SER A 1 117 ? -3.491  10.423  12.579  1.00 18.14 ? 117 SER A CA  1 
ATOM   869  C  C   . SER A 1 117 ? -2.770  11.502  13.368  1.00 20.25 ? 117 SER A C   1 
ATOM   870  O  O   . SER A 1 117 ? -2.894  12.695  13.083  1.00 20.31 ? 117 SER A O   1 
ATOM   871  C  CB  . SER A 1 117 ? -2.610  10.010  11.401  1.00 17.43 ? 117 SER A CB  1 
ATOM   872  O  OG  . SER A 1 117 ? -1.309  9.683   11.861  1.00 19.72 ? 117 SER A OG  1 
ATOM   873  N  N   . GLY A 1 118 ? -2.016  11.064  14.370  1.00 21.79 ? 118 GLY A N   1 
ATOM   874  C  CA  . GLY A 1 118 ? -1.239  11.984  15.174  1.00 24.33 ? 118 GLY A CA  1 
ATOM   875  C  C   . GLY A 1 118 ? 0.187   11.907  14.664  1.00 25.53 ? 118 GLY A C   1 
ATOM   876  O  O   . GLY A 1 118 ? 0.451   11.237  13.664  1.00 25.49 ? 118 GLY A O   1 
ATOM   877  N  N   . THR A 1 119 ? 1.110   12.583  15.339  1.00 25.10 ? 119 THR A N   1 
ATOM   878  C  CA  . THR A 1 119 ? 2.510   12.563  14.932  1.00 25.46 ? 119 THR A CA  1 
ATOM   879  C  C   . THR A 1 119 ? 3.018   11.124  14.897  1.00 24.36 ? 119 THR A C   1 
ATOM   880  O  O   . THR A 1 119 ? 3.923   10.790  14.136  1.00 24.29 ? 119 THR A O   1 
ATOM   881  C  CB  . THR A 1 119 ? 3.388   13.372  15.908  1.00 25.82 ? 119 THR A CB  1 
ATOM   882  O  OG1 . THR A 1 119 ? 2.855   14.694  16.045  1.00 28.89 ? 119 THR A OG1 1 
ATOM   883  C  CG2 . THR A 1 119 ? 4.816   13.465  15.384  1.00 26.00 ? 119 THR A CG2 1 
ATOM   884  N  N   . HIS A 1 120 ? 2.427   10.275  15.730  1.00 23.91 ? 120 HIS A N   1 
ATOM   885  C  CA  . HIS A 1 120 ? 2.816   8.873   15.794  1.00 23.98 ? 120 HIS A CA  1 
ATOM   886  C  C   . HIS A 1 120 ? 1.905   8.042   14.892  1.00 22.31 ? 120 HIS A C   1 
ATOM   887  O  O   . HIS A 1 120 ? 0.719   7.860   15.180  1.00 23.87 ? 120 HIS A O   1 
ATOM   888  C  CB  . HIS A 1 120 ? 2.741   8.379   17.243  1.00 27.76 ? 120 HIS A CB  1 
ATOM   889  C  CG  . HIS A 1 120 ? 3.061   6.926   17.405  1.00 30.46 ? 120 HIS A CG  1 
ATOM   890  N  ND1 . HIS A 1 120 ? 2.161   5.927   17.099  1.00 32.73 ? 120 HIS A ND1 1 
ATOM   891  C  CD2 . HIS A 1 120 ? 4.186   6.303   17.828  1.00 31.39 ? 120 HIS A CD2 1 
ATOM   892  C  CE1 . HIS A 1 120 ? 2.719   4.751   17.327  1.00 32.55 ? 120 HIS A CE1 1 
ATOM   893  N  NE2 . HIS A 1 120 ? 3.948   4.951   17.769  1.00 33.57 ? 120 HIS A NE2 1 
ATOM   894  N  N   . ALA A 1 121 ? 2.466   7.550   13.792  1.00 17.91 ? 121 ALA A N   1 
ATOM   895  C  CA  . ALA A 1 121 ? 1.711   6.743   12.836  1.00 15.71 ? 121 ALA A CA  1 
ATOM   896  C  C   . ALA A 1 121 ? 1.521   5.320   13.345  1.00 13.34 ? 121 ALA A C   1 
ATOM   897  O  O   . ALA A 1 121 ? 2.458   4.704   13.848  1.00 13.11 ? 121 ALA A O   1 
ATOM   898  C  CB  . ALA A 1 121 ? 2.429   6.728   11.495  1.00 15.85 ? 121 ALA A CB  1 
ATOM   899  N  N   . LEU A 1 122 ? 0.303   4.803   13.200  1.00 11.91 ? 122 LEU A N   1 
ATOM   900  C  CA  . LEU A 1 122 ? -0.036  3.452   13.649  1.00 11.04 ? 122 LEU A CA  1 
ATOM   901  C  C   . LEU A 1 122 ? 0.260   2.390   12.590  1.00 10.05 ? 122 LEU A C   1 
ATOM   902  O  O   . LEU A 1 122 ? 0.248   2.675   11.393  1.00 9.04  ? 122 LEU A O   1 
ATOM   903  C  CB  . LEU A 1 122 ? -1.523  3.386   14.008  1.00 10.32 ? 122 LEU A CB  1 
ATOM   904  C  CG  . LEU A 1 122 ? -2.019  4.345   15.090  1.00 10.03 ? 122 LEU A CG  1 
ATOM   905  C  CD1 . LEU A 1 122 ? -3.534  4.267   15.189  1.00 13.45 ? 122 LEU A CD1 1 
ATOM   906  C  CD2 . LEU A 1 122 ? -1.372  3.986   16.413  1.00 11.10 ? 122 LEU A CD2 1 
ATOM   907  N  N   . ASP A 1 123 ? 0.521   1.166   13.039  1.00 9.08  ? 123 ASP A N   1 
ATOM   908  C  CA  . ASP A 1 123 ? 0.790   0.055   12.125  1.00 9.12  ? 123 ASP A CA  1 
ATOM   909  C  C   . ASP A 1 123 ? -0.512  -0.551  11.608  1.00 8.68  ? 123 ASP A C   1 
ATOM   910  O  O   . ASP A 1 123 ? -1.561  -0.456  12.250  1.00 9.13  ? 123 ASP A O   1 
ATOM   911  C  CB  . ASP A 1 123 ? 1.545   -1.083  12.828  1.00 10.02 ? 123 ASP A CB  1 
ATOM   912  C  CG  . ASP A 1 123 ? 2.975   -0.736  13.169  1.00 11.03 ? 123 ASP A CG  1 
ATOM   913  O  OD1 . ASP A 1 123 ? 3.545   0.171   12.534  1.00 11.76 ? 123 ASP A OD1 1 
ATOM   914  O  OD2 . ASP A 1 123 ? 3.537   -1.402  14.065  1.00 12.91 ? 123 ASP A OD2 1 
ATOM   915  N  N   . VAL A 1 124 ? -0.437  -1.166  10.435  1.00 8.98  ? 124 VAL A N   1 
ATOM   916  C  CA  . VAL A 1 124 ? -1.578  -1.877  9.877   1.00 7.70  ? 124 VAL A CA  1 
ATOM   917  C  C   . VAL A 1 124 ? -1.160  -3.309  10.206  1.00 7.88  ? 124 VAL A C   1 
ATOM   918  O  O   . VAL A 1 124 ? -0.068  -3.737  9.826   1.00 6.28  ? 124 VAL A O   1 
ATOM   919  C  CB  . VAL A 1 124 ? -1.686  -1.738  8.344   1.00 8.08  ? 124 VAL A CB  1 
ATOM   920  C  CG1 . VAL A 1 124 ? -2.786  -2.663  7.828   1.00 7.38  ? 124 VAL A CG1 1 
ATOM   921  C  CG2 . VAL A 1 124 ? -1.992  -0.295  7.961   1.00 6.94  ? 124 VAL A CG2 1 
ATOM   922  N  N   . GLU A 1 125 ? -2.001  -4.036  10.932  1.00 6.98  ? 125 GLU A N   1 
ATOM   923  C  CA  . GLU A 1 125 ? -1.670  -5.403  11.319  1.00 9.35  ? 125 GLU A CA  1 
ATOM   924  C  C   . GLU A 1 125 ? -1.766  -6.416  10.182  1.00 9.76  ? 125 GLU A C   1 
ATOM   925  O  O   . GLU A 1 125 ? -2.646  -6.331  9.329   1.00 9.72  ? 125 GLU A O   1 
ATOM   926  C  CB  . GLU A 1 125 ? -2.573  -5.852  12.474  1.00 10.15 ? 125 GLU A CB  1 
ATOM   927  C  CG  . GLU A 1 125 ? -2.428  -4.992  13.716  1.00 12.63 ? 125 GLU A CG  1 
ATOM   928  C  CD  . GLU A 1 125 ? -1.035  -5.063  14.314  1.00 12.56 ? 125 GLU A CD  1 
ATOM   929  O  OE1 . GLU A 1 125 ? -0.525  -4.013  14.754  1.00 12.23 ? 125 GLU A OE1 1 
ATOM   930  O  OE2 . GLU A 1 125 ? -0.455  -6.170  14.354  1.00 11.05 ? 125 GLU A OE2 1 
ATOM   931  N  N   . ASP A 1 126 ? -0.847  -7.378  10.187  1.00 10.62 ? 126 ASP A N   1 
ATOM   932  C  CA  . ASP A 1 126 ? -0.826  -8.441  9.186   1.00 11.49 ? 126 ASP A CA  1 
ATOM   933  C  C   . ASP A 1 126 ? -1.968  -9.401  9.522   1.00 10.27 ? 126 ASP A C   1 
ATOM   934  O  O   . ASP A 1 126 ? -2.039  -9.927  10.628  1.00 12.15 ? 126 ASP A O   1 
ATOM   935  C  CB  . ASP A 1 126 ? 0.524   -9.162  9.231   1.00 10.87 ? 126 ASP A CB  1 
ATOM   936  C  CG  . ASP A 1 126 ? 0.579   -10.368 8.305   1.00 13.02 ? 126 ASP A CG  1 
ATOM   937  O  OD1 . ASP A 1 126 ? -0.055  -10.340 7.234   1.00 12.25 ? 126 ASP A OD1 1 
ATOM   938  O  OD2 . ASP A 1 126 ? 1.279   -11.341 8.646   1.00 14.91 ? 126 ASP A OD2 1 
ATOM   939  N  N   . PRO A 1 127 ? -2.881  -9.635  8.568   1.00 11.34 ? 127 PRO A N   1 
ATOM   940  C  CA  . PRO A 1 127 ? -4.017  -10.531 8.797   1.00 12.84 ? 127 PRO A CA  1 
ATOM   941  C  C   . PRO A 1 127 ? -3.791  -11.999 8.449   1.00 14.05 ? 127 PRO A C   1 
ATOM   942  O  O   . PRO A 1 127 ? -4.653  -12.840 8.717   1.00 15.39 ? 127 PRO A O   1 
ATOM   943  C  CB  . PRO A 1 127 ? -5.096  -9.913  7.927   1.00 10.78 ? 127 PRO A CB  1 
ATOM   944  C  CG  . PRO A 1 127 ? -4.301  -9.524  6.710   1.00 12.32 ? 127 PRO A CG  1 
ATOM   945  C  CD  . PRO A 1 127 ? -3.052  -8.891  7.304   1.00 11.00 ? 127 PRO A CD  1 
ATOM   946  N  N   . TYR A 1 128 ? -2.637  -12.305 7.868   1.00 15.69 ? 128 TYR A N   1 
ATOM   947  C  CA  . TYR A 1 128 ? -2.336  -13.668 7.448   1.00 18.63 ? 128 TYR A CA  1 
ATOM   948  C  C   . TYR A 1 128 ? -2.751  -14.781 8.407   1.00 20.09 ? 128 TYR A C   1 
ATOM   949  O  O   . TYR A 1 128 ? -3.393  -15.746 7.991   1.00 20.40 ? 128 TYR A O   1 
ATOM   950  C  CB  . TYR A 1 128 ? -0.848  -13.821 7.131   1.00 20.16 ? 128 TYR A CB  1 
ATOM   951  C  CG  . TYR A 1 128 ? -0.555  -15.115 6.409   1.00 21.80 ? 128 TYR A CG  1 
ATOM   952  C  CD1 . TYR A 1 128 ? -1.008  -15.323 5.106   1.00 20.78 ? 128 TYR A CD1 1 
ATOM   953  C  CD2 . TYR A 1 128 ? 0.132   -16.150 7.041   1.00 22.99 ? 128 TYR A CD2 1 
ATOM   954  C  CE1 . TYR A 1 128 ? -0.786  -16.526 4.451   1.00 23.75 ? 128 TYR A CE1 1 
ATOM   955  C  CE2 . TYR A 1 128 ? 0.359   -17.361 6.394   1.00 25.07 ? 128 TYR A CE2 1 
ATOM   956  C  CZ  . TYR A 1 128 ? -0.102  -17.542 5.100   1.00 24.68 ? 128 TYR A CZ  1 
ATOM   957  O  OH  . TYR A 1 128 ? 0.126   -18.735 4.454   1.00 26.81 ? 128 TYR A OH  1 
ATOM   958  N  N   . TYR A 1 129 ? -2.386  -14.659 9.680   1.00 20.34 ? 129 TYR A N   1 
ATOM   959  C  CA  . TYR A 1 129 ? -2.724  -15.691 10.655  1.00 22.52 ? 129 TYR A CA  1 
ATOM   960  C  C   . TYR A 1 129 ? -4.038  -15.447 11.380  1.00 22.54 ? 129 TYR A C   1 
ATOM   961  O  O   . TYR A 1 129 ? -4.289  -16.034 12.434  1.00 22.89 ? 129 TYR A O   1 
ATOM   962  C  CB  . TYR A 1 129 ? -1.599  -15.848 11.680  1.00 23.22 ? 129 TYR A CB  1 
ATOM   963  C  CG  . TYR A 1 129 ? -0.274  -16.242 11.072  1.00 26.53 ? 129 TYR A CG  1 
ATOM   964  C  CD1 . TYR A 1 129 ? 0.639   -15.275 10.658  1.00 27.51 ? 129 TYR A CD1 1 
ATOM   965  C  CD2 . TYR A 1 129 ? 0.060   -17.585 10.894  1.00 28.44 ? 129 TYR A CD2 1 
ATOM   966  C  CE1 . TYR A 1 129 ? 1.857   -15.634 10.082  1.00 30.14 ? 129 TYR A CE1 1 
ATOM   967  C  CE2 . TYR A 1 129 ? 1.275   -17.956 10.316  1.00 29.53 ? 129 TYR A CE2 1 
ATOM   968  C  CZ  . TYR A 1 129 ? 2.167   -16.976 9.915   1.00 29.97 ? 129 TYR A CZ  1 
ATOM   969  O  OH  . TYR A 1 129 ? 3.372   -17.332 9.349   1.00 31.59 ? 129 TYR A OH  1 
ATOM   970  N  N   . GLY A 1 130 ? -4.872  -14.585 10.810  1.00 22.83 ? 130 GLY A N   1 
ATOM   971  C  CA  . GLY A 1 130 ? -6.159  -14.289 11.412  1.00 23.93 ? 130 GLY A CA  1 
ATOM   972  C  C   . GLY A 1 130 ? -7.289  -14.946 10.640  1.00 25.08 ? 130 GLY A C   1 
ATOM   973  O  O   . GLY A 1 130 ? -7.071  -15.930 9.934   1.00 25.10 ? 130 GLY A O   1 
ATOM   974  N  N   . ASP A 1 131 ? -8.497  -14.409 10.777  1.00 26.50 ? 131 ASP A N   1 
ATOM   975  C  CA  . ASP A 1 131 ? -9.662  -14.947 10.080  1.00 28.45 ? 131 ASP A CA  1 
ATOM   976  C  C   . ASP A 1 131 ? -10.192 -13.891 9.111   1.00 29.02 ? 131 ASP A C   1 
ATOM   977  O  O   . ASP A 1 131 ? -9.612  -12.810 8.988   1.00 26.53 ? 131 ASP A O   1 
ATOM   978  C  CB  . ASP A 1 131 ? -10.750 -15.329 11.085  1.00 31.86 ? 131 ASP A CB  1 
ATOM   979  C  CG  . ASP A 1 131 ? -11.434 -14.120 11.694  1.00 34.53 ? 131 ASP A CG  1 
ATOM   980  O  OD1 . ASP A 1 131 ? -10.730 -13.186 12.128  1.00 36.72 ? 131 ASP A OD1 1 
ATOM   981  O  OD2 . ASP A 1 131 ? -12.683 -14.105 11.743  1.00 38.56 ? 131 ASP A OD2 1 
ATOM   982  N  N   . HIS A 1 132 ? -11.291 -14.196 8.427   1.00 27.86 ? 132 HIS A N   1 
ATOM   983  C  CA  . HIS A 1 132 ? -11.862 -13.253 7.473   1.00 27.40 ? 132 HIS A CA  1 
ATOM   984  C  C   . HIS A 1 132 ? -12.116 -11.908 8.150   1.00 25.06 ? 132 HIS A C   1 
ATOM   985  O  O   . HIS A 1 132 ? -11.978 -10.855 7.531   1.00 23.84 ? 132 HIS A O   1 
ATOM   986  C  CB  . HIS A 1 132 ? -13.173 -13.797 6.890   1.00 30.43 ? 132 HIS A CB  1 
ATOM   987  C  CG  . HIS A 1 132 ? -14.334 -13.728 7.833   1.00 33.11 ? 132 HIS A CG  1 
ATOM   988  N  ND1 . HIS A 1 132 ? -14.353 -14.391 9.042   1.00 35.30 ? 132 HIS A ND1 1 
ATOM   989  C  CD2 . HIS A 1 132 ? -15.515 -13.073 7.745   1.00 33.81 ? 132 HIS A CD2 1 
ATOM   990  C  CE1 . HIS A 1 132 ? -15.497 -14.145 9.657   1.00 36.00 ? 132 HIS A CE1 1 
ATOM   991  N  NE2 . HIS A 1 132 ? -16.220 -13.348 8.891   1.00 36.21 ? 132 HIS A NE2 1 
ATOM   992  N  N   . SER A 1 133 ? -12.485 -11.954 9.425   1.00 23.16 ? 133 SER A N   1 
ATOM   993  C  CA  . SER A 1 133 ? -12.748 -10.747 10.198  1.00 22.58 ? 133 SER A CA  1 
ATOM   994  C  C   . SER A 1 133 ? -11.511 -9.849  10.216  1.00 20.28 ? 133 SER A C   1 
ATOM   995  O  O   . SER A 1 133 ? -11.615 -8.628  10.126  1.00 18.94 ? 133 SER A O   1 
ATOM   996  C  CB  . SER A 1 133 ? -13.135 -11.121 11.631  1.00 24.12 ? 133 SER A CB  1 
ATOM   997  O  OG  . SER A 1 133 ? -13.301 -9.964  12.433  1.00 29.62 ? 133 SER A OG  1 
ATOM   998  N  N   . ASP A 1 134 ? -10.341 -10.463 10.335  1.00 18.43 ? 134 ASP A N   1 
ATOM   999  C  CA  . ASP A 1 134 ? -9.098  -9.705  10.356  1.00 18.10 ? 134 ASP A CA  1 
ATOM   1000 C  C   . ASP A 1 134 ? -8.828  -9.052  9.004   1.00 16.80 ? 134 ASP A C   1 
ATOM   1001 O  O   . ASP A 1 134 ? -8.301  -7.939  8.946   1.00 15.03 ? 134 ASP A O   1 
ATOM   1002 C  CB  . ASP A 1 134 ? -7.936  -10.612 10.759  1.00 20.32 ? 134 ASP A CB  1 
ATOM   1003 C  CG  . ASP A 1 134 ? -8.030  -11.060 12.210  1.00 23.31 ? 134 ASP A CG  1 
ATOM   1004 O  OD1 . ASP A 1 134 ? -7.996  -10.187 13.104  1.00 22.46 ? 134 ASP A OD1 1 
ATOM   1005 O  OD2 . ASP A 1 134 ? -8.151  -12.276 12.456  1.00 24.56 ? 134 ASP A OD2 1 
ATOM   1006 N  N   . PHE A 1 135 ? -9.199  -9.727  7.919   1.00 13.65 ? 135 PHE A N   1 
ATOM   1007 C  CA  . PHE A 1 135 ? -8.990  -9.156  6.592   1.00 13.43 ? 135 PHE A CA  1 
ATOM   1008 C  C   . PHE A 1 135 ? -9.947  -7.993  6.350   1.00 12.47 ? 135 PHE A C   1 
ATOM   1009 O  O   . PHE A 1 135 ? -9.588  -7.014  5.698   1.00 11.61 ? 135 PHE A O   1 
ATOM   1010 C  CB  . PHE A 1 135 ? -9.158  -10.218 5.499   1.00 13.08 ? 135 PHE A CB  1 
ATOM   1011 C  CG  . PHE A 1 135 ? -7.954  -11.101 5.332   1.00 13.55 ? 135 PHE A CG  1 
ATOM   1012 C  CD1 . PHE A 1 135 ? -7.668  -12.095 6.262   1.00 13.15 ? 135 PHE A CD1 1 
ATOM   1013 C  CD2 . PHE A 1 135 ? -7.079  -10.908 4.266   1.00 13.72 ? 135 PHE A CD2 1 
ATOM   1014 C  CE1 . PHE A 1 135 ? -6.524  -12.883 6.134   1.00 14.62 ? 135 PHE A CE1 1 
ATOM   1015 C  CE2 . PHE A 1 135 ? -5.933  -11.689 4.128   1.00 12.49 ? 135 PHE A CE2 1 
ATOM   1016 C  CZ  . PHE A 1 135 ? -5.656  -12.679 5.067   1.00 13.59 ? 135 PHE A CZ  1 
ATOM   1017 N  N   . GLU A 1 136 ? -11.164 -8.106  6.872   1.00 12.41 ? 136 GLU A N   1 
ATOM   1018 C  CA  . GLU A 1 136 ? -12.153 -7.036  6.734   1.00 14.11 ? 136 GLU A CA  1 
ATOM   1019 C  C   . GLU A 1 136 ? -11.678 -5.820  7.524   1.00 12.69 ? 136 GLU A C   1 
ATOM   1020 O  O   . GLU A 1 136 ? -11.895 -4.678  7.116   1.00 12.04 ? 136 GLU A O   1 
ATOM   1021 C  CB  . GLU A 1 136 ? -13.514 -7.478  7.272   1.00 16.86 ? 136 GLU A CB  1 
ATOM   1022 C  CG  . GLU A 1 136 ? -14.353 -8.316  6.316   1.00 19.04 ? 136 GLU A CG  1 
ATOM   1023 C  CD  . GLU A 1 136 ? -14.791 -7.548  5.076   1.00 21.37 ? 136 GLU A CD  1 
ATOM   1024 O  OE1 . GLU A 1 136 ? -14.968 -6.310  5.162   1.00 19.55 ? 136 GLU A OE1 1 
ATOM   1025 O  OE2 . GLU A 1 136 ? -14.977 -8.190  4.020   1.00 22.30 ? 136 GLU A OE2 1 
ATOM   1026 N  N   . GLU A 1 137 ? -11.040 -6.075  8.664   1.00 10.56 ? 137 GLU A N   1 
ATOM   1027 C  CA  . GLU A 1 137 ? -10.526 -5.000  9.501   1.00 10.72 ? 137 GLU A CA  1 
ATOM   1028 C  C   . GLU A 1 137 ? -9.348  -4.307  8.818   1.00 10.42 ? 137 GLU A C   1 
ATOM   1029 O  O   . GLU A 1 137 ? -9.218  -3.082  8.891   1.00 9.05  ? 137 GLU A O   1 
ATOM   1030 C  CB  . GLU A 1 137 ? -10.104 -5.544  10.870  1.00 11.30 ? 137 GLU A CB  1 
ATOM   1031 C  CG  . GLU A 1 137 ? -9.527  -4.483  11.798  1.00 14.60 ? 137 GLU A CG  1 
ATOM   1032 C  CD  . GLU A 1 137 ? -9.447  -4.948  13.242  1.00 15.77 ? 137 GLU A CD  1 
ATOM   1033 O  OE1 . GLU A 1 137 ? -8.759  -4.286  14.041  1.00 16.12 ? 137 GLU A OE1 1 
ATOM   1034 O  OE2 . GLU A 1 137 ? -10.083 -5.969  13.583  1.00 21.29 ? 137 GLU A OE2 1 
ATOM   1035 N  N   . VAL A 1 138 ? -8.493  -5.084  8.156   1.00 8.42  ? 138 VAL A N   1 
ATOM   1036 C  CA  . VAL A 1 138 ? -7.355  -4.504  7.447   1.00 9.04  ? 138 VAL A CA  1 
ATOM   1037 C  C   . VAL A 1 138 ? -7.903  -3.609  6.340   1.00 8.41  ? 138 VAL A C   1 
ATOM   1038 O  O   . VAL A 1 138 ? -7.408  -2.507  6.120   1.00 8.30  ? 138 VAL A O   1 
ATOM   1039 C  CB  . VAL A 1 138 ? -6.438  -5.594  6.833   1.00 9.97  ? 138 VAL A CB  1 
ATOM   1040 C  CG1 . VAL A 1 138 ? -5.430  -4.959  5.880   1.00 12.07 ? 138 VAL A CG1 1 
ATOM   1041 C  CG2 . VAL A 1 138 ? -5.694  -6.328  7.946   1.00 11.44 ? 138 VAL A CG2 1 
ATOM   1042 N  N   . PHE A 1 139 ? -8.933  -4.089  5.646   1.00 8.52  ? 139 PHE A N   1 
ATOM   1043 C  CA  . PHE A 1 139 ? -9.558  -3.306  4.592   1.00 7.20  ? 139 PHE A CA  1 
ATOM   1044 C  C   . PHE A 1 139 ? -10.045 -1.963  5.139   1.00 5.56  ? 139 PHE A C   1 
ATOM   1045 O  O   . PHE A 1 139 ? -9.779  -0.917  4.554   1.00 5.93  ? 139 PHE A O   1 
ATOM   1046 C  CB  . PHE A 1 139 ? -10.760 -4.051  3.998   1.00 8.01  ? 139 PHE A CB  1 
ATOM   1047 C  CG  . PHE A 1 139 ? -11.496 -3.258  2.952   1.00 8.42  ? 139 PHE A CG  1 
ATOM   1048 C  CD1 . PHE A 1 139 ? -11.079 -3.272  1.625   1.00 10.07 ? 139 PHE A CD1 1 
ATOM   1049 C  CD2 . PHE A 1 139 ? -12.571 -2.450  3.307   1.00 9.60  ? 139 PHE A CD2 1 
ATOM   1050 C  CE1 . PHE A 1 139 ? -11.723 -2.485  0.663   1.00 10.16 ? 139 PHE A CE1 1 
ATOM   1051 C  CE2 . PHE A 1 139 ? -13.220 -1.659  2.357   1.00 10.10 ? 139 PHE A CE2 1 
ATOM   1052 C  CZ  . PHE A 1 139 ? -12.794 -1.677  1.032   1.00 9.31  ? 139 PHE A CZ  1 
ATOM   1053 N  N   . ALA A 1 140 ? -10.769 -2.001  6.255   1.00 5.80  ? 140 ALA A N   1 
ATOM   1054 C  CA  . ALA A 1 140 ? -11.314 -0.786  6.860   1.00 6.94  ? 140 ALA A CA  1 
ATOM   1055 C  C   . ALA A 1 140 ? -10.226 0.213   7.262   1.00 6.92  ? 140 ALA A C   1 
ATOM   1056 O  O   . ALA A 1 140 ? -10.374 1.424   7.056   1.00 6.05  ? 140 ALA A O   1 
ATOM   1057 C  CB  . ALA A 1 140 ? -12.175 -1.146  8.080   1.00 6.45  ? 140 ALA A CB  1 
ATOM   1058 N  N   . VAL A 1 141 ? -9.144  -0.301  7.840   1.00 6.93  ? 141 VAL A N   1 
ATOM   1059 C  CA  . VAL A 1 141 ? -8.023  0.529   8.272   1.00 6.85  ? 141 VAL A CA  1 
ATOM   1060 C  C   . VAL A 1 141 ? -7.387  1.218   7.063   1.00 7.07  ? 141 VAL A C   1 
ATOM   1061 O  O   . VAL A 1 141 ? -7.104  2.417   7.098   1.00 6.22  ? 141 VAL A O   1 
ATOM   1062 C  CB  . VAL A 1 141 ? -6.967  -0.331  9.015   1.00 8.68  ? 141 VAL A CB  1 
ATOM   1063 C  CG1 . VAL A 1 141 ? -5.668  0.445   9.189   1.00 10.78 ? 141 VAL A CG1 1 
ATOM   1064 C  CG2 . VAL A 1 141 ? -7.517  -0.750  10.378  1.00 10.13 ? 141 VAL A CG2 1 
ATOM   1065 N  N   . ILE A 1 142 ? -7.176  0.457   5.993   1.00 6.09  ? 142 ILE A N   1 
ATOM   1066 C  CA  . ILE A 1 142 ? -6.595  0.995   4.771   1.00 4.95  ? 142 ILE A CA  1 
ATOM   1067 C  C   . ILE A 1 142 ? -7.546  2.015   4.166   1.00 6.38  ? 142 ILE A C   1 
ATOM   1068 O  O   . ILE A 1 142 ? -7.133  3.095   3.744   1.00 6.56  ? 142 ILE A O   1 
ATOM   1069 C  CB  . ILE A 1 142 ? -6.342  -0.119  3.733   1.00 4.76  ? 142 ILE A CB  1 
ATOM   1070 C  CG1 . ILE A 1 142 ? -5.280  -1.085  4.263   1.00 6.04  ? 142 ILE A CG1 1 
ATOM   1071 C  CG2 . ILE A 1 142 ? -5.911  0.493   2.401   1.00 6.09  ? 142 ILE A CG2 1 
ATOM   1072 C  CD1 . ILE A 1 142 ? -5.177  -2.406  3.506   1.00 15.17 ? 142 ILE A CD1 1 
ATOM   1073 N  N   . GLU A 1 143 ? -8.826  1.662   4.129   1.00 6.21  ? 143 GLU A N   1 
ATOM   1074 C  CA  . GLU A 1 143 ? -9.843  2.544   3.579   1.00 6.57  ? 143 GLU A CA  1 
ATOM   1075 C  C   . GLU A 1 143 ? -9.848  3.888   4.302   1.00 4.60  ? 143 GLU A C   1 
ATOM   1076 O  O   . GLU A 1 143 ? -10.010 4.931   3.674   1.00 4.64  ? 143 GLU A O   1 
ATOM   1077 C  CB  . GLU A 1 143 ? -11.222 1.881   3.690   1.00 6.71  ? 143 GLU A CB  1 
ATOM   1078 C  CG  . GLU A 1 143 ? -12.385 2.745   3.200   1.00 10.07 ? 143 GLU A CG  1 
ATOM   1079 C  CD  . GLU A 1 143 ? -13.702 2.000   3.225   1.00 10.88 ? 143 GLU A CD  1 
ATOM   1080 O  OE1 . GLU A 1 143 ? -14.274 1.761   2.142   1.00 12.87 ? 143 GLU A OE1 1 
ATOM   1081 O  OE2 . GLU A 1 143 ? -14.160 1.644   4.329   1.00 12.37 ? 143 GLU A OE2 1 
ATOM   1082 N  N   . SER A 1 144 ? -9.647  3.858   5.617   1.00 5.23  ? 144 SER A N   1 
ATOM   1083 C  CA  . SER A 1 144 ? -9.647  5.079   6.427   1.00 5.36  ? 144 SER A CA  1 
ATOM   1084 C  C   . SER A 1 144 ? -8.389  5.929   6.260   1.00 6.15  ? 144 SER A C   1 
ATOM   1085 O  O   . SER A 1 144 ? -8.400  7.127   6.558   1.00 4.14  ? 144 SER A O   1 
ATOM   1086 C  CB  . SER A 1 144 ? -9.803  4.736   7.916   1.00 6.88  ? 144 SER A CB  1 
ATOM   1087 O  OG  . SER A 1 144 ? -11.053 4.135   8.195   1.00 11.11 ? 144 SER A OG  1 
ATOM   1088 N  N   . ALA A 1 145 ? -7.313  5.313   5.785   1.00 5.24  ? 145 ALA A N   1 
ATOM   1089 C  CA  . ALA A 1 145 ? -6.043  6.014   5.617   1.00 6.07  ? 145 ALA A CA  1 
ATOM   1090 C  C   . ALA A 1 145 ? -5.815  6.655   4.248   1.00 6.59  ? 145 ALA A C   1 
ATOM   1091 O  O   . ALA A 1 145 ? -5.190  7.714   4.149   1.00 6.57  ? 145 ALA A O   1 
ATOM   1092 C  CB  . ALA A 1 145 ? -4.896  5.058   5.929   1.00 5.93  ? 145 ALA A CB  1 
ATOM   1093 N  N   . LEU A 1 146 ? -6.318  6.012   3.200   1.00 5.97  ? 146 LEU A N   1 
ATOM   1094 C  CA  . LEU A 1 146 ? -6.137  6.489   1.829   1.00 6.86  ? 146 LEU A CA  1 
ATOM   1095 C  C   . LEU A 1 146 ? -6.538  7.929   1.504   1.00 6.57  ? 146 LEU A C   1 
ATOM   1096 O  O   . LEU A 1 146 ? -5.907  8.566   0.666   1.00 8.66  ? 146 LEU A O   1 
ATOM   1097 C  CB  . LEU A 1 146 ? -6.828  5.530   0.853   1.00 5.88  ? 146 LEU A CB  1 
ATOM   1098 C  CG  . LEU A 1 146 ? -6.164  4.151   0.725   1.00 7.69  ? 146 LEU A CG  1 
ATOM   1099 C  CD1 . LEU A 1 146 ? -6.919  3.302   -0.286  1.00 7.31  ? 146 LEU A CD1 1 
ATOM   1100 C  CD2 . LEU A 1 146 ? -4.708  4.320   0.289   1.00 8.30  ? 146 LEU A CD2 1 
ATOM   1101 N  N   . PRO A 1 147 ? -7.589  8.463   2.144   1.00 7.51  ? 147 PRO A N   1 
ATOM   1102 C  CA  . PRO A 1 147 ? -7.924  9.849   1.789   1.00 8.61  ? 147 PRO A CA  1 
ATOM   1103 C  C   . PRO A 1 147 ? -6.752  10.834  1.844   1.00 8.58  ? 147 PRO A C   1 
ATOM   1104 O  O   . PRO A 1 147 ? -6.658  11.732  1.008   1.00 9.57  ? 147 PRO A O   1 
ATOM   1105 C  CB  . PRO A 1 147 ? -9.060  10.211  2.757   1.00 8.45  ? 147 PRO A CB  1 
ATOM   1106 C  CG  . PRO A 1 147 ? -9.174  9.028   3.710   1.00 13.26 ? 147 PRO A CG  1 
ATOM   1107 C  CD  . PRO A 1 147 ? -8.641  7.851   2.967   1.00 8.07  ? 147 PRO A CD  1 
ATOM   1108 N  N   . GLY A 1 148 ? -5.855  10.653  2.811   1.00 7.50  ? 148 GLY A N   1 
ATOM   1109 C  CA  . GLY A 1 148 ? -4.705  11.535  2.931   1.00 7.04  ? 148 GLY A CA  1 
ATOM   1110 C  C   . GLY A 1 148 ? -3.710  11.347  1.798   1.00 8.46  ? 148 GLY A C   1 
ATOM   1111 O  O   . GLY A 1 148 ? -2.971  12.274  1.442   1.00 7.78  ? 148 GLY A O   1 
ATOM   1112 N  N   . LEU A 1 149 ? -3.680  10.143  1.229   1.00 7.39  ? 149 LEU A N   1 
ATOM   1113 C  CA  . LEU A 1 149 ? -2.772  9.858   0.127   1.00 6.87  ? 149 LEU A CA  1 
ATOM   1114 C  C   . LEU A 1 149 ? -3.302  10.553  -1.125  1.00 7.46  ? 149 LEU A C   1 
ATOM   1115 O  O   . LEU A 1 149 ? -2.532  10.932  -2.003  1.00 7.20  ? 149 LEU A O   1 
ATOM   1116 C  CB  . LEU A 1 149 ? -2.660  8.348   -0.101  1.00 8.37  ? 149 LEU A CB  1 
ATOM   1117 C  CG  . LEU A 1 149 ? -1.457  7.872   -0.918  1.00 10.65 ? 149 LEU A CG  1 
ATOM   1118 C  CD1 . LEU A 1 149 ? -0.163  8.307   -0.229  1.00 9.45  ? 149 LEU A CD1 1 
ATOM   1119 C  CD2 . LEU A 1 149 ? -1.499  6.359   -1.056  1.00 11.46 ? 149 LEU A CD2 1 
ATOM   1120 N  N   . HIS A 1 150 ? -4.620  10.710  -1.213  1.00 7.05  ? 150 HIS A N   1 
ATOM   1121 C  CA  . HIS A 1 150 ? -5.190  11.406  -2.362  1.00 8.35  ? 150 HIS A CA  1 
ATOM   1122 C  C   . HIS A 1 150 ? -4.787  12.876  -2.302  1.00 9.21  ? 150 HIS A C   1 
ATOM   1123 O  O   . HIS A 1 150 ? -4.546  13.504  -3.336  1.00 11.09 ? 150 HIS A O   1 
ATOM   1124 C  CB  . HIS A 1 150 ? -6.718  11.279  -2.387  1.00 7.80  ? 150 HIS A CB  1 
ATOM   1125 C  CG  . HIS A 1 150 ? -7.201  10.026  -3.047  1.00 8.01  ? 150 HIS A CG  1 
ATOM   1126 N  ND1 . HIS A 1 150 ? -7.594  8.912   -2.339  1.00 9.87  ? 150 HIS A ND1 1 
ATOM   1127 C  CD2 . HIS A 1 150 ? -7.316  9.700   -4.355  1.00 6.71  ? 150 HIS A CD2 1 
ATOM   1128 C  CE1 . HIS A 1 150 ? -7.933  7.953   -3.181  1.00 4.93  ? 150 HIS A CE1 1 
ATOM   1129 N  NE2 . HIS A 1 150 ? -7.773  8.407   -4.412  1.00 10.72 ? 150 HIS A NE2 1 
ATOM   1130 N  N   . ASP A 1 151 ? -4.714  13.425  -1.092  1.00 9.16  ? 151 ASP A N   1 
ATOM   1131 C  CA  . ASP A 1 151 ? -4.310  14.821  -0.929  1.00 10.71 ? 151 ASP A CA  1 
ATOM   1132 C  C   . ASP A 1 151 ? -2.853  14.961  -1.353  1.00 10.59 ? 151 ASP A C   1 
ATOM   1133 O  O   . ASP A 1 151 ? -2.479  15.936  -2.004  1.00 11.26 ? 151 ASP A O   1 
ATOM   1134 C  CB  . ASP A 1 151 ? -4.456  15.279  0.527   1.00 12.33 ? 151 ASP A CB  1 
ATOM   1135 C  CG  . ASP A 1 151 ? -5.898  15.332  0.981   1.00 14.97 ? 151 ASP A CG  1 
ATOM   1136 O  OD1 . ASP A 1 151 ? -6.787  15.537  0.126   1.00 15.52 ? 151 ASP A OD1 1 
ATOM   1137 O  OD2 . ASP A 1 151 ? -6.141  15.181  2.196   1.00 17.17 ? 151 ASP A OD2 1 
ATOM   1138 N  N   . TRP A 1 152 ? -2.037  13.984  -0.968  1.00 10.96 ? 152 TRP A N   1 
ATOM   1139 C  CA  . TRP A 1 152 ? -0.620  13.981  -1.314  1.00 11.22 ? 152 TRP A CA  1 
ATOM   1140 C  C   . TRP A 1 152 ? -0.474  13.994  -2.836  1.00 11.59 ? 152 TRP A C   1 
ATOM   1141 O  O   . TRP A 1 152 ? 0.337   14.737  -3.389  1.00 11.20 ? 152 TRP A O   1 
ATOM   1142 C  CB  . TRP A 1 152 ? 0.059   12.738  -0.740  1.00 12.31 ? 152 TRP A CB  1 
ATOM   1143 C  CG  . TRP A 1 152 ? 1.518   12.655  -1.077  1.00 13.22 ? 152 TRP A CG  1 
ATOM   1144 C  CD1 . TRP A 1 152 ? 2.556   13.221  -0.390  1.00 14.28 ? 152 TRP A CD1 1 
ATOM   1145 C  CD2 . TRP A 1 152 ? 2.099   11.985  -2.201  1.00 13.80 ? 152 TRP A CD2 1 
ATOM   1146 N  NE1 . TRP A 1 152 ? 3.748   12.940  -1.017  1.00 15.66 ? 152 TRP A NE1 1 
ATOM   1147 C  CE2 . TRP A 1 152 ? 3.496   12.183  -2.132  1.00 13.95 ? 152 TRP A CE2 1 
ATOM   1148 C  CE3 . TRP A 1 152 ? 1.574   11.236  -3.263  1.00 14.92 ? 152 TRP A CE3 1 
ATOM   1149 C  CZ2 . TRP A 1 152 ? 4.377   11.657  -3.085  1.00 16.59 ? 152 TRP A CZ2 1 
ATOM   1150 C  CZ3 . TRP A 1 152 ? 2.451   10.713  -4.211  1.00 16.66 ? 152 TRP A CZ3 1 
ATOM   1151 C  CH2 . TRP A 1 152 ? 3.837   10.927  -4.113  1.00 14.49 ? 152 TRP A CH2 1 
ATOM   1152 N  N   . VAL A 1 153 ? -1.262  13.159  -3.510  1.00 9.97  ? 153 VAL A N   1 
ATOM   1153 C  CA  . VAL A 1 153 ? -1.239  13.093  -4.966  1.00 11.51 ? 153 VAL A CA  1 
ATOM   1154 C  C   . VAL A 1 153 ? -1.642  14.439  -5.578  1.00 11.64 ? 153 VAL A C   1 
ATOM   1155 O  O   . VAL A 1 153 ? -1.009  14.911  -6.522  1.00 12.80 ? 153 VAL A O   1 
ATOM   1156 C  CB  . VAL A 1 153 ? -2.197  11.987  -5.483  1.00 11.66 ? 153 VAL A CB  1 
ATOM   1157 C  CG1 . VAL A 1 153 ? -2.453  12.160  -6.973  1.00 12.53 ? 153 VAL A CG1 1 
ATOM   1158 C  CG2 . VAL A 1 153 ? -1.591  10.614  -5.219  1.00 12.17 ? 153 VAL A CG2 1 
ATOM   1159 N  N   . ASP A 1 154 ? -2.690  15.057  -5.041  1.00 12.25 ? 154 ASP A N   1 
ATOM   1160 C  CA  . ASP A 1 154 ? -3.150  16.343  -5.557  1.00 13.44 ? 154 ASP A CA  1 
ATOM   1161 C  C   . ASP A 1 154 ? -2.044  17.394  -5.472  1.00 15.27 ? 154 ASP A C   1 
ATOM   1162 O  O   . ASP A 1 154 ? -1.869  18.200  -6.388  1.00 14.49 ? 154 ASP A O   1 
ATOM   1163 C  CB  . ASP A 1 154 ? -4.378  16.835  -4.787  1.00 12.89 ? 154 ASP A CB  1 
ATOM   1164 C  CG  . ASP A 1 154 ? -5.619  15.995  -5.055  1.00 14.02 ? 154 ASP A CG  1 
ATOM   1165 O  OD1 . ASP A 1 154 ? -5.640  15.241  -6.049  1.00 13.84 ? 154 ASP A OD1 1 
ATOM   1166 O  OD2 . ASP A 1 154 ? -6.584  16.105  -4.269  1.00 15.28 ? 154 ASP A OD2 1 
ATOM   1167 N  N   . GLU A 1 155 ? -1.301  17.379  -4.371  1.00 14.66 ? 155 GLU A N   1 
ATOM   1168 C  CA  . GLU A 1 155 ? -0.211  18.331  -4.171  1.00 16.38 ? 155 GLU A CA  1 
ATOM   1169 C  C   . GLU A 1 155 ? 0.904   18.103  -5.181  1.00 15.57 ? 155 GLU A C   1 
ATOM   1170 O  O   . GLU A 1 155 ? 1.453   19.053  -5.746  1.00 13.97 ? 155 GLU A O   1 
ATOM   1171 C  CB  . GLU A 1 155 ? 0.355   18.190  -2.759  1.00 18.97 ? 155 GLU A CB  1 
ATOM   1172 C  CG  . GLU A 1 155 ? -0.632  18.498  -1.655  1.00 26.76 ? 155 GLU A CG  1 
ATOM   1173 C  CD  . GLU A 1 155 ? -0.097  18.124  -0.285  1.00 30.24 ? 155 GLU A CD  1 
ATOM   1174 O  OE1 . GLU A 1 155 ? 0.994   18.610  0.082   1.00 32.95 ? 155 GLU A OE1 1 
ATOM   1175 O  OE2 . GLU A 1 155 ? -0.765  17.340  0.420   1.00 31.91 ? 155 GLU A OE2 1 
ATOM   1176 N  N   . ARG A 1 156 ? 1.237   16.833  -5.399  1.00 14.56 ? 156 ARG A N   1 
ATOM   1177 C  CA  . ARG A 1 156 ? 2.293   16.451  -6.325  1.00 16.23 ? 156 ARG A CA  1 
ATOM   1178 C  C   . ARG A 1 156 ? 1.966   16.743  -7.788  1.00 17.53 ? 156 ARG A C   1 
ATOM   1179 O  O   . ARG A 1 156 ? 2.817   17.231  -8.530  1.00 17.29 ? 156 ARG A O   1 
ATOM   1180 C  CB  . ARG A 1 156 ? 2.609   14.964  -6.159  1.00 14.70 ? 156 ARG A CB  1 
ATOM   1181 C  CG  . ARG A 1 156 ? 3.155   14.597  -4.778  1.00 16.69 ? 156 ARG A CG  1 
ATOM   1182 C  CD  . ARG A 1 156 ? 4.500   15.259  -4.543  1.00 17.65 ? 156 ARG A CD  1 
ATOM   1183 N  NE  . ARG A 1 156 ? 5.414   14.956  -5.642  1.00 19.66 ? 156 ARG A NE  1 
ATOM   1184 C  CZ  . ARG A 1 156 ? 6.525   14.237  -5.521  1.00 19.08 ? 156 ARG A CZ  1 
ATOM   1185 N  NH1 . ARG A 1 156 ? 6.879   13.743  -4.341  1.00 16.82 ? 156 ARG A NH1 1 
ATOM   1186 N  NH2 . ARG A 1 156 ? 7.269   13.995  -6.590  1.00 18.69 ? 156 ARG A NH2 1 
ATOM   1187 N  N   . LEU A 1 157 ? 0.741   16.444  -8.209  1.00 18.33 ? 157 LEU A N   1 
ATOM   1188 C  CA  . LEU A 1 157 ? 0.355   16.683  -9.596  1.00 20.91 ? 157 LEU A CA  1 
ATOM   1189 C  C   . LEU A 1 157 ? 0.416   18.162  -9.954  1.00 23.30 ? 157 LEU A C   1 
ATOM   1190 O  O   . LEU A 1 157 ? 0.636   18.520  -11.114 1.00 24.71 ? 157 LEU A O   1 
ATOM   1191 C  CB  . LEU A 1 157 ? -1.047  16.122  -9.865  1.00 18.13 ? 157 LEU A CB  1 
ATOM   1192 C  CG  . LEU A 1 157 ? -1.148  14.593  -9.786  1.00 18.36 ? 157 LEU A CG  1 
ATOM   1193 C  CD1 . LEU A 1 157 ? -2.577  14.152  -10.079 1.00 16.40 ? 157 LEU A CD1 1 
ATOM   1194 C  CD2 . LEU A 1 157 ? -0.182  13.957  -10.781 1.00 18.15 ? 157 LEU A CD2 1 
ATOM   1195 N  N   . ALA A 1 158 ? 0.227   19.020  -8.958  1.00 24.93 ? 158 ALA A N   1 
ATOM   1196 C  CA  . ALA A 1 158 ? 0.290   20.456  -9.186  1.00 27.56 ? 158 ALA A CA  1 
ATOM   1197 C  C   . ALA A 1 158 ? 1.673   20.819  -9.729  1.00 29.65 ? 158 ALA A C   1 
ATOM   1198 O  O   . ALA A 1 158 ? 1.816   21.746  -10.530 1.00 30.67 ? 158 ALA A O   1 
ATOM   1199 C  CB  . ALA A 1 158 ? 0.025   21.201  -7.888  1.00 28.48 ? 158 ALA A CB  1 
ATOM   1200 N  N   . ARG A 1 159 ? 2.690   20.079  -9.294  1.00 29.47 ? 159 ARG A N   1 
ATOM   1201 C  CA  . ARG A 1 159 ? 4.060   20.321  -9.738  1.00 29.54 ? 159 ARG A CA  1 
ATOM   1202 C  C   . ARG A 1 159 ? 4.200   20.153  -11.244 1.00 29.51 ? 159 ARG A C   1 
ATOM   1203 O  O   . ARG A 1 159 ? 4.811   21.042  -11.875 1.00 15.17 ? 159 ARG A O   1 
ATOM   1204 C  CB  . ARG A 1 159 ? 5.034   19.376  -9.023  1.00 27.33 ? 159 ARG A CB  1 
ATOM   1205 C  CG  . ARG A 1 159 ? 5.044   19.540  -7.513  1.00 25.34 ? 159 ARG A CG  1 
ATOM   1206 C  CD  . ARG A 1 159 ? 6.102   18.666  -6.840  1.00 22.97 ? 159 ARG A CD  1 
ATOM   1207 N  NE  . ARG A 1 159 ? 5.950   18.700  -5.388  1.00 19.07 ? 159 ARG A NE  1 
ATOM   1208 C  CZ  . ARG A 1 159 ? 6.752   18.086  -4.521  1.00 16.64 ? 159 ARG A CZ  1 
ATOM   1209 N  NH1 . ARG A 1 159 ? 7.787   17.370  -4.943  1.00 14.35 ? 159 ARG A NH1 1 
ATOM   1210 N  NH2 . ARG A 1 159 ? 6.513   18.194  -3.224  1.00 14.03 ? 159 ARG A NH2 1 
HETATM 1211 CL CL  . CL  B 2 .   ? 3.294   -9.113  5.209   1.00 14.70 ? 164 CL  A CL  1 
HETATM 1212 O  O   . HOH C 3 .   ? 0.755   2.396   8.749   1.00 6.17  ? 165 HOH A O   1 
HETATM 1213 O  O   . HOH C 3 .   ? -10.754 8.309   7.383   1.00 9.17  ? 166 HOH A O   1 
HETATM 1214 O  O   . HOH C 3 .   ? 5.046   8.206   8.481   1.00 7.43  ? 167 HOH A O   1 
HETATM 1215 O  O   . HOH C 3 .   ? 9.879   12.838  -6.779  1.00 9.84  ? 168 HOH A O   1 
HETATM 1216 O  O   . HOH C 3 .   ? -9.695  7.327   -0.214  1.00 10.85 ? 169 HOH A O   1 
HETATM 1217 O  O   . HOH C 3 .   ? -10.734 5.178   1.053   1.00 7.22  ? 170 HOH A O   1 
HETATM 1218 O  O   . HOH C 3 .   ? 0.448   -8.553  5.125   1.00 14.54 ? 171 HOH A O   1 
HETATM 1219 O  O   . HOH C 3 .   ? -6.165  4.088   9.270   1.00 8.95  ? 172 HOH A O   1 
HETATM 1220 O  O   . HOH C 3 .   ? -12.568 6.600   8.235   1.00 13.04 ? 173 HOH A O   1 
HETATM 1221 O  O   . HOH C 3 .   ? 12.518  13.423  -0.895  1.00 12.95 ? 174 HOH A O   1 
HETATM 1222 O  O   . HOH C 3 .   ? -4.518  -3.002  11.417  1.00 11.96 ? 175 HOH A O   1 
HETATM 1223 O  O   . HOH C 3 .   ? -10.749 6.720   -15.088 1.00 14.65 ? 176 HOH A O   1 
HETATM 1224 O  O   . HOH C 3 .   ? 6.711   -6.272  9.498   1.00 14.06 ? 177 HOH A O   1 
HETATM 1225 O  O   . HOH C 3 .   ? -3.001  3.651   -12.998 1.00 17.62 ? 178 HOH A O   1 
HETATM 1226 O  O   . HOH C 3 .   ? 17.154  -2.462  4.812   1.00 15.39 ? 179 HOH A O   1 
HETATM 1227 O  O   . HOH C 3 .   ? -8.159  7.503   -15.194 1.00 12.81 ? 180 HOH A O   1 
HETATM 1228 O  O   . HOH C 3 .   ? -5.663  12.901  5.805   1.00 13.75 ? 181 HOH A O   1 
HETATM 1229 O  O   . HOH C 3 .   ? 1.637   -10.083 2.569   1.00 15.07 ? 182 HOH A O   1 
HETATM 1230 O  O   . HOH C 3 .   ? -12.732 -7.620  -8.360  1.00 14.52 ? 183 HOH A O   1 
HETATM 1231 O  O   . HOH C 3 .   ? 0.410   -7.102  -9.667  1.00 15.81 ? 184 HOH A O   1 
HETATM 1232 O  O   . HOH C 3 .   ? -5.289  10.531  -15.552 1.00 13.33 ? 185 HOH A O   1 
HETATM 1233 O  O   . HOH C 3 .   ? 5.415   -4.575  -8.357  1.00 17.04 ? 186 HOH A O   1 
HETATM 1234 O  O   . HOH C 3 .   ? -13.022 2.272   6.751   1.00 10.87 ? 187 HOH A O   1 
HETATM 1235 O  O   . HOH C 3 .   ? 3.827   -6.703  -6.873  1.00 13.21 ? 188 HOH A O   1 
HETATM 1236 O  O   . HOH C 3 .   ? -4.560  -12.001 -6.934  1.00 14.39 ? 189 HOH A O   1 
HETATM 1237 O  O   . HOH C 3 .   ? -1.957  -1.660  14.675  1.00 14.85 ? 190 HOH A O   1 
HETATM 1238 O  O   . HOH C 3 .   ? 3.732   2.253   14.464  1.00 16.55 ? 191 HOH A O   1 
HETATM 1239 O  O   . HOH C 3 .   ? -6.295  5.577   -16.281 1.00 17.62 ? 192 HOH A O   1 
HETATM 1240 O  O   . HOH C 3 .   ? -20.190 -7.618  -0.590  1.00 12.45 ? 193 HOH A O   1 
HETATM 1241 O  O   . HOH C 3 .   ? 18.155  -2.962  7.180   1.00 10.05 ? 194 HOH A O   1 
HETATM 1242 O  O   . HOH C 3 .   ? 11.079  -8.078  8.459   1.00 15.80 ? 195 HOH A O   1 
HETATM 1243 O  O   . HOH C 3 .   ? -1.388  -12.650 11.160  1.00 20.76 ? 196 HOH A O   1 
HETATM 1244 O  O   . HOH C 3 .   ? -1.734  6.740   12.545  1.00 14.46 ? 197 HOH A O   1 
HETATM 1245 O  O   . HOH C 3 .   ? -6.303  -18.565 10.674  1.00 19.20 ? 198 HOH A O   1 
HETATM 1246 O  O   . HOH C 3 .   ? 1.706   -5.213  -7.817  1.00 15.69 ? 199 HOH A O   1 
HETATM 1247 O  O   . HOH C 3 .   ? -5.494  16.156  -8.554  1.00 16.85 ? 200 HOH A O   1 
HETATM 1248 O  O   . HOH C 3 .   ? 2.910   21.936  -13.316 1.00 32.19 ? 201 HOH A O   1 
HETATM 1249 O  O   . HOH C 3 .   ? 0.722   5.667   -16.127 1.00 24.56 ? 202 HOH A O   1 
HETATM 1250 O  O   . HOH C 3 .   ? 1.074   -7.478  12.352  1.00 15.50 ? 203 HOH A O   1 
HETATM 1251 O  O   . HOH C 3 .   ? -13.879 1.766   -0.467  1.00 21.93 ? 204 HOH A O   1 
HETATM 1252 O  O   . HOH C 3 .   ? -15.515 0.422   -5.492  1.00 30.29 ? 205 HOH A O   1 
HETATM 1253 O  O   . HOH C 3 .   ? -2.433  -0.906  -9.663  1.00 23.37 ? 206 HOH A O   1 
HETATM 1254 O  O   . HOH C 3 .   ? 0.150   4.301   -21.898 1.00 17.37 ? 207 HOH A O   1 
HETATM 1255 O  O   . HOH C 3 .   ? 6.518   14.388  -1.799  1.00 28.41 ? 208 HOH A O   1 
HETATM 1256 O  O   . HOH C 3 .   ? -12.202 7.858   -5.821  1.00 20.47 ? 209 HOH A O   1 
HETATM 1257 O  O   . HOH C 3 .   ? -6.634  5.303   12.356  1.00 18.79 ? 210 HOH A O   1 
HETATM 1258 O  O   . HOH C 3 .   ? -14.931 8.910   -13.101 1.00 26.65 ? 211 HOH A O   1 
HETATM 1259 O  O   . HOH C 3 .   ? 1.221   -11.967 4.447   1.00 22.36 ? 212 HOH A O   1 
HETATM 1260 O  O   . HOH C 3 .   ? 10.195  7.589   7.503   1.00 30.55 ? 213 HOH A O   1 
HETATM 1261 O  O   . HOH C 3 .   ? 1.738   12.571  -13.739 1.00 21.39 ? 214 HOH A O   1 
HETATM 1262 O  O   . HOH C 3 .   ? -16.266 7.111   -11.167 1.00 18.84 ? 215 HOH A O   1 
HETATM 1263 O  O   . HOH C 3 .   ? -4.709  7.084   12.775  1.00 30.56 ? 216 HOH A O   1 
HETATM 1264 O  O   . HOH C 3 .   ? -10.621 2.391   10.227  1.00 26.47 ? 217 HOH A O   1 
HETATM 1265 O  O   . HOH C 3 .   ? 6.589   12.718  2.941   1.00 26.30 ? 218 HOH A O   1 
HETATM 1266 O  O   . HOH C 3 .   ? -2.863  13.064  8.032   1.00 27.57 ? 219 HOH A O   1 
HETATM 1267 O  O   . HOH C 3 .   ? -15.847 -11.908 -1.938  1.00 20.60 ? 220 HOH A O   1 
HETATM 1268 O  O   . HOH C 3 .   ? -14.538 -3.767  6.536   1.00 25.96 ? 221 HOH A O   1 
HETATM 1269 O  O   . HOH C 3 .   ? -14.834 -15.348 -5.750  1.00 15.66 ? 222 HOH A O   1 
HETATM 1270 O  O   . HOH C 3 .   ? -11.222 -15.286 -2.750  1.00 24.95 ? 223 HOH A O   1 
HETATM 1271 O  O   . HOH C 3 .   ? 6.121   -9.357  8.858   1.00 39.93 ? 224 HOH A O   1 
HETATM 1272 O  O   . HOH C 3 .   ? 7.206   -12.424 -0.791  1.00 27.18 ? 225 HOH A O   1 
HETATM 1273 O  O   . HOH C 3 .   ? -7.486  -1.558  -8.631  1.00 20.35 ? 226 HOH A O   1 
HETATM 1274 O  O   . HOH C 3 .   ? 2.693   -0.358  -13.592 1.00 24.09 ? 227 HOH A O   1 
HETATM 1275 O  O   . HOH C 3 .   ? -6.857  10.309  -18.880 1.00 26.98 ? 228 HOH A O   1 
HETATM 1276 O  O   . HOH C 3 .   ? 11.352  -6.584  -8.303  1.00 24.93 ? 229 HOH A O   1 
HETATM 1277 O  O   . HOH C 3 .   ? -3.692  18.350  -8.339  1.00 23.43 ? 230 HOH A O   1 
HETATM 1278 O  O   . HOH C 3 .   ? -1.627  -8.352  15.644  1.00 25.09 ? 231 HOH A O   1 
HETATM 1279 O  O   . HOH C 3 .   ? 13.820  -5.718  1.079   1.00 18.85 ? 232 HOH A O   1 
HETATM 1280 O  O   . HOH C 3 .   ? -9.274  -8.184  -10.798 1.00 26.90 ? 233 HOH A O   1 
HETATM 1281 O  O   . HOH C 3 .   ? 14.707  -7.269  -5.590  1.00 25.27 ? 234 HOH A O   1 
HETATM 1282 O  O   . HOH C 3 .   ? -9.311  14.190  -15.174 1.00 35.60 ? 235 HOH A O   1 
HETATM 1283 O  O   . HOH C 3 .   ? -5.883  1.679   -15.369 1.00 23.58 ? 236 HOH A O   1 
HETATM 1284 O  O   . HOH C 3 .   ? 2.159   -11.937 11.107  1.00 30.59 ? 237 HOH A O   1 
HETATM 1285 O  O   . HOH C 3 .   ? -5.645  -0.944  -15.936 1.00 36.03 ? 238 HOH A O   1 
HETATM 1286 O  O   . HOH C 3 .   ? 7.730   -7.035  12.139  1.00 21.40 ? 239 HOH A O   1 
HETATM 1287 O  O   . HOH C 3 .   ? -0.389  -18.156 -6.486  1.00 23.09 ? 240 HOH A O   1 
HETATM 1288 O  O   . HOH C 3 .   ? 4.094   6.878   -20.736 1.00 24.06 ? 241 HOH A O   1 
HETATM 1289 O  O   . HOH C 3 .   ? -14.292 -4.119  9.881   1.00 22.67 ? 242 HOH A O   1 
HETATM 1290 O  O   . HOH C 3 .   ? -14.365 -14.236 -2.901  1.00 44.36 ? 243 HOH A O   1 
HETATM 1291 O  O   . HOH C 3 .   ? 15.749  4.367   10.463  1.00 34.24 ? 244 HOH A O   1 
HETATM 1292 O  O   . HOH C 3 .   ? 18.468  9.188   -0.422  1.00 42.86 ? 245 HOH A O   1 
HETATM 1293 O  O   . HOH C 3 .   ? 0.027   3.868   -14.648 1.00 29.88 ? 246 HOH A O   1 
HETATM 1294 O  O   . HOH C 3 .   ? -12.805 -5.964  13.338  1.00 29.11 ? 247 HOH A O   1 
HETATM 1295 O  O   . HOH C 3 .   ? 7.472   6.987   -12.719 1.00 33.66 ? 248 HOH A O   1 
HETATM 1296 O  O   . HOH C 3 .   ? 11.730  -9.033  5.188   1.00 27.31 ? 249 HOH A O   1 
HETATM 1297 O  O   . HOH C 3 .   ? -14.590 1.769   8.845   1.00 26.88 ? 250 HOH A O   1 
HETATM 1298 O  O   . HOH C 3 .   ? -14.315 -10.303 -8.877  1.00 29.37 ? 251 HOH A O   1 
HETATM 1299 O  O   . HOH C 3 .   ? 0.175   12.259  10.022  1.00 26.51 ? 252 HOH A O   1 
HETATM 1300 O  O   . HOH C 3 .   ? -3.490  3.048   -16.205 1.00 30.37 ? 253 HOH A O   1 
HETATM 1301 O  O   . HOH C 3 .   ? -9.136  15.536  12.243  1.00 38.53 ? 254 HOH A O   1 
HETATM 1302 O  O   . HOH C 3 .   ? 11.378  1.803   14.152  1.00 30.08 ? 255 HOH A O   1 
HETATM 1303 O  O   . HOH C 3 .   ? -7.971  14.625  -2.558  1.00 21.76 ? 256 HOH A O   1 
HETATM 1304 O  O   . HOH C 3 .   ? -4.279  -17.932 -0.672  1.00 21.23 ? 257 HOH A O   1 
HETATM 1305 O  O   . HOH C 3 .   ? 20.785  7.036   0.705   1.00 25.45 ? 258 HOH A O   1 
HETATM 1306 O  O   . HOH C 3 .   ? 4.945   14.715  -19.411 1.00 39.35 ? 259 HOH A O   1 
HETATM 1307 O  O   . HOH C 3 .   ? 21.904  2.194   3.556   1.00 22.30 ? 260 HOH A O   1 
HETATM 1308 O  O   . HOH C 3 .   ? -8.598  4.534   13.968  1.00 23.29 ? 261 HOH A O   1 
HETATM 1309 O  O   . HOH C 3 .   ? -1.841  14.229  2.846   1.00 20.07 ? 262 HOH A O   1 
HETATM 1310 O  O   . HOH C 3 .   ? -16.673 1.103   2.110   1.00 30.99 ? 263 HOH A O   1 
HETATM 1311 O  O   . HOH C 3 .   ? 16.303  5.432   -4.364  1.00 27.72 ? 264 HOH A O   1 
HETATM 1312 O  O   . HOH C 3 .   ? 16.211  2.446   -7.332  1.00 28.19 ? 265 HOH A O   1 
HETATM 1313 O  O   . HOH C 3 .   ? -1.891  -5.800  -11.080 1.00 32.81 ? 266 HOH A O   1 
HETATM 1314 O  O   . HOH C 3 .   ? 10.440  -5.212  -10.624 1.00 30.75 ? 267 HOH A O   1 
HETATM 1315 O  O   . HOH C 3 .   ? -3.912  -19.159 8.540   1.00 39.63 ? 268 HOH A O   1 
HETATM 1316 O  O   . HOH C 3 .   ? 0.607   22.160  -4.274  1.00 35.10 ? 269 HOH A O   1 
HETATM 1317 O  O   . HOH C 3 .   ? -8.309  -6.459  -16.085 1.00 33.07 ? 270 HOH A O   1 
HETATM 1318 O  O   . HOH C 3 .   ? 2.682   5.392   -17.804 1.00 31.81 ? 271 HOH A O   1 
HETATM 1319 O  O   . HOH C 3 .   ? 5.358   7.744   13.378  1.00 37.38 ? 272 HOH A O   1 
HETATM 1320 O  O   . HOH C 3 .   ? 3.846   -6.167  12.059  1.00 34.77 ? 273 HOH A O   1 
HETATM 1321 O  O   . HOH C 3 .   ? -5.293  -2.205  -9.827  1.00 30.32 ? 274 HOH A O   1 
HETATM 1322 O  O   . HOH C 3 .   ? 10.672  -9.925  -7.074  1.00 30.53 ? 275 HOH A O   1 
HETATM 1323 O  O   . HOH C 3 .   ? -17.394 -1.004  0.914   1.00 32.45 ? 276 HOH A O   1 
HETATM 1324 O  O   . HOH C 3 .   ? -15.280 -0.986  5.544   1.00 32.40 ? 277 HOH A O   1 
HETATM 1325 O  O   . HOH C 3 .   ? -13.500 3.315   -5.177  1.00 29.06 ? 278 HOH A O   1 
HETATM 1326 O  O   . HOH C 3 .   ? -4.310  -12.521 -9.613  1.00 26.59 ? 279 HOH A O   1 
HETATM 1327 O  O   . HOH C 3 .   ? -12.827 -11.506 15.589  1.00 30.18 ? 280 HOH A O   1 
HETATM 1328 O  O   . HOH C 3 .   ? 13.989  -6.512  -8.013  1.00 29.42 ? 281 HOH A O   1 
HETATM 1329 O  O   . HOH C 3 .   ? -11.716 -12.789 2.930   1.00 34.86 ? 282 HOH A O   1 
HETATM 1330 O  O   . HOH C 3 .   ? 7.784   7.088   8.761   1.00 40.77 ? 283 HOH A O   1 
HETATM 1331 O  O   . HOH C 3 .   ? -1.884  22.175  -3.476  1.00 44.34 ? 284 HOH A O   1 
HETATM 1332 O  O   . HOH C 3 .   ? 2.312   18.581  -14.125 1.00 35.15 ? 285 HOH A O   1 
HETATM 1333 O  O   . HOH C 3 .   ? -5.773  -5.410  -10.420 1.00 29.58 ? 286 HOH A O   1 
HETATM 1334 O  O   . HOH C 3 .   ? -1.267  -0.874  17.049  1.00 13.24 ? 287 HOH A O   1 
HETATM 1335 O  O   . HOH C 3 .   ? 9.196   5.947   -10.395 1.00 21.47 ? 288 HOH A O   1 
HETATM 1336 O  O   . HOH C 3 .   ? -3.913  12.553  -16.678 1.00 30.17 ? 289 HOH A O   1 
HETATM 1337 O  O   . HOH C 3 .   ? -3.572  4.806   -10.820 1.00 26.30 ? 290 HOH A O   1 
HETATM 1338 O  O   . HOH C 3 .   ? 9.418   -7.006  6.660   1.00 19.88 ? 291 HOH A O   1 
HETATM 1339 O  O   . HOH C 3 .   ? 2.104   3.451   -16.025 1.00 29.45 ? 292 HOH A O   1 
HETATM 1340 O  O   . HOH C 3 .   ? 3.218   1.823   -18.612 1.00 28.22 ? 293 HOH A O   1 
HETATM 1341 O  O   . HOH C 3 .   ? -2.300  8.089   15.014  1.00 23.96 ? 294 HOH A O   1 
HETATM 1342 O  O   . HOH C 3 .   ? -8.874  9.877   -17.139 1.00 25.56 ? 295 HOH A O   1 
HETATM 1343 O  O   . HOH C 3 .   ? -6.164  -5.176  11.837  1.00 29.73 ? 296 HOH A O   1 
HETATM 1344 O  O   . HOH C 3 .   ? -0.030  13.570  5.416   1.00 28.31 ? 297 HOH A O   1 
HETATM 1345 O  O   . HOH C 3 .   ? -4.127  15.372  4.220   1.00 22.83 ? 298 HOH A O   1 
HETATM 1346 O  O   . HOH C 3 .   ? -12.472 7.979   14.885  1.00 27.03 ? 299 HOH A O   1 
HETATM 1347 O  O   . HOH C 3 .   ? 15.792  5.845   -7.452  1.00 25.75 ? 300 HOH A O   1 
HETATM 1348 O  O   . HOH C 3 .   ? -1.062  1.974   -11.781 1.00 24.71 ? 301 HOH A O   1 
HETATM 1349 O  O   . HOH C 3 .   ? -2.098  -17.404 1.073   1.00 30.26 ? 302 HOH A O   1 
HETATM 1350 O  O   . HOH C 3 .   ? -13.463 -2.164  -9.474  1.00 24.12 ? 303 HOH A O   1 
HETATM 1351 O  O   . HOH C 3 .   ? -0.584  -16.096 -2.198  1.00 25.55 ? 304 HOH A O   1 
HETATM 1352 O  O   . HOH C 3 .   ? 8.684   -12.888 2.250   1.00 29.43 ? 305 HOH A O   1 
HETATM 1353 O  O   . HOH C 3 .   ? -18.021 -7.469  3.270   1.00 27.52 ? 306 HOH A O   1 
HETATM 1354 O  O   . HOH C 3 .   ? 6.716   -13.402 3.926   1.00 28.80 ? 307 HOH A O   1 
HETATM 1355 O  O   . HOH C 3 .   ? 0.802   -2.777  -10.285 1.00 25.88 ? 308 HOH A O   1 
HETATM 1356 O  O   . HOH C 3 .   ? -0.275  -18.894 1.951   1.00 29.33 ? 309 HOH A O   1 
HETATM 1357 O  O   . HOH C 3 .   ? 3.859   13.946  -12.235 1.00 33.15 ? 310 HOH A O   1 
HETATM 1358 O  O   . HOH C 3 .   ? 9.647   -9.739  9.735   1.00 31.35 ? 311 HOH A O   1 
HETATM 1359 O  O   . HOH C 3 .   ? 0.054   -13.855 -10.292 1.00 30.61 ? 312 HOH A O   1 
HETATM 1360 O  O   . HOH C 3 .   ? -0.968  24.298  -9.804  1.00 31.64 ? 313 HOH A O   1 
HETATM 1361 O  O   . HOH C 3 .   ? 1.454   -9.973  13.280  1.00 30.49 ? 314 HOH A O   1 
HETATM 1362 O  O   . HOH C 3 .   ? -3.590  18.469  -1.446  1.00 35.22 ? 315 HOH A O   1 
HETATM 1363 O  O   . HOH C 3 .   ? -19.009 -13.501 8.015   1.00 34.60 ? 316 HOH A O   1 
# 
loop_
_pdbx_poly_seq_scheme.asym_id 
_pdbx_poly_seq_scheme.entity_id 
_pdbx_poly_seq_scheme.seq_id 
_pdbx_poly_seq_scheme.mon_id 
_pdbx_poly_seq_scheme.ndb_seq_num 
_pdbx_poly_seq_scheme.pdb_seq_num 
_pdbx_poly_seq_scheme.auth_seq_num 
_pdbx_poly_seq_scheme.pdb_mon_id 
_pdbx_poly_seq_scheme.auth_mon_id 
_pdbx_poly_seq_scheme.pdb_strand_id 
_pdbx_poly_seq_scheme.pdb_ins_code 
_pdbx_poly_seq_scheme.hetero 
A 1 1   MET 1   1   ?   ?   ?   A . n 
A 1 2   SER 2   2   ?   ?   ?   A . n 
A 1 3   ASP 3   3   ?   ?   ?   A . n 
A 1 4   PRO 4   4   4   PRO PRO A . n 
A 1 5   LEU 5   5   5   LEU LEU A . n 
A 1 6   HIS 6   6   6   HIS HIS A . n 
A 1 7   VAL 7   7   7   VAL VAL A . n 
A 1 8   THR 8   8   8   THR THR A . n 
A 1 9   PHE 9   9   9   PHE PHE A . n 
A 1 10  VAL 10  10  10  VAL VAL A . n 
A 1 11  CYS 11  11  11  CYS CYS A . n 
A 1 12  THR 12  12  12  THR THR A . n 
A 1 13  GLY 13  13  13  GLY GLY A . n 
A 1 14  ASN 14  14  14  ASN ASN A . n 
A 1 15  ILE 15  15  15  ILE ILE A . n 
A 1 16  CYS 16  16  16  CYS CYS A . n 
A 1 17  ARG 17  17  17  ARG ARG A . n 
A 1 18  SER 18  18  18  SER SER A . n 
A 1 19  PRO 19  19  19  PRO PRO A . n 
A 1 20  MET 20  20  20  MET MET A . n 
A 1 21  ALA 21  21  21  ALA ALA A . n 
A 1 22  GLU 22  22  22  GLU GLU A . n 
A 1 23  LYS 23  23  23  LYS LYS A . n 
A 1 24  MET 24  24  24  MET MET A . n 
A 1 25  PHE 25  25  25  PHE PHE A . n 
A 1 26  ALA 26  26  26  ALA ALA A . n 
A 1 27  GLN 27  27  27  GLN GLN A . n 
A 1 28  GLN 28  28  28  GLN GLN A . n 
A 1 29  LEU 29  29  29  LEU LEU A . n 
A 1 30  ARG 30  30  30  ARG ARG A . n 
A 1 31  HIS 31  31  31  HIS HIS A . n 
A 1 32  ARG 32  32  32  ARG ARG A . n 
A 1 33  GLY 33  33  33  GLY GLY A . n 
A 1 34  LEU 34  34  34  LEU LEU A . n 
A 1 35  GLY 35  35  35  GLY GLY A . n 
A 1 36  ASP 36  36  36  ASP ASP A . n 
A 1 37  ALA 37  37  37  ALA ALA A . n 
A 1 38  VAL 38  38  38  VAL VAL A . n 
A 1 39  ARG 39  39  39  ARG ARG A . n 
A 1 40  VAL 40  40  40  VAL VAL A . n 
A 1 41  THR 41  41  41  THR THR A . n 
A 1 42  SER 42  42  42  SER SER A . n 
A 1 43  ALA 43  43  43  ALA ALA A . n 
A 1 44  GLY 44  44  44  GLY GLY A . n 
A 1 45  THR 45  45  45  THR THR A . n 
A 1 46  GLY 46  46  46  GLY GLY A . n 
A 1 47  ASN 47  47  47  ASN ASN A . n 
A 1 48  TRP 48  48  48  TRP TRP A . n 
A 1 49  HIS 49  49  49  HIS HIS A . n 
A 1 50  VAL 50  50  50  VAL VAL A . n 
A 1 51  GLY 51  51  51  GLY GLY A . n 
A 1 52  SER 52  52  52  SER SER A . n 
A 1 53  CYS 53  53  53  CYS CYS A . n 
A 1 54  ALA 54  54  54  ALA ALA A . n 
A 1 55  ASP 55  55  55  ASP ASP A . n 
A 1 56  GLU 56  56  56  GLU GLU A . n 
A 1 57  ARG 57  57  57  ARG ARG A . n 
A 1 58  ALA 58  58  58  ALA ALA A . n 
A 1 59  ALA 59  59  59  ALA ALA A . n 
A 1 60  GLY 60  60  60  GLY GLY A . n 
A 1 61  VAL 61  61  61  VAL VAL A . n 
A 1 62  LEU 62  62  62  LEU LEU A . n 
A 1 63  ARG 63  63  63  ARG ARG A . n 
A 1 64  ALA 64  64  64  ALA ALA A . n 
A 1 65  HIS 65  65  65  HIS HIS A . n 
A 1 66  GLY 66  66  66  GLY GLY A . n 
A 1 67  TYR 67  67  67  TYR TYR A . n 
A 1 68  PRO 68  68  68  PRO PRO A . n 
A 1 69  THR 69  69  69  THR THR A . n 
A 1 70  ASP 70  70  70  ASP ASP A . n 
A 1 71  HIS 71  71  71  HIS HIS A . n 
A 1 72  ARG 72  72  72  ARG ARG A . n 
A 1 73  ALA 73  73  73  ALA ALA A . n 
A 1 74  ALA 74  74  74  ALA ALA A . n 
A 1 75  GLN 75  75  75  GLN GLN A . n 
A 1 76  VAL 76  76  76  VAL VAL A . n 
A 1 77  GLY 77  77  77  GLY GLY A . n 
A 1 78  THR 78  78  78  THR THR A . n 
A 1 79  GLU 79  79  79  GLU GLU A . n 
A 1 80  HIS 80  80  80  HIS HIS A . n 
A 1 81  LEU 81  81  81  LEU LEU A . n 
A 1 82  ALA 82  82  82  ALA ALA A . n 
A 1 83  ALA 83  83  83  ALA ALA A . n 
A 1 84  ASP 84  84  84  ASP ASP A . n 
A 1 85  LEU 85  85  85  LEU LEU A . n 
A 1 86  LEU 86  86  86  LEU LEU A . n 
A 1 87  VAL 87  87  87  VAL VAL A . n 
A 1 88  ALA 88  88  88  ALA ALA A . n 
A 1 89  LEU 89  89  89  LEU LEU A . n 
A 1 90  ASP 90  90  90  ASP ASP A . n 
A 1 91  ARG 91  91  91  ARG ARG A . n 
A 1 92  ASN 92  92  92  ASN ASN A . n 
A 1 93  HIS 93  93  93  HIS HIS A . n 
A 1 94  ALA 94  94  94  ALA ALA A . n 
A 1 95  ARG 95  95  95  ARG ARG A . n 
A 1 96  LEU 96  96  96  LEU LEU A . n 
A 1 97  LEU 97  97  97  LEU LEU A . n 
A 1 98  ARG 98  98  98  ARG ARG A . n 
A 1 99  GLN 99  99  99  GLN GLN A . n 
A 1 100 LEU 100 100 100 LEU LEU A . n 
A 1 101 GLY 101 101 101 GLY GLY A . n 
A 1 102 VAL 102 102 102 VAL VAL A . n 
A 1 103 GLU 103 103 103 GLU GLU A . n 
A 1 104 ALA 104 104 104 ALA ALA A . n 
A 1 105 ALA 105 105 105 ALA ALA A . n 
A 1 106 ARG 106 106 106 ARG ARG A . n 
A 1 107 VAL 107 107 107 VAL VAL A . n 
A 1 108 ARG 108 108 108 ARG ARG A . n 
A 1 109 MET 109 109 109 MET MET A . n 
A 1 110 LEU 110 110 110 LEU LEU A . n 
A 1 111 ARG 111 111 111 ARG ARG A . n 
A 1 112 SER 112 112 112 SER SER A . n 
A 1 113 PHE 113 113 113 PHE PHE A . n 
A 1 114 ASP 114 114 114 ASP ASP A . n 
A 1 115 PRO 115 115 115 PRO PRO A . n 
A 1 116 ARG 116 116 116 ARG ARG A . n 
A 1 117 SER 117 117 117 SER SER A . n 
A 1 118 GLY 118 118 118 GLY GLY A . n 
A 1 119 THR 119 119 119 THR THR A . n 
A 1 120 HIS 120 120 120 HIS HIS A . n 
A 1 121 ALA 121 121 121 ALA ALA A . n 
A 1 122 LEU 122 122 122 LEU LEU A . n 
A 1 123 ASP 123 123 123 ASP ASP A . n 
A 1 124 VAL 124 124 124 VAL VAL A . n 
A 1 125 GLU 125 125 125 GLU GLU A . n 
A 1 126 ASP 126 126 126 ASP ASP A . n 
A 1 127 PRO 127 127 127 PRO PRO A . n 
A 1 128 TYR 128 128 128 TYR TYR A . n 
A 1 129 TYR 129 129 129 TYR TYR A . n 
A 1 130 GLY 130 130 130 GLY GLY A . n 
A 1 131 ASP 131 131 131 ASP ASP A . n 
A 1 132 HIS 132 132 132 HIS HIS A . n 
A 1 133 SER 133 133 133 SER SER A . n 
A 1 134 ASP 134 134 134 ASP ASP A . n 
A 1 135 PHE 135 135 135 PHE PHE A . n 
A 1 136 GLU 136 136 136 GLU GLU A . n 
A 1 137 GLU 137 137 137 GLU GLU A . n 
A 1 138 VAL 138 138 138 VAL VAL A . n 
A 1 139 PHE 139 139 139 PHE PHE A . n 
A 1 140 ALA 140 140 140 ALA ALA A . n 
A 1 141 VAL 141 141 141 VAL VAL A . n 
A 1 142 ILE 142 142 142 ILE ILE A . n 
A 1 143 GLU 143 143 143 GLU GLU A . n 
A 1 144 SER 144 144 144 SER SER A . n 
A 1 145 ALA 145 145 145 ALA ALA A . n 
A 1 146 LEU 146 146 146 LEU LEU A . n 
A 1 147 PRO 147 147 147 PRO PRO A . n 
A 1 148 GLY 148 148 148 GLY GLY A . n 
A 1 149 LEU 149 149 149 LEU LEU A . n 
A 1 150 HIS 150 150 150 HIS HIS A . n 
A 1 151 ASP 151 151 151 ASP ASP A . n 
A 1 152 TRP 152 152 152 TRP TRP A . n 
A 1 153 VAL 153 153 153 VAL VAL A . n 
A 1 154 ASP 154 154 154 ASP ASP A . n 
A 1 155 GLU 155 155 155 GLU GLU A . n 
A 1 156 ARG 156 156 156 ARG ARG A . n 
A 1 157 LEU 157 157 157 LEU LEU A . n 
A 1 158 ALA 158 158 158 ALA ALA A . n 
A 1 159 ARG 159 159 159 ARG ARG A . n 
A 1 160 ASN 160 160 ?   ?   ?   A . n 
A 1 161 GLY 161 161 ?   ?   ?   A . n 
A 1 162 PRO 162 162 ?   ?   ?   A . n 
A 1 163 SER 163 163 ?   ?   ?   A . n 
# 
loop_
_pdbx_nonpoly_scheme.asym_id 
_pdbx_nonpoly_scheme.entity_id 
_pdbx_nonpoly_scheme.mon_id 
_pdbx_nonpoly_scheme.ndb_seq_num 
_pdbx_nonpoly_scheme.pdb_seq_num 
_pdbx_nonpoly_scheme.auth_seq_num 
_pdbx_nonpoly_scheme.pdb_mon_id 
_pdbx_nonpoly_scheme.auth_mon_id 
_pdbx_nonpoly_scheme.pdb_strand_id 
_pdbx_nonpoly_scheme.pdb_ins_code 
B 2 CL  1   164 160 CL  CL  A . 
C 3 HOH 1   165 1   HOH HOH A . 
C 3 HOH 2   166 2   HOH HOH A . 
C 3 HOH 3   167 3   HOH HOH A . 
C 3 HOH 4   168 4   HOH HOH A . 
C 3 HOH 5   169 5   HOH HOH A . 
C 3 HOH 6   170 6   HOH HOH A . 
C 3 HOH 7   171 7   HOH HOH A . 
C 3 HOH 8   172 8   HOH HOH A . 
C 3 HOH 9   173 9   HOH HOH A . 
C 3 HOH 10  174 10  HOH HOH A . 
C 3 HOH 11  175 11  HOH HOH A . 
C 3 HOH 12  176 12  HOH HOH A . 
C 3 HOH 13  177 13  HOH HOH A . 
C 3 HOH 14  178 14  HOH HOH A . 
C 3 HOH 15  179 15  HOH HOH A . 
C 3 HOH 16  180 16  HOH HOH A . 
C 3 HOH 17  181 17  HOH HOH A . 
C 3 HOH 18  182 18  HOH HOH A . 
C 3 HOH 19  183 19  HOH HOH A . 
C 3 HOH 20  184 20  HOH HOH A . 
C 3 HOH 21  185 21  HOH HOH A . 
C 3 HOH 22  186 22  HOH HOH A . 
C 3 HOH 23  187 23  HOH HOH A . 
C 3 HOH 24  188 24  HOH HOH A . 
C 3 HOH 25  189 25  HOH HOH A . 
C 3 HOH 26  190 26  HOH HOH A . 
C 3 HOH 27  191 27  HOH HOH A . 
C 3 HOH 28  192 28  HOH HOH A . 
C 3 HOH 29  193 29  HOH HOH A . 
C 3 HOH 30  194 30  HOH HOH A . 
C 3 HOH 31  195 31  HOH HOH A . 
C 3 HOH 32  196 32  HOH HOH A . 
C 3 HOH 33  197 33  HOH HOH A . 
C 3 HOH 34  198 34  HOH HOH A . 
C 3 HOH 35  199 35  HOH HOH A . 
C 3 HOH 36  200 36  HOH HOH A . 
C 3 HOH 37  201 37  HOH HOH A . 
C 3 HOH 38  202 38  HOH HOH A . 
C 3 HOH 39  203 39  HOH HOH A . 
C 3 HOH 40  204 40  HOH HOH A . 
C 3 HOH 41  205 41  HOH HOH A . 
C 3 HOH 42  206 42  HOH HOH A . 
C 3 HOH 43  207 43  HOH HOH A . 
C 3 HOH 44  208 44  HOH HOH A . 
C 3 HOH 45  209 45  HOH HOH A . 
C 3 HOH 46  210 46  HOH HOH A . 
C 3 HOH 47  211 47  HOH HOH A . 
C 3 HOH 48  212 48  HOH HOH A . 
C 3 HOH 49  213 49  HOH HOH A . 
C 3 HOH 50  214 50  HOH HOH A . 
C 3 HOH 51  215 51  HOH HOH A . 
C 3 HOH 52  216 52  HOH HOH A . 
C 3 HOH 53  217 53  HOH HOH A . 
C 3 HOH 54  218 54  HOH HOH A . 
C 3 HOH 55  219 55  HOH HOH A . 
C 3 HOH 56  220 56  HOH HOH A . 
C 3 HOH 57  221 57  HOH HOH A . 
C 3 HOH 58  222 58  HOH HOH A . 
C 3 HOH 59  223 59  HOH HOH A . 
C 3 HOH 60  224 60  HOH HOH A . 
C 3 HOH 61  225 61  HOH HOH A . 
C 3 HOH 62  226 62  HOH HOH A . 
C 3 HOH 63  227 63  HOH HOH A . 
C 3 HOH 64  228 64  HOH HOH A . 
C 3 HOH 65  229 65  HOH HOH A . 
C 3 HOH 66  230 66  HOH HOH A . 
C 3 HOH 67  231 67  HOH HOH A . 
C 3 HOH 68  232 68  HOH HOH A . 
C 3 HOH 69  233 69  HOH HOH A . 
C 3 HOH 70  234 70  HOH HOH A . 
C 3 HOH 71  235 71  HOH HOH A . 
C 3 HOH 72  236 72  HOH HOH A . 
C 3 HOH 73  237 73  HOH HOH A . 
C 3 HOH 74  238 74  HOH HOH A . 
C 3 HOH 75  239 75  HOH HOH A . 
C 3 HOH 76  240 76  HOH HOH A . 
C 3 HOH 77  241 77  HOH HOH A . 
C 3 HOH 78  242 78  HOH HOH A . 
C 3 HOH 79  243 79  HOH HOH A . 
C 3 HOH 80  244 80  HOH HOH A . 
C 3 HOH 81  245 81  HOH HOH A . 
C 3 HOH 82  246 82  HOH HOH A . 
C 3 HOH 83  247 83  HOH HOH A . 
C 3 HOH 84  248 84  HOH HOH A . 
C 3 HOH 85  249 85  HOH HOH A . 
C 3 HOH 86  250 86  HOH HOH A . 
C 3 HOH 87  251 87  HOH HOH A . 
C 3 HOH 88  252 88  HOH HOH A . 
C 3 HOH 89  253 89  HOH HOH A . 
C 3 HOH 90  254 90  HOH HOH A . 
C 3 HOH 91  255 91  HOH HOH A . 
C 3 HOH 92  256 92  HOH HOH A . 
C 3 HOH 93  257 93  HOH HOH A . 
C 3 HOH 94  258 94  HOH HOH A . 
C 3 HOH 95  259 95  HOH HOH A . 
C 3 HOH 96  260 96  HOH HOH A . 
C 3 HOH 97  261 97  HOH HOH A . 
C 3 HOH 98  262 98  HOH HOH A . 
C 3 HOH 99  263 99  HOH HOH A . 
C 3 HOH 100 264 100 HOH HOH A . 
C 3 HOH 101 265 101 HOH HOH A . 
C 3 HOH 102 266 102 HOH HOH A . 
C 3 HOH 103 267 103 HOH HOH A . 
C 3 HOH 104 268 104 HOH HOH A . 
C 3 HOH 105 269 105 HOH HOH A . 
C 3 HOH 106 270 106 HOH HOH A . 
C 3 HOH 107 271 107 HOH HOH A . 
C 3 HOH 108 272 108 HOH HOH A . 
C 3 HOH 109 273 109 HOH HOH A . 
C 3 HOH 110 274 110 HOH HOH A . 
C 3 HOH 111 275 111 HOH HOH A . 
C 3 HOH 112 276 112 HOH HOH A . 
C 3 HOH 113 277 113 HOH HOH A . 
C 3 HOH 114 278 114 HOH HOH A . 
C 3 HOH 115 279 115 HOH HOH A . 
C 3 HOH 116 280 116 HOH HOH A . 
C 3 HOH 117 281 117 HOH HOH A . 
C 3 HOH 118 282 118 HOH HOH A . 
C 3 HOH 119 283 119 HOH HOH A . 
C 3 HOH 120 284 120 HOH HOH A . 
C 3 HOH 121 285 121 HOH HOH A . 
C 3 HOH 122 286 122 HOH HOH A . 
C 3 HOH 123 287 123 HOH HOH A . 
C 3 HOH 124 288 124 HOH HOH A . 
C 3 HOH 125 289 125 HOH HOH A . 
C 3 HOH 126 290 126 HOH HOH A . 
C 3 HOH 127 291 127 HOH HOH A . 
C 3 HOH 128 292 128 HOH HOH A . 
C 3 HOH 129 293 129 HOH HOH A . 
C 3 HOH 130 294 130 HOH HOH A . 
C 3 HOH 131 295 131 HOH HOH A . 
C 3 HOH 132 296 132 HOH HOH A . 
C 3 HOH 133 297 133 HOH HOH A . 
C 3 HOH 134 298 134 HOH HOH A . 
C 3 HOH 135 299 135 HOH HOH A . 
C 3 HOH 136 300 136 HOH HOH A . 
C 3 HOH 137 301 137 HOH HOH A . 
C 3 HOH 138 302 138 HOH HOH A . 
C 3 HOH 139 303 139 HOH HOH A . 
C 3 HOH 140 304 140 HOH HOH A . 
C 3 HOH 141 305 141 HOH HOH A . 
C 3 HOH 142 306 142 HOH HOH A . 
C 3 HOH 143 307 143 HOH HOH A . 
C 3 HOH 144 308 144 HOH HOH A . 
C 3 HOH 145 309 145 HOH HOH A . 
C 3 HOH 146 310 146 HOH HOH A . 
C 3 HOH 147 311 147 HOH HOH A . 
C 3 HOH 148 312 148 HOH HOH A . 
C 3 HOH 149 313 149 HOH HOH A . 
C 3 HOH 150 314 150 HOH HOH A . 
C 3 HOH 151 315 151 HOH HOH A . 
C 3 HOH 152 316 152 HOH HOH A . 
# 
_pdbx_struct_assembly.id                   1 
_pdbx_struct_assembly.details              author_defined_assembly 
_pdbx_struct_assembly.method_details       ? 
_pdbx_struct_assembly.oligomeric_details   monomeric 
_pdbx_struct_assembly.oligomeric_count     1 
# 
_pdbx_struct_assembly_gen.assembly_id       1 
_pdbx_struct_assembly_gen.oper_expression   1 
_pdbx_struct_assembly_gen.asym_id_list      A,B,C 
# 
_pdbx_struct_oper_list.id                   1 
_pdbx_struct_oper_list.type                 'identity operation' 
_pdbx_struct_oper_list.name                 1_555 
_pdbx_struct_oper_list.symmetry_operation   x,y,z 
_pdbx_struct_oper_list.matrix[1][1]         1.0000000000 
_pdbx_struct_oper_list.matrix[1][2]         0.0000000000 
_pdbx_struct_oper_list.matrix[1][3]         0.0000000000 
_pdbx_struct_oper_list.vector[1]            0.0000000000 
_pdbx_struct_oper_list.matrix[2][1]         0.0000000000 
_pdbx_struct_oper_list.matrix[2][2]         1.0000000000 
_pdbx_struct_oper_list.matrix[2][3]         0.0000000000 
_pdbx_struct_oper_list.vector[2]            0.0000000000 
_pdbx_struct_oper_list.matrix[3][1]         0.0000000000 
_pdbx_struct_oper_list.matrix[3][2]         0.0000000000 
_pdbx_struct_oper_list.matrix[3][3]         1.0000000000 
_pdbx_struct_oper_list.vector[3]            0.0000000000 
# 
loop_
_pdbx_audit_revision_history.ordinal 
_pdbx_audit_revision_history.data_content_type 
_pdbx_audit_revision_history.major_revision 
_pdbx_audit_revision_history.minor_revision 
_pdbx_audit_revision_history.revision_date 
1 'Structure model' 1 0 2005-03-22 
2 'Structure model' 1 1 2008-04-30 
3 'Structure model' 1 2 2011-07-13 
4 'Structure model' 1 3 2023-10-25 
# 
_pdbx_audit_revision_details.ordinal             1 
_pdbx_audit_revision_details.revision_ordinal    1 
_pdbx_audit_revision_details.data_content_type   'Structure model' 
_pdbx_audit_revision_details.provider            repository 
_pdbx_audit_revision_details.type                'Initial release' 
_pdbx_audit_revision_details.description         ? 
_pdbx_audit_revision_details.details             ? 
# 
loop_
_pdbx_audit_revision_group.ordinal 
_pdbx_audit_revision_group.revision_ordinal 
_pdbx_audit_revision_group.data_content_type 
_pdbx_audit_revision_group.group 
1 2 'Structure model' 'Version format compliance' 
2 3 'Structure model' 'Version format compliance' 
3 4 'Structure model' 'Data collection'           
4 4 'Structure model' 'Database references'       
5 4 'Structure model' 'Derived calculations'      
6 4 'Structure model' 'Refinement description'    
# 
loop_
_pdbx_audit_revision_category.ordinal 
_pdbx_audit_revision_category.revision_ordinal 
_pdbx_audit_revision_category.data_content_type 
_pdbx_audit_revision_category.category 
1 4 'Structure model' chem_comp_atom                
2 4 'Structure model' chem_comp_bond                
3 4 'Structure model' database_2                    
4 4 'Structure model' pdbx_initial_refinement_model 
5 4 'Structure model' struct_site                   
# 
loop_
_pdbx_audit_revision_item.ordinal 
_pdbx_audit_revision_item.revision_ordinal 
_pdbx_audit_revision_item.data_content_type 
_pdbx_audit_revision_item.item 
1 4 'Structure model' '_database_2.pdbx_DOI'                
2 4 'Structure model' '_database_2.pdbx_database_accession' 
3 4 'Structure model' '_struct_site.pdbx_auth_asym_id'      
4 4 'Structure model' '_struct_site.pdbx_auth_comp_id'      
5 4 'Structure model' '_struct_site.pdbx_auth_seq_id'       
# 
loop_
_software.name 
_software.classification 
_software.version 
_software.citation_id 
_software.pdbx_ordinal 
CNS       refinement       1.1 ? 1 
DENZO     'data reduction' .   ? 2 
SCALEPACK 'data scaling'   .   ? 3 
MOLREP    phasing          .   ? 4 
# 
_pdbx_validate_torsion.id              1 
_pdbx_validate_torsion.PDB_model_num   1 
_pdbx_validate_torsion.auth_comp_id    CYS 
_pdbx_validate_torsion.auth_asym_id    A 
_pdbx_validate_torsion.auth_seq_id     16 
_pdbx_validate_torsion.PDB_ins_code    ? 
_pdbx_validate_torsion.label_alt_id    ? 
_pdbx_validate_torsion.phi             -122.74 
_pdbx_validate_torsion.psi             -83.04 
# 
loop_
_pdbx_unobs_or_zero_occ_residues.id 
_pdbx_unobs_or_zero_occ_residues.PDB_model_num 
_pdbx_unobs_or_zero_occ_residues.polymer_flag 
_pdbx_unobs_or_zero_occ_residues.occupancy_flag 
_pdbx_unobs_or_zero_occ_residues.auth_asym_id 
_pdbx_unobs_or_zero_occ_residues.auth_comp_id 
_pdbx_unobs_or_zero_occ_residues.auth_seq_id 
_pdbx_unobs_or_zero_occ_residues.PDB_ins_code 
_pdbx_unobs_or_zero_occ_residues.label_asym_id 
_pdbx_unobs_or_zero_occ_residues.label_comp_id 
_pdbx_unobs_or_zero_occ_residues.label_seq_id 
1 1 Y 1 A MET 1   ? A MET 1   
2 1 Y 1 A SER 2   ? A SER 2   
3 1 Y 1 A ASP 3   ? A ASP 3   
4 1 Y 1 A ASN 160 ? A ASN 160 
5 1 Y 1 A GLY 161 ? A GLY 161 
6 1 Y 1 A PRO 162 ? A PRO 162 
7 1 Y 1 A SER 163 ? A SER 163 
# 
loop_
_chem_comp_atom.comp_id 
_chem_comp_atom.atom_id 
_chem_comp_atom.type_symbol 
_chem_comp_atom.pdbx_aromatic_flag 
_chem_comp_atom.pdbx_stereo_config 
_chem_comp_atom.pdbx_ordinal 
ALA N    N  N N 1   
ALA CA   C  N S 2   
ALA C    C  N N 3   
ALA O    O  N N 4   
ALA CB   C  N N 5   
ALA OXT  O  N N 6   
ALA H    H  N N 7   
ALA H2   H  N N 8   
ALA HA   H  N N 9   
ALA HB1  H  N N 10  
ALA HB2  H  N N 11  
ALA HB3  H  N N 12  
ALA HXT  H  N N 13  
ARG N    N  N N 14  
ARG CA   C  N S 15  
ARG C    C  N N 16  
ARG O    O  N N 17  
ARG CB   C  N N 18  
ARG CG   C  N N 19  
ARG CD   C  N N 20  
ARG NE   N  N N 21  
ARG CZ   C  N N 22  
ARG NH1  N  N N 23  
ARG NH2  N  N N 24  
ARG OXT  O  N N 25  
ARG H    H  N N 26  
ARG H2   H  N N 27  
ARG HA   H  N N 28  
ARG HB2  H  N N 29  
ARG HB3  H  N N 30  
ARG HG2  H  N N 31  
ARG HG3  H  N N 32  
ARG HD2  H  N N 33  
ARG HD3  H  N N 34  
ARG HE   H  N N 35  
ARG HH11 H  N N 36  
ARG HH12 H  N N 37  
ARG HH21 H  N N 38  
ARG HH22 H  N N 39  
ARG HXT  H  N N 40  
ASN N    N  N N 41  
ASN CA   C  N S 42  
ASN C    C  N N 43  
ASN O    O  N N 44  
ASN CB   C  N N 45  
ASN CG   C  N N 46  
ASN OD1  O  N N 47  
ASN ND2  N  N N 48  
ASN OXT  O  N N 49  
ASN H    H  N N 50  
ASN H2   H  N N 51  
ASN HA   H  N N 52  
ASN HB2  H  N N 53  
ASN HB3  H  N N 54  
ASN HD21 H  N N 55  
ASN HD22 H  N N 56  
ASN HXT  H  N N 57  
ASP N    N  N N 58  
ASP CA   C  N S 59  
ASP C    C  N N 60  
ASP O    O  N N 61  
ASP CB   C  N N 62  
ASP CG   C  N N 63  
ASP OD1  O  N N 64  
ASP OD2  O  N N 65  
ASP OXT  O  N N 66  
ASP H    H  N N 67  
ASP H2   H  N N 68  
ASP HA   H  N N 69  
ASP HB2  H  N N 70  
ASP HB3  H  N N 71  
ASP HD2  H  N N 72  
ASP HXT  H  N N 73  
CL  CL   CL N N 74  
CYS N    N  N N 75  
CYS CA   C  N R 76  
CYS C    C  N N 77  
CYS O    O  N N 78  
CYS CB   C  N N 79  
CYS SG   S  N N 80  
CYS OXT  O  N N 81  
CYS H    H  N N 82  
CYS H2   H  N N 83  
CYS HA   H  N N 84  
CYS HB2  H  N N 85  
CYS HB3  H  N N 86  
CYS HG   H  N N 87  
CYS HXT  H  N N 88  
GLN N    N  N N 89  
GLN CA   C  N S 90  
GLN C    C  N N 91  
GLN O    O  N N 92  
GLN CB   C  N N 93  
GLN CG   C  N N 94  
GLN CD   C  N N 95  
GLN OE1  O  N N 96  
GLN NE2  N  N N 97  
GLN OXT  O  N N 98  
GLN H    H  N N 99  
GLN H2   H  N N 100 
GLN HA   H  N N 101 
GLN HB2  H  N N 102 
GLN HB3  H  N N 103 
GLN HG2  H  N N 104 
GLN HG3  H  N N 105 
GLN HE21 H  N N 106 
GLN HE22 H  N N 107 
GLN HXT  H  N N 108 
GLU N    N  N N 109 
GLU CA   C  N S 110 
GLU C    C  N N 111 
GLU O    O  N N 112 
GLU CB   C  N N 113 
GLU CG   C  N N 114 
GLU CD   C  N N 115 
GLU OE1  O  N N 116 
GLU OE2  O  N N 117 
GLU OXT  O  N N 118 
GLU H    H  N N 119 
GLU H2   H  N N 120 
GLU HA   H  N N 121 
GLU HB2  H  N N 122 
GLU HB3  H  N N 123 
GLU HG2  H  N N 124 
GLU HG3  H  N N 125 
GLU HE2  H  N N 126 
GLU HXT  H  N N 127 
GLY N    N  N N 128 
GLY CA   C  N N 129 
GLY C    C  N N 130 
GLY O    O  N N 131 
GLY OXT  O  N N 132 
GLY H    H  N N 133 
GLY H2   H  N N 134 
GLY HA2  H  N N 135 
GLY HA3  H  N N 136 
GLY HXT  H  N N 137 
HIS N    N  N N 138 
HIS CA   C  N S 139 
HIS C    C  N N 140 
HIS O    O  N N 141 
HIS CB   C  N N 142 
HIS CG   C  Y N 143 
HIS ND1  N  Y N 144 
HIS CD2  C  Y N 145 
HIS CE1  C  Y N 146 
HIS NE2  N  Y N 147 
HIS OXT  O  N N 148 
HIS H    H  N N 149 
HIS H2   H  N N 150 
HIS HA   H  N N 151 
HIS HB2  H  N N 152 
HIS HB3  H  N N 153 
HIS HD1  H  N N 154 
HIS HD2  H  N N 155 
HIS HE1  H  N N 156 
HIS HE2  H  N N 157 
HIS HXT  H  N N 158 
HOH O    O  N N 159 
HOH H1   H  N N 160 
HOH H2   H  N N 161 
ILE N    N  N N 162 
ILE CA   C  N S 163 
ILE C    C  N N 164 
ILE O    O  N N 165 
ILE CB   C  N S 166 
ILE CG1  C  N N 167 
ILE CG2  C  N N 168 
ILE CD1  C  N N 169 
ILE OXT  O  N N 170 
ILE H    H  N N 171 
ILE H2   H  N N 172 
ILE HA   H  N N 173 
ILE HB   H  N N 174 
ILE HG12 H  N N 175 
ILE HG13 H  N N 176 
ILE HG21 H  N N 177 
ILE HG22 H  N N 178 
ILE HG23 H  N N 179 
ILE HD11 H  N N 180 
ILE HD12 H  N N 181 
ILE HD13 H  N N 182 
ILE HXT  H  N N 183 
LEU N    N  N N 184 
LEU CA   C  N S 185 
LEU C    C  N N 186 
LEU O    O  N N 187 
LEU CB   C  N N 188 
LEU CG   C  N N 189 
LEU CD1  C  N N 190 
LEU CD2  C  N N 191 
LEU OXT  O  N N 192 
LEU H    H  N N 193 
LEU H2   H  N N 194 
LEU HA   H  N N 195 
LEU HB2  H  N N 196 
LEU HB3  H  N N 197 
LEU HG   H  N N 198 
LEU HD11 H  N N 199 
LEU HD12 H  N N 200 
LEU HD13 H  N N 201 
LEU HD21 H  N N 202 
LEU HD22 H  N N 203 
LEU HD23 H  N N 204 
LEU HXT  H  N N 205 
LYS N    N  N N 206 
LYS CA   C  N S 207 
LYS C    C  N N 208 
LYS O    O  N N 209 
LYS CB   C  N N 210 
LYS CG   C  N N 211 
LYS CD   C  N N 212 
LYS CE   C  N N 213 
LYS NZ   N  N N 214 
LYS OXT  O  N N 215 
LYS H    H  N N 216 
LYS H2   H  N N 217 
LYS HA   H  N N 218 
LYS HB2  H  N N 219 
LYS HB3  H  N N 220 
LYS HG2  H  N N 221 
LYS HG3  H  N N 222 
LYS HD2  H  N N 223 
LYS HD3  H  N N 224 
LYS HE2  H  N N 225 
LYS HE3  H  N N 226 
LYS HZ1  H  N N 227 
LYS HZ2  H  N N 228 
LYS HZ3  H  N N 229 
LYS HXT  H  N N 230 
MET N    N  N N 231 
MET CA   C  N S 232 
MET C    C  N N 233 
MET O    O  N N 234 
MET CB   C  N N 235 
MET CG   C  N N 236 
MET SD   S  N N 237 
MET CE   C  N N 238 
MET OXT  O  N N 239 
MET H    H  N N 240 
MET H2   H  N N 241 
MET HA   H  N N 242 
MET HB2  H  N N 243 
MET HB3  H  N N 244 
MET HG2  H  N N 245 
MET HG3  H  N N 246 
MET HE1  H  N N 247 
MET HE2  H  N N 248 
MET HE3  H  N N 249 
MET HXT  H  N N 250 
PHE N    N  N N 251 
PHE CA   C  N S 252 
PHE C    C  N N 253 
PHE O    O  N N 254 
PHE CB   C  N N 255 
PHE CG   C  Y N 256 
PHE CD1  C  Y N 257 
PHE CD2  C  Y N 258 
PHE CE1  C  Y N 259 
PHE CE2  C  Y N 260 
PHE CZ   C  Y N 261 
PHE OXT  O  N N 262 
PHE H    H  N N 263 
PHE H2   H  N N 264 
PHE HA   H  N N 265 
PHE HB2  H  N N 266 
PHE HB3  H  N N 267 
PHE HD1  H  N N 268 
PHE HD2  H  N N 269 
PHE HE1  H  N N 270 
PHE HE2  H  N N 271 
PHE HZ   H  N N 272 
PHE HXT  H  N N 273 
PRO N    N  N N 274 
PRO CA   C  N S 275 
PRO C    C  N N 276 
PRO O    O  N N 277 
PRO CB   C  N N 278 
PRO CG   C  N N 279 
PRO CD   C  N N 280 
PRO OXT  O  N N 281 
PRO H    H  N N 282 
PRO HA   H  N N 283 
PRO HB2  H  N N 284 
PRO HB3  H  N N 285 
PRO HG2  H  N N 286 
PRO HG3  H  N N 287 
PRO HD2  H  N N 288 
PRO HD3  H  N N 289 
PRO HXT  H  N N 290 
SER N    N  N N 291 
SER CA   C  N S 292 
SER C    C  N N 293 
SER O    O  N N 294 
SER CB   C  N N 295 
SER OG   O  N N 296 
SER OXT  O  N N 297 
SER H    H  N N 298 
SER H2   H  N N 299 
SER HA   H  N N 300 
SER HB2  H  N N 301 
SER HB3  H  N N 302 
SER HG   H  N N 303 
SER HXT  H  N N 304 
THR N    N  N N 305 
THR CA   C  N S 306 
THR C    C  N N 307 
THR O    O  N N 308 
THR CB   C  N R 309 
THR OG1  O  N N 310 
THR CG2  C  N N 311 
THR OXT  O  N N 312 
THR H    H  N N 313 
THR H2   H  N N 314 
THR HA   H  N N 315 
THR HB   H  N N 316 
THR HG1  H  N N 317 
THR HG21 H  N N 318 
THR HG22 H  N N 319 
THR HG23 H  N N 320 
THR HXT  H  N N 321 
TRP N    N  N N 322 
TRP CA   C  N S 323 
TRP C    C  N N 324 
TRP O    O  N N 325 
TRP CB   C  N N 326 
TRP CG   C  Y N 327 
TRP CD1  C  Y N 328 
TRP CD2  C  Y N 329 
TRP NE1  N  Y N 330 
TRP CE2  C  Y N 331 
TRP CE3  C  Y N 332 
TRP CZ2  C  Y N 333 
TRP CZ3  C  Y N 334 
TRP CH2  C  Y N 335 
TRP OXT  O  N N 336 
TRP H    H  N N 337 
TRP H2   H  N N 338 
TRP HA   H  N N 339 
TRP HB2  H  N N 340 
TRP HB3  H  N N 341 
TRP HD1  H  N N 342 
TRP HE1  H  N N 343 
TRP HE3  H  N N 344 
TRP HZ2  H  N N 345 
TRP HZ3  H  N N 346 
TRP HH2  H  N N 347 
TRP HXT  H  N N 348 
TYR N    N  N N 349 
TYR CA   C  N S 350 
TYR C    C  N N 351 
TYR O    O  N N 352 
TYR CB   C  N N 353 
TYR CG   C  Y N 354 
TYR CD1  C  Y N 355 
TYR CD2  C  Y N 356 
TYR CE1  C  Y N 357 
TYR CE2  C  Y N 358 
TYR CZ   C  Y N 359 
TYR OH   O  N N 360 
TYR OXT  O  N N 361 
TYR H    H  N N 362 
TYR H2   H  N N 363 
TYR HA   H  N N 364 
TYR HB2  H  N N 365 
TYR HB3  H  N N 366 
TYR HD1  H  N N 367 
TYR HD2  H  N N 368 
TYR HE1  H  N N 369 
TYR HE2  H  N N 370 
TYR HH   H  N N 371 
TYR HXT  H  N N 372 
VAL N    N  N N 373 
VAL CA   C  N S 374 
VAL C    C  N N 375 
VAL O    O  N N 376 
VAL CB   C  N N 377 
VAL CG1  C  N N 378 
VAL CG2  C  N N 379 
VAL OXT  O  N N 380 
VAL H    H  N N 381 
VAL H2   H  N N 382 
VAL HA   H  N N 383 
VAL HB   H  N N 384 
VAL HG11 H  N N 385 
VAL HG12 H  N N 386 
VAL HG13 H  N N 387 
VAL HG21 H  N N 388 
VAL HG22 H  N N 389 
VAL HG23 H  N N 390 
VAL HXT  H  N N 391 
# 
loop_
_chem_comp_bond.comp_id 
_chem_comp_bond.atom_id_1 
_chem_comp_bond.atom_id_2 
_chem_comp_bond.value_order 
_chem_comp_bond.pdbx_aromatic_flag 
_chem_comp_bond.pdbx_stereo_config 
_chem_comp_bond.pdbx_ordinal 
ALA N   CA   sing N N 1   
ALA N   H    sing N N 2   
ALA N   H2   sing N N 3   
ALA CA  C    sing N N 4   
ALA CA  CB   sing N N 5   
ALA CA  HA   sing N N 6   
ALA C   O    doub N N 7   
ALA C   OXT  sing N N 8   
ALA CB  HB1  sing N N 9   
ALA CB  HB2  sing N N 10  
ALA CB  HB3  sing N N 11  
ALA OXT HXT  sing N N 12  
ARG N   CA   sing N N 13  
ARG N   H    sing N N 14  
ARG N   H2   sing N N 15  
ARG CA  C    sing N N 16  
ARG CA  CB   sing N N 17  
ARG CA  HA   sing N N 18  
ARG C   O    doub N N 19  
ARG C   OXT  sing N N 20  
ARG CB  CG   sing N N 21  
ARG CB  HB2  sing N N 22  
ARG CB  HB3  sing N N 23  
ARG CG  CD   sing N N 24  
ARG CG  HG2  sing N N 25  
ARG CG  HG3  sing N N 26  
ARG CD  NE   sing N N 27  
ARG CD  HD2  sing N N 28  
ARG CD  HD3  sing N N 29  
ARG NE  CZ   sing N N 30  
ARG NE  HE   sing N N 31  
ARG CZ  NH1  sing N N 32  
ARG CZ  NH2  doub N N 33  
ARG NH1 HH11 sing N N 34  
ARG NH1 HH12 sing N N 35  
ARG NH2 HH21 sing N N 36  
ARG NH2 HH22 sing N N 37  
ARG OXT HXT  sing N N 38  
ASN N   CA   sing N N 39  
ASN N   H    sing N N 40  
ASN N   H2   sing N N 41  
ASN CA  C    sing N N 42  
ASN CA  CB   sing N N 43  
ASN CA  HA   sing N N 44  
ASN C   O    doub N N 45  
ASN C   OXT  sing N N 46  
ASN CB  CG   sing N N 47  
ASN CB  HB2  sing N N 48  
ASN CB  HB3  sing N N 49  
ASN CG  OD1  doub N N 50  
ASN CG  ND2  sing N N 51  
ASN ND2 HD21 sing N N 52  
ASN ND2 HD22 sing N N 53  
ASN OXT HXT  sing N N 54  
ASP N   CA   sing N N 55  
ASP N   H    sing N N 56  
ASP N   H2   sing N N 57  
ASP CA  C    sing N N 58  
ASP CA  CB   sing N N 59  
ASP CA  HA   sing N N 60  
ASP C   O    doub N N 61  
ASP C   OXT  sing N N 62  
ASP CB  CG   sing N N 63  
ASP CB  HB2  sing N N 64  
ASP CB  HB3  sing N N 65  
ASP CG  OD1  doub N N 66  
ASP CG  OD2  sing N N 67  
ASP OD2 HD2  sing N N 68  
ASP OXT HXT  sing N N 69  
CYS N   CA   sing N N 70  
CYS N   H    sing N N 71  
CYS N   H2   sing N N 72  
CYS CA  C    sing N N 73  
CYS CA  CB   sing N N 74  
CYS CA  HA   sing N N 75  
CYS C   O    doub N N 76  
CYS C   OXT  sing N N 77  
CYS CB  SG   sing N N 78  
CYS CB  HB2  sing N N 79  
CYS CB  HB3  sing N N 80  
CYS SG  HG   sing N N 81  
CYS OXT HXT  sing N N 82  
GLN N   CA   sing N N 83  
GLN N   H    sing N N 84  
GLN N   H2   sing N N 85  
GLN CA  C    sing N N 86  
GLN CA  CB   sing N N 87  
GLN CA  HA   sing N N 88  
GLN C   O    doub N N 89  
GLN C   OXT  sing N N 90  
GLN CB  CG   sing N N 91  
GLN CB  HB2  sing N N 92  
GLN CB  HB3  sing N N 93  
GLN CG  CD   sing N N 94  
GLN CG  HG2  sing N N 95  
GLN CG  HG3  sing N N 96  
GLN CD  OE1  doub N N 97  
GLN CD  NE2  sing N N 98  
GLN NE2 HE21 sing N N 99  
GLN NE2 HE22 sing N N 100 
GLN OXT HXT  sing N N 101 
GLU N   CA   sing N N 102 
GLU N   H    sing N N 103 
GLU N   H2   sing N N 104 
GLU CA  C    sing N N 105 
GLU CA  CB   sing N N 106 
GLU CA  HA   sing N N 107 
GLU C   O    doub N N 108 
GLU C   OXT  sing N N 109 
GLU CB  CG   sing N N 110 
GLU CB  HB2  sing N N 111 
GLU CB  HB3  sing N N 112 
GLU CG  CD   sing N N 113 
GLU CG  HG2  sing N N 114 
GLU CG  HG3  sing N N 115 
GLU CD  OE1  doub N N 116 
GLU CD  OE2  sing N N 117 
GLU OE2 HE2  sing N N 118 
GLU OXT HXT  sing N N 119 
GLY N   CA   sing N N 120 
GLY N   H    sing N N 121 
GLY N   H2   sing N N 122 
GLY CA  C    sing N N 123 
GLY CA  HA2  sing N N 124 
GLY CA  HA3  sing N N 125 
GLY C   O    doub N N 126 
GLY C   OXT  sing N N 127 
GLY OXT HXT  sing N N 128 
HIS N   CA   sing N N 129 
HIS N   H    sing N N 130 
HIS N   H2   sing N N 131 
HIS CA  C    sing N N 132 
HIS CA  CB   sing N N 133 
HIS CA  HA   sing N N 134 
HIS C   O    doub N N 135 
HIS C   OXT  sing N N 136 
HIS CB  CG   sing N N 137 
HIS CB  HB2  sing N N 138 
HIS CB  HB3  sing N N 139 
HIS CG  ND1  sing Y N 140 
HIS CG  CD2  doub Y N 141 
HIS ND1 CE1  doub Y N 142 
HIS ND1 HD1  sing N N 143 
HIS CD2 NE2  sing Y N 144 
HIS CD2 HD2  sing N N 145 
HIS CE1 NE2  sing Y N 146 
HIS CE1 HE1  sing N N 147 
HIS NE2 HE2  sing N N 148 
HIS OXT HXT  sing N N 149 
HOH O   H1   sing N N 150 
HOH O   H2   sing N N 151 
ILE N   CA   sing N N 152 
ILE N   H    sing N N 153 
ILE N   H2   sing N N 154 
ILE CA  C    sing N N 155 
ILE CA  CB   sing N N 156 
ILE CA  HA   sing N N 157 
ILE C   O    doub N N 158 
ILE C   OXT  sing N N 159 
ILE CB  CG1  sing N N 160 
ILE CB  CG2  sing N N 161 
ILE CB  HB   sing N N 162 
ILE CG1 CD1  sing N N 163 
ILE CG1 HG12 sing N N 164 
ILE CG1 HG13 sing N N 165 
ILE CG2 HG21 sing N N 166 
ILE CG2 HG22 sing N N 167 
ILE CG2 HG23 sing N N 168 
ILE CD1 HD11 sing N N 169 
ILE CD1 HD12 sing N N 170 
ILE CD1 HD13 sing N N 171 
ILE OXT HXT  sing N N 172 
LEU N   CA   sing N N 173 
LEU N   H    sing N N 174 
LEU N   H2   sing N N 175 
LEU CA  C    sing N N 176 
LEU CA  CB   sing N N 177 
LEU CA  HA   sing N N 178 
LEU C   O    doub N N 179 
LEU C   OXT  sing N N 180 
LEU CB  CG   sing N N 181 
LEU CB  HB2  sing N N 182 
LEU CB  HB3  sing N N 183 
LEU CG  CD1  sing N N 184 
LEU CG  CD2  sing N N 185 
LEU CG  HG   sing N N 186 
LEU CD1 HD11 sing N N 187 
LEU CD1 HD12 sing N N 188 
LEU CD1 HD13 sing N N 189 
LEU CD2 HD21 sing N N 190 
LEU CD2 HD22 sing N N 191 
LEU CD2 HD23 sing N N 192 
LEU OXT HXT  sing N N 193 
LYS N   CA   sing N N 194 
LYS N   H    sing N N 195 
LYS N   H2   sing N N 196 
LYS CA  C    sing N N 197 
LYS CA  CB   sing N N 198 
LYS CA  HA   sing N N 199 
LYS C   O    doub N N 200 
LYS C   OXT  sing N N 201 
LYS CB  CG   sing N N 202 
LYS CB  HB2  sing N N 203 
LYS CB  HB3  sing N N 204 
LYS CG  CD   sing N N 205 
LYS CG  HG2  sing N N 206 
LYS CG  HG3  sing N N 207 
LYS CD  CE   sing N N 208 
LYS CD  HD2  sing N N 209 
LYS CD  HD3  sing N N 210 
LYS CE  NZ   sing N N 211 
LYS CE  HE2  sing N N 212 
LYS CE  HE3  sing N N 213 
LYS NZ  HZ1  sing N N 214 
LYS NZ  HZ2  sing N N 215 
LYS NZ  HZ3  sing N N 216 
LYS OXT HXT  sing N N 217 
MET N   CA   sing N N 218 
MET N   H    sing N N 219 
MET N   H2   sing N N 220 
MET CA  C    sing N N 221 
MET CA  CB   sing N N 222 
MET CA  HA   sing N N 223 
MET C   O    doub N N 224 
MET C   OXT  sing N N 225 
MET CB  CG   sing N N 226 
MET CB  HB2  sing N N 227 
MET CB  HB3  sing N N 228 
MET CG  SD   sing N N 229 
MET CG  HG2  sing N N 230 
MET CG  HG3  sing N N 231 
MET SD  CE   sing N N 232 
MET CE  HE1  sing N N 233 
MET CE  HE2  sing N N 234 
MET CE  HE3  sing N N 235 
MET OXT HXT  sing N N 236 
PHE N   CA   sing N N 237 
PHE N   H    sing N N 238 
PHE N   H2   sing N N 239 
PHE CA  C    sing N N 240 
PHE CA  CB   sing N N 241 
PHE CA  HA   sing N N 242 
PHE C   O    doub N N 243 
PHE C   OXT  sing N N 244 
PHE CB  CG   sing N N 245 
PHE CB  HB2  sing N N 246 
PHE CB  HB3  sing N N 247 
PHE CG  CD1  doub Y N 248 
PHE CG  CD2  sing Y N 249 
PHE CD1 CE1  sing Y N 250 
PHE CD1 HD1  sing N N 251 
PHE CD2 CE2  doub Y N 252 
PHE CD2 HD2  sing N N 253 
PHE CE1 CZ   doub Y N 254 
PHE CE1 HE1  sing N N 255 
PHE CE2 CZ   sing Y N 256 
PHE CE2 HE2  sing N N 257 
PHE CZ  HZ   sing N N 258 
PHE OXT HXT  sing N N 259 
PRO N   CA   sing N N 260 
PRO N   CD   sing N N 261 
PRO N   H    sing N N 262 
PRO CA  C    sing N N 263 
PRO CA  CB   sing N N 264 
PRO CA  HA   sing N N 265 
PRO C   O    doub N N 266 
PRO C   OXT  sing N N 267 
PRO CB  CG   sing N N 268 
PRO CB  HB2  sing N N 269 
PRO CB  HB3  sing N N 270 
PRO CG  CD   sing N N 271 
PRO CG  HG2  sing N N 272 
PRO CG  HG3  sing N N 273 
PRO CD  HD2  sing N N 274 
PRO CD  HD3  sing N N 275 
PRO OXT HXT  sing N N 276 
SER N   CA   sing N N 277 
SER N   H    sing N N 278 
SER N   H2   sing N N 279 
SER CA  C    sing N N 280 
SER CA  CB   sing N N 281 
SER CA  HA   sing N N 282 
SER C   O    doub N N 283 
SER C   OXT  sing N N 284 
SER CB  OG   sing N N 285 
SER CB  HB2  sing N N 286 
SER CB  HB3  sing N N 287 
SER OG  HG   sing N N 288 
SER OXT HXT  sing N N 289 
THR N   CA   sing N N 290 
THR N   H    sing N N 291 
THR N   H2   sing N N 292 
THR CA  C    sing N N 293 
THR CA  CB   sing N N 294 
THR CA  HA   sing N N 295 
THR C   O    doub N N 296 
THR C   OXT  sing N N 297 
THR CB  OG1  sing N N 298 
THR CB  CG2  sing N N 299 
THR CB  HB   sing N N 300 
THR OG1 HG1  sing N N 301 
THR CG2 HG21 sing N N 302 
THR CG2 HG22 sing N N 303 
THR CG2 HG23 sing N N 304 
THR OXT HXT  sing N N 305 
TRP N   CA   sing N N 306 
TRP N   H    sing N N 307 
TRP N   H2   sing N N 308 
TRP CA  C    sing N N 309 
TRP CA  CB   sing N N 310 
TRP CA  HA   sing N N 311 
TRP C   O    doub N N 312 
TRP C   OXT  sing N N 313 
TRP CB  CG   sing N N 314 
TRP CB  HB2  sing N N 315 
TRP CB  HB3  sing N N 316 
TRP CG  CD1  doub Y N 317 
TRP CG  CD2  sing Y N 318 
TRP CD1 NE1  sing Y N 319 
TRP CD1 HD1  sing N N 320 
TRP CD2 CE2  doub Y N 321 
TRP CD2 CE3  sing Y N 322 
TRP NE1 CE2  sing Y N 323 
TRP NE1 HE1  sing N N 324 
TRP CE2 CZ2  sing Y N 325 
TRP CE3 CZ3  doub Y N 326 
TRP CE3 HE3  sing N N 327 
TRP CZ2 CH2  doub Y N 328 
TRP CZ2 HZ2  sing N N 329 
TRP CZ3 CH2  sing Y N 330 
TRP CZ3 HZ3  sing N N 331 
TRP CH2 HH2  sing N N 332 
TRP OXT HXT  sing N N 333 
TYR N   CA   sing N N 334 
TYR N   H    sing N N 335 
TYR N   H2   sing N N 336 
TYR CA  C    sing N N 337 
TYR CA  CB   sing N N 338 
TYR CA  HA   sing N N 339 
TYR C   O    doub N N 340 
TYR C   OXT  sing N N 341 
TYR CB  CG   sing N N 342 
TYR CB  HB2  sing N N 343 
TYR CB  HB3  sing N N 344 
TYR CG  CD1  doub Y N 345 
TYR CG  CD2  sing Y N 346 
TYR CD1 CE1  sing Y N 347 
TYR CD1 HD1  sing N N 348 
TYR CD2 CE2  doub Y N 349 
TYR CD2 HD2  sing N N 350 
TYR CE1 CZ   doub Y N 351 
TYR CE1 HE1  sing N N 352 
TYR CE2 CZ   sing Y N 353 
TYR CE2 HE2  sing N N 354 
TYR CZ  OH   sing N N 355 
TYR OH  HH   sing N N 356 
TYR OXT HXT  sing N N 357 
VAL N   CA   sing N N 358 
VAL N   H    sing N N 359 
VAL N   H2   sing N N 360 
VAL CA  C    sing N N 361 
VAL CA  CB   sing N N 362 
VAL CA  HA   sing N N 363 
VAL C   O    doub N N 364 
VAL C   OXT  sing N N 365 
VAL CB  CG1  sing N N 366 
VAL CB  CG2  sing N N 367 
VAL CB  HB   sing N N 368 
VAL CG1 HG11 sing N N 369 
VAL CG1 HG12 sing N N 370 
VAL CG1 HG13 sing N N 371 
VAL CG2 HG21 sing N N 372 
VAL CG2 HG22 sing N N 373 
VAL CG2 HG23 sing N N 374 
VAL OXT HXT  sing N N 375 
# 
loop_
_pdbx_entity_nonpoly.entity_id 
_pdbx_entity_nonpoly.name 
_pdbx_entity_nonpoly.comp_id 
2 'CHLORIDE ION' CL  
3 water          HOH 
# 
_pdbx_initial_refinement_model.id               1 
_pdbx_initial_refinement_model.entity_id_list   ? 
_pdbx_initial_refinement_model.type             'experimental model' 
_pdbx_initial_refinement_model.source_name      PDB 
_pdbx_initial_refinement_model.accession_code   5PNT 
_pdbx_initial_refinement_model.details          'PDB ENTRY 5PNT' 
# 
